data_4R1F
#
_entry.id   4R1F
#
_cell.length_a   71.015
_cell.length_b   90.492
_cell.length_c   148.293
_cell.angle_alpha   90.000
_cell.angle_beta   89.970
_cell.angle_gamma   90.000
#
_symmetry.space_group_name_H-M   'P 1 21 1'
#
loop_
_entity.id
_entity.type
_entity.pdbx_description
1 polymer 'DNA topoisomerase 2-alpha'
2 non-polymer 'MAGNESIUM ION'
3 non-polymer "ADENOSINE-5'-DIPHOSPHATE"
4 non-polymer GLYCEROL
5 non-polymer 'SULFATE ION'
6 water water
#
_entity_poly.entity_id   1
_entity_poly.type   'polypeptide(L)'
_entity_poly.pdbx_seq_one_letter_code
;SVERIYQKKTQLEHILLRPDTYIGSVELVTQQMWVYDEDVGINYREVTFVPGLYKIFDEILVNAADNKQRDPKMSCIRVT
IDPENNLISIWNNGKGIPVVEHKVEKMYVPALIFGQLLTSSNYDDDEKKVTGGRNGYGAKLCNIFSTKFTVETASREYKK
MFKQTWMDNMGRAGEMELKPFNGEDYTCITFQPDLSKFKMQSLDKDIVALMVRRAYDIAGSTKDVKVFLNGNKLPVKGFR
SYVDMYLKDKLDETGNSLKVIHEQVNHRWEVCLTMSEKGFQQISFVNSIATSKGGRHVDYVADQIVTKLVDVVKKKNKGG
VAVKAHQVKNHMWIFVNALIENPTFDSQTKENMTLQPKSFGSTCQLSEKFIKAAIGCGIVESILNWVKFKAQVQLNKKCS
;
_entity_poly.pdbx_strand_id   A,B,C,D
#
# COMPACT_ATOMS: atom_id res chain seq x y z
N SER A 1 -48.69 31.82 27.36
CA SER A 1 -47.61 32.37 26.49
C SER A 1 -46.37 32.62 27.33
N VAL A 2 -46.44 33.51 28.30
CA VAL A 2 -45.42 33.58 29.34
C VAL A 2 -45.16 32.17 29.87
N GLU A 3 -46.23 31.41 30.05
CA GLU A 3 -46.13 30.10 30.68
C GLU A 3 -45.56 29.04 29.73
N ARG A 4 -45.74 29.26 28.44
CA ARG A 4 -45.12 28.42 27.45
C ARG A 4 -43.64 28.80 27.19
N ILE A 5 -43.33 30.08 27.24
CA ILE A 5 -41.98 30.55 27.01
C ILE A 5 -41.05 30.15 28.17
N TYR A 6 -41.41 30.54 29.39
CA TYR A 6 -40.60 30.33 30.58
C TYR A 6 -41.05 29.07 31.33
N GLN A 7 -40.22 28.03 31.28
CA GLN A 7 -40.62 26.71 31.80
C GLN A 7 -39.69 26.25 32.90
N LYS A 8 -40.23 25.44 33.81
CA LYS A 8 -39.51 24.76 34.83
C LYS A 8 -39.62 23.29 34.59
N LYS A 9 -38.51 22.58 34.76
CA LYS A 9 -38.44 21.14 34.53
C LYS A 9 -38.19 20.43 35.83
N THR A 10 -38.71 19.22 35.95
CA THR A 10 -38.29 18.32 37.03
C THR A 10 -36.86 17.86 36.76
N GLN A 11 -36.26 17.29 37.78
CA GLN A 11 -34.91 16.79 37.64
C GLN A 11 -34.87 15.72 36.57
N LEU A 12 -35.84 14.83 36.60
CA LEU A 12 -35.88 13.71 35.68
C LEU A 12 -36.06 14.20 34.24
N GLU A 13 -36.98 15.13 34.04
CA GLU A 13 -37.19 15.64 32.70
C GLU A 13 -35.91 16.25 32.17
N HIS A 14 -35.22 16.97 33.06
CA HIS A 14 -34.02 17.72 32.68
C HIS A 14 -32.93 16.81 32.21
N ILE A 15 -32.76 15.68 32.91
CA ILE A 15 -31.74 14.71 32.53
C ILE A 15 -31.98 14.13 31.13
N LEU A 16 -33.22 13.85 30.81
CA LEU A 16 -33.53 13.31 29.50
C LEU A 16 -33.46 14.40 28.43
N LEU A 17 -33.80 15.62 28.80
CA LEU A 17 -33.77 16.75 27.90
C LEU A 17 -32.35 17.24 27.58
N ARG A 18 -31.48 17.15 28.55
CA ARG A 18 -30.09 17.63 28.46
C ARG A 18 -29.07 16.55 28.93
N PRO A 19 -29.09 15.40 28.28
CA PRO A 19 -28.35 14.26 28.79
C PRO A 19 -26.86 14.48 28.88
N ASP A 20 -26.33 15.18 27.88
CA ASP A 20 -24.88 15.37 27.76
C ASP A 20 -24.26 16.07 28.97
N THR A 21 -25.03 16.87 29.66
CA THR A 21 -24.62 17.46 30.98
C THR A 21 -24.36 16.43 32.10
N TYR A 22 -25.04 15.30 32.02
CA TYR A 22 -24.98 14.30 33.08
C TYR A 22 -24.12 13.11 32.71
N ILE A 23 -24.22 12.67 31.45
CA ILE A 23 -23.51 11.46 30.98
C ILE A 23 -22.51 11.69 29.84
N GLY A 24 -22.36 12.93 29.39
CA GLY A 24 -21.54 13.21 28.23
C GLY A 24 -22.25 12.93 26.91
N SER A 25 -21.55 13.07 25.81
CA SER A 25 -22.15 12.96 24.51
C SER A 25 -23.04 11.70 24.31
N VAL A 26 -24.24 11.93 23.84
CA VAL A 26 -25.12 10.88 23.36
C VAL A 26 -25.03 10.70 21.81
N GLU A 27 -23.96 11.25 21.23
CA GLU A 27 -23.63 11.14 19.82
C GLU A 27 -22.41 10.26 19.67
N LEU A 28 -22.25 9.67 18.50
CA LEU A 28 -21.05 8.90 18.20
C LEU A 28 -19.85 9.80 18.23
N VAL A 29 -18.75 9.29 18.72
CA VAL A 29 -17.46 9.88 18.51
C VAL A 29 -16.53 8.80 17.98
N THR A 30 -15.44 9.25 17.38
CA THR A 30 -14.43 8.37 16.79
C THR A 30 -13.10 8.82 17.31
N GLN A 31 -12.41 7.93 17.98
CA GLN A 31 -11.11 8.29 18.50
C GLN A 31 -10.29 7.04 18.74
N GLN A 32 -9.00 7.23 18.85
CA GLN A 32 -8.11 6.13 19.13
C GLN A 32 -8.04 5.86 20.63
N MET A 33 -8.06 4.58 20.99
CA MET A 33 -7.96 4.18 22.39
C MET A 33 -7.71 2.70 22.55
N TRP A 34 -7.36 2.32 23.77
CA TRP A 34 -7.12 0.93 24.07
C TRP A 34 -8.43 0.25 24.28
N VAL A 35 -8.62 -0.89 23.63
CA VAL A 35 -9.80 -1.75 23.86
C VAL A 35 -9.34 -3.20 23.97
N TYR A 36 -10.25 -4.11 24.33
CA TYR A 36 -9.97 -5.56 24.31
C TYR A 36 -10.84 -6.22 23.29
N ASP A 37 -10.24 -6.56 22.15
CA ASP A 37 -10.98 -7.23 21.05
C ASP A 37 -10.97 -8.74 21.19
N GLU A 38 -12.08 -9.38 20.81
CA GLU A 38 -12.20 -10.83 20.83
C GLU A 38 -11.11 -11.44 19.92
N ASP A 39 -10.37 -12.40 20.48
CA ASP A 39 -9.26 -13.12 19.78
C ASP A 39 -7.92 -12.37 19.76
N VAL A 40 -7.98 -11.06 19.59
CA VAL A 40 -6.77 -10.24 19.50
C VAL A 40 -6.28 -9.80 20.89
N GLY A 41 -7.21 -9.42 21.78
CA GLY A 41 -6.85 -8.95 23.12
C GLY A 41 -6.64 -7.45 23.13
N ILE A 42 -5.75 -6.99 24.00
CA ILE A 42 -5.61 -5.55 24.21
C ILE A 42 -4.96 -4.94 23.01
N ASN A 43 -5.58 -3.94 22.43
CA ASN A 43 -4.92 -3.19 21.37
C ASN A 43 -5.39 -1.77 21.26
N TYR A 44 -4.55 -0.96 20.63
CA TYR A 44 -4.81 0.46 20.41
C TYR A 44 -5.31 0.65 18.99
N ARG A 45 -6.50 1.23 18.82
CA ARG A 45 -7.08 1.46 17.50
C ARG A 45 -8.16 2.50 17.51
N GLU A 46 -8.59 2.87 16.33
CA GLU A 46 -9.72 3.77 16.13
C GLU A 46 -11.00 3.03 16.57
N VAL A 47 -11.88 3.75 17.26
CA VAL A 47 -13.10 3.20 17.84
C VAL A 47 -14.23 4.21 17.67
N THR A 48 -15.39 3.72 17.29
CA THR A 48 -16.55 4.56 17.17
C THR A 48 -17.60 4.10 18.18
N PHE A 49 -17.98 5.00 19.08
CA PHE A 49 -18.89 4.67 20.18
C PHE A 49 -19.55 5.91 20.74
N VAL A 50 -20.60 5.70 21.53
CA VAL A 50 -21.28 6.79 22.26
C VAL A 50 -20.83 6.85 23.72
N PRO A 51 -20.21 7.96 24.12
CA PRO A 51 -19.67 8.10 25.50
C PRO A 51 -20.69 7.89 26.58
N GLY A 52 -21.87 8.42 26.35
CA GLY A 52 -22.93 8.28 27.32
C GLY A 52 -23.24 6.84 27.64
N LEU A 53 -23.16 5.99 26.61
CA LEU A 53 -23.46 4.55 26.79
C LEU A 53 -22.34 3.86 27.54
N TYR A 54 -21.11 4.17 27.19
CA TYR A 54 -19.98 3.74 27.99
C TYR A 54 -20.12 4.18 29.46
N LYS A 55 -20.52 5.42 29.70
CA LYS A 55 -20.61 5.94 31.06
C LYS A 55 -21.56 5.18 31.94
N ILE A 56 -22.76 4.93 31.46
CA ILE A 56 -23.76 4.30 32.32
C ILE A 56 -23.32 2.91 32.68
N PHE A 57 -22.62 2.23 31.76
CA PHE A 57 -22.04 0.94 32.10
C PHE A 57 -21.00 1.14 33.21
N ASP A 58 -20.12 2.11 33.01
CA ASP A 58 -19.01 2.38 33.91
C ASP A 58 -19.48 2.68 35.32
N GLU A 59 -20.61 3.38 35.42
CA GLU A 59 -21.15 3.75 36.71
C GLU A 59 -21.50 2.53 37.57
N ILE A 60 -22.07 1.52 36.94
CA ILE A 60 -22.45 0.33 37.66
C ILE A 60 -21.23 -0.54 37.99
N LEU A 61 -20.27 -0.55 37.08
CA LEU A 61 -19.05 -1.31 37.31
C LEU A 61 -18.21 -0.70 38.45
N VAL A 62 -18.02 0.61 38.42
CA VAL A 62 -17.29 1.26 39.49
C VAL A 62 -17.99 1.08 40.86
N ASN A 63 -19.32 1.09 40.85
CA ASN A 63 -20.06 0.90 42.08
C ASN A 63 -19.74 -0.42 42.70
N ALA A 64 -19.58 -1.45 41.87
CA ALA A 64 -19.21 -2.78 42.36
C ALA A 64 -17.83 -2.75 42.98
N ALA A 65 -16.90 -2.08 42.36
CA ALA A 65 -15.57 -1.93 42.95
C ALA A 65 -15.59 -1.08 44.22
N ASP A 66 -16.45 -0.08 44.26
CA ASP A 66 -16.52 0.74 45.45
C ASP A 66 -16.86 -0.16 46.67
N ASN A 67 -17.68 -1.19 46.46
CA ASN A 67 -18.07 -2.04 47.56
C ASN A 67 -16.91 -2.74 48.26
N LYS A 68 -15.76 -2.81 47.62
CA LYS A 68 -14.59 -3.39 48.22
C LYS A 68 -14.12 -2.56 49.39
N GLN A 69 -14.25 -1.25 49.28
CA GLN A 69 -13.77 -0.33 50.33
C GLN A 69 -14.71 -0.41 51.49
N ARG A 70 -16.00 -0.50 51.18
CA ARG A 70 -17.04 -0.70 52.15
C ARG A 70 -16.87 -2.03 52.92
N ASP A 71 -16.42 -3.07 52.22
CA ASP A 71 -16.23 -4.44 52.79
C ASP A 71 -15.02 -5.18 52.21
N PRO A 72 -13.86 -5.17 52.91
CA PRO A 72 -12.61 -5.74 52.35
C PRO A 72 -12.68 -7.24 52.13
N LYS A 73 -13.65 -7.91 52.72
CA LYS A 73 -13.88 -9.33 52.46
C LYS A 73 -14.44 -9.65 51.06
N MET A 74 -14.96 -8.65 50.37
CA MET A 74 -15.42 -8.82 49.00
C MET A 74 -14.27 -9.40 48.21
N SER A 75 -14.56 -10.42 47.39
CA SER A 75 -13.52 -11.12 46.63
C SER A 75 -13.81 -11.27 45.13
N CYS A 76 -15.00 -10.94 44.70
CA CYS A 76 -15.38 -11.25 43.36
C CYS A 76 -16.34 -10.26 42.72
N ILE A 77 -16.15 -10.02 41.42
CA ILE A 77 -17.12 -9.30 40.57
C ILE A 77 -17.37 -10.10 39.31
N ARG A 78 -18.64 -10.28 38.94
CA ARG A 78 -18.99 -11.01 37.74
C ARG A 78 -19.74 -10.10 36.76
N VAL A 79 -19.22 -10.01 35.54
CA VAL A 79 -19.79 -9.17 34.53
C VAL A 79 -20.30 -10.02 33.41
N THR A 80 -21.50 -9.70 32.95
CA THR A 80 -22.16 -10.38 31.83
C THR A 80 -22.59 -9.37 30.77
N ILE A 81 -22.11 -9.57 29.55
CA ILE A 81 -22.54 -8.76 28.41
C ILE A 81 -23.18 -9.68 27.36
N ASP A 82 -24.40 -9.36 26.97
CA ASP A 82 -25.18 -10.16 26.03
C ASP A 82 -25.82 -9.25 24.94
N PRO A 83 -25.06 -8.97 23.88
CA PRO A 83 -25.53 -8.11 22.80
C PRO A 83 -26.90 -8.50 22.20
N GLU A 84 -27.15 -9.78 22.05
CA GLU A 84 -28.33 -10.27 21.34
C GLU A 84 -29.57 -9.89 22.12
N ASN A 85 -29.51 -10.08 23.43
CA ASN A 85 -30.65 -9.75 24.31
C ASN A 85 -30.60 -8.33 24.87
N ASN A 86 -29.63 -7.55 24.38
CA ASN A 86 -29.38 -6.21 24.86
C ASN A 86 -29.38 -6.16 26.39
N LEU A 87 -28.49 -6.96 26.98
CA LEU A 87 -28.57 -7.26 28.38
C LEU A 87 -27.21 -7.25 29.03
N ILE A 88 -27.12 -6.50 30.12
CA ILE A 88 -25.88 -6.39 30.88
C ILE A 88 -26.20 -6.60 32.33
N SER A 89 -25.35 -7.35 33.01
CA SER A 89 -25.49 -7.52 34.43
C SER A 89 -24.16 -7.44 35.12
N ILE A 90 -24.16 -6.84 36.30
CA ILE A 90 -22.92 -6.68 37.08
C ILE A 90 -23.20 -7.14 38.51
N TRP A 91 -22.53 -8.22 38.87
CA TRP A 91 -22.74 -8.90 40.14
C TRP A 91 -21.51 -8.69 41.01
N ASN A 92 -21.71 -8.56 42.30
CA ASN A 92 -20.57 -8.54 43.23
C ASN A 92 -20.96 -9.23 44.53
N ASN A 93 -19.95 -9.71 45.25
CA ASN A 93 -20.17 -10.27 46.59
C ASN A 93 -19.71 -9.25 47.66
N GLY A 94 -19.44 -9.69 48.89
CA GLY A 94 -19.23 -8.76 50.04
C GLY A 94 -20.59 -8.25 50.50
N LYS A 95 -20.60 -7.37 51.49
CA LYS A 95 -21.88 -6.94 52.14
C LYS A 95 -22.87 -6.39 51.14
N GLY A 96 -24.10 -6.82 51.29
CA GLY A 96 -25.22 -6.36 50.47
C GLY A 96 -25.76 -5.04 51.01
N ILE A 97 -26.73 -4.47 50.31
CA ILE A 97 -27.29 -3.20 50.73
C ILE A 97 -28.33 -3.51 51.80
N PRO A 98 -28.30 -2.78 52.93
CA PRO A 98 -29.30 -2.98 53.97
C PRO A 98 -30.73 -3.04 53.44
N VAL A 99 -31.36 -4.22 53.56
CA VAL A 99 -32.75 -4.39 53.13
C VAL A 99 -33.69 -4.05 54.28
N VAL A 100 -34.08 -2.79 54.35
CA VAL A 100 -34.79 -2.22 55.50
C VAL A 100 -35.34 -0.85 55.09
N GLU A 101 -36.38 -0.40 55.77
CA GLU A 101 -36.94 0.91 55.48
C GLU A 101 -36.09 2.03 56.06
N HIS A 102 -35.81 3.03 55.24
CA HIS A 102 -35.11 4.25 55.63
C HIS A 102 -36.13 5.11 56.37
N LYS A 103 -35.82 5.45 57.60
CA LYS A 103 -36.77 6.12 58.47
C LYS A 103 -37.10 7.56 58.08
N VAL A 104 -36.15 8.22 57.44
CA VAL A 104 -36.37 9.62 57.03
C VAL A 104 -37.08 9.68 55.68
N GLU A 105 -36.68 8.82 54.74
CA GLU A 105 -37.15 8.88 53.37
C GLU A 105 -38.31 7.96 53.11
N LYS A 106 -38.60 7.11 54.08
CA LYS A 106 -39.82 6.31 54.07
C LYS A 106 -39.89 5.35 52.89
N MET A 107 -38.75 4.77 52.54
CA MET A 107 -38.74 3.64 51.62
C MET A 107 -37.52 2.77 51.88
N TYR A 108 -37.58 1.54 51.35
CA TYR A 108 -36.46 0.61 51.46
C TYR A 108 -35.21 1.13 50.78
N VAL A 109 -34.07 0.89 51.42
CA VAL A 109 -32.83 1.56 51.04
C VAL A 109 -32.47 1.29 49.60
N PRO A 110 -32.53 0.03 49.16
CA PRO A 110 -32.15 -0.20 47.77
C PRO A 110 -33.01 0.59 46.79
N ALA A 111 -34.31 0.69 47.05
CA ALA A 111 -35.20 1.46 46.17
C ALA A 111 -34.86 2.96 46.20
N LEU A 112 -34.44 3.43 47.36
CA LEU A 112 -34.05 4.82 47.56
C LEU A 112 -32.81 5.18 46.73
N ILE A 113 -31.75 4.39 46.86
CA ILE A 113 -30.44 4.73 46.28
C ILE A 113 -30.27 4.30 44.80
N PHE A 114 -31.23 3.55 44.28
CA PHE A 114 -31.25 3.23 42.86
C PHE A 114 -32.41 3.91 42.11
N GLY A 115 -33.36 4.47 42.84
CA GLY A 115 -34.56 5.03 42.23
C GLY A 115 -34.82 6.50 42.46
N GLN A 116 -34.06 7.11 43.35
CA GLN A 116 -34.22 8.53 43.67
C GLN A 116 -32.92 9.28 43.40
N LEU A 117 -33.05 10.44 42.78
CA LEU A 117 -31.91 11.25 42.43
C LEU A 117 -31.27 11.84 43.68
N LEU A 118 -29.97 12.10 43.59
CA LEU A 118 -29.21 12.73 44.66
C LEU A 118 -29.16 11.90 45.95
N THR A 119 -28.90 10.60 45.79
CA THR A 119 -28.80 9.66 46.92
C THR A 119 -27.48 8.95 46.91
N SER A 120 -26.82 8.90 48.04
CA SER A 120 -25.46 8.38 48.13
C SER A 120 -25.07 8.09 49.54
N SER A 121 -24.15 7.15 49.72
CA SER A 121 -23.48 6.95 51.03
C SER A 121 -22.14 7.63 51.07
N ASN A 122 -21.86 8.46 50.06
CA ASN A 122 -20.60 9.20 50.01
C ASN A 122 -20.75 10.70 50.06
N TYR A 123 -21.79 11.17 50.72
CA TYR A 123 -22.01 12.63 50.86
C TYR A 123 -21.36 13.25 52.11
N ASP A 124 -20.89 12.43 53.03
CA ASP A 124 -20.17 12.92 54.22
C ASP A 124 -18.68 12.96 53.94
N ASP A 125 -18.13 14.15 53.76
CA ASP A 125 -16.71 14.25 53.41
C ASP A 125 -15.76 14.11 54.58
N ASP A 126 -16.26 14.25 55.79
CA ASP A 126 -15.48 13.96 57.01
C ASP A 126 -14.95 12.51 57.01
N GLU A 127 -15.70 11.60 56.40
CA GLU A 127 -15.35 10.18 56.35
C GLU A 127 -14.13 9.85 55.51
N LYS A 128 -13.73 10.77 54.62
CA LYS A 128 -12.47 10.62 53.86
C LYS A 128 -12.34 9.26 53.20
N LYS A 129 -13.14 9.04 52.18
CA LYS A 129 -13.22 7.74 51.53
C LYS A 129 -12.52 7.72 50.19
N VAL A 130 -12.09 6.53 49.77
CA VAL A 130 -11.44 6.37 48.47
C VAL A 130 -12.30 5.58 47.48
N THR A 131 -13.57 5.96 47.37
CA THR A 131 -14.47 5.38 46.42
C THR A 131 -14.51 6.23 45.19
N GLY A 132 -14.95 5.64 44.11
CA GLY A 132 -15.22 6.40 42.90
C GLY A 132 -16.48 7.21 43.08
N GLY A 133 -17.37 6.69 43.91
CA GLY A 133 -18.65 7.35 44.17
C GLY A 133 -18.50 8.61 44.99
N ARG A 134 -19.26 9.62 44.61
CA ARG A 134 -19.17 10.91 45.23
C ARG A 134 -20.45 11.72 45.07
N ASN A 135 -21.09 11.67 43.92
CA ASN A 135 -22.16 12.61 43.56
C ASN A 135 -23.56 12.08 43.72
N GLY A 136 -23.74 10.79 43.83
CA GLY A 136 -25.08 10.22 43.98
C GLY A 136 -25.96 10.24 42.75
N TYR A 137 -25.33 10.29 41.58
CA TYR A 137 -26.05 10.25 40.29
C TYR A 137 -25.98 8.88 39.60
N GLY A 138 -24.79 8.30 39.59
CA GLY A 138 -24.42 7.20 38.69
C GLY A 138 -25.45 6.12 38.43
N ALA A 139 -25.89 5.46 39.48
CA ALA A 139 -26.80 4.36 39.34
C ALA A 139 -28.13 4.82 38.80
N LYS A 140 -28.55 6.03 39.20
CA LYS A 140 -29.79 6.59 38.68
C LYS A 140 -29.65 6.87 37.19
N LEU A 141 -28.50 7.36 36.77
CA LEU A 141 -28.32 7.70 35.36
C LEU A 141 -28.41 6.45 34.51
N CYS A 142 -27.82 5.36 34.98
CA CYS A 142 -27.97 4.08 34.28
C CYS A 142 -29.44 3.65 34.17
N ASN A 143 -30.15 3.81 35.26
CA ASN A 143 -31.55 3.54 35.30
C ASN A 143 -32.32 4.45 34.34
N ILE A 144 -32.10 5.77 34.44
CA ILE A 144 -32.77 6.74 33.56
C ILE A 144 -32.54 6.37 32.08
N PHE A 145 -31.35 5.86 31.72
CA PHE A 145 -31.04 5.53 30.30
C PHE A 145 -31.15 4.05 29.96
N SER A 146 -32.04 3.38 30.70
CA SER A 146 -32.38 1.97 30.47
C SER A 146 -33.90 1.78 30.32
N THR A 147 -34.30 0.90 29.41
CA THR A 147 -35.72 0.55 29.23
C THR A 147 -36.19 -0.34 30.36
N LYS A 148 -35.27 -1.15 30.88
CA LYS A 148 -35.51 -1.96 32.07
C LYS A 148 -34.24 -2.00 32.94
N PHE A 149 -34.42 -1.86 34.24
CA PHE A 149 -33.31 -1.77 35.17
C PHE A 149 -33.68 -2.48 36.45
N THR A 150 -32.96 -3.55 36.77
CA THR A 150 -33.33 -4.42 37.90
C THR A 150 -32.26 -4.44 38.93
N VAL A 151 -32.69 -4.24 40.17
CA VAL A 151 -31.77 -4.25 41.30
C VAL A 151 -32.11 -5.45 42.15
N GLU A 152 -31.10 -6.26 42.43
CA GLU A 152 -31.26 -7.36 43.36
C GLU A 152 -30.11 -7.35 44.37
N THR A 153 -30.46 -7.31 45.65
CA THR A 153 -29.44 -7.28 46.69
C THR A 153 -29.92 -8.09 47.89
N ALA A 154 -28.96 -8.69 48.60
CA ALA A 154 -29.24 -9.66 49.67
C ALA A 154 -28.37 -9.37 50.90
N SER A 155 -29.04 -9.18 52.03
CA SER A 155 -28.39 -8.78 53.27
C SER A 155 -28.69 -9.80 54.40
N ARG A 156 -27.71 -10.66 54.67
CA ARG A 156 -27.77 -11.58 55.81
C ARG A 156 -28.09 -10.82 57.08
N GLU A 157 -27.40 -9.71 57.30
CA GLU A 157 -27.56 -8.87 58.50
C GLU A 157 -29.01 -8.49 58.78
N TYR A 158 -29.77 -8.20 57.73
CA TYR A 158 -31.18 -7.90 57.89
C TYR A 158 -32.04 -9.08 57.49
N LYS A 159 -31.41 -10.20 57.15
CA LYS A 159 -32.14 -11.46 56.91
C LYS A 159 -33.15 -11.37 55.77
N LYS A 160 -32.90 -10.47 54.81
CA LYS A 160 -33.82 -10.30 53.66
C LYS A 160 -33.11 -10.10 52.32
N MET A 161 -33.84 -10.41 51.26
CA MET A 161 -33.41 -10.14 49.90
C MET A 161 -34.38 -9.18 49.27
N PHE A 162 -33.84 -8.22 48.55
CA PHE A 162 -34.62 -7.21 47.88
C PHE A 162 -34.50 -7.44 46.39
N LYS A 163 -35.60 -7.23 45.69
CA LYS A 163 -35.58 -7.21 44.24
C LYS A 163 -36.66 -6.28 43.67
N GLN A 164 -36.28 -5.45 42.73
CA GLN A 164 -37.18 -4.50 42.12
C GLN A 164 -36.70 -4.10 40.74
N THR A 165 -37.68 -3.87 39.85
CA THR A 165 -37.41 -3.53 38.47
C THR A 165 -38.02 -2.17 38.12
N TRP A 166 -37.23 -1.33 37.46
CA TRP A 166 -37.70 -0.06 36.95
C TRP A 166 -37.79 -0.18 35.45
N MET A 167 -38.64 0.63 34.84
CA MET A 167 -38.83 0.57 33.41
C MET A 167 -38.98 1.95 32.81
N ASP A 168 -38.75 2.04 31.50
CA ASP A 168 -39.06 3.22 30.73
C ASP A 168 -38.38 4.48 31.29
N ASN A 169 -37.06 4.44 31.31
CA ASN A 169 -36.28 5.57 31.74
C ASN A 169 -36.65 5.99 33.15
N MET A 170 -36.79 4.99 34.04
CA MET A 170 -37.09 5.23 35.44
C MET A 170 -38.42 5.97 35.57
N GLY A 171 -39.28 5.78 34.58
CA GLY A 171 -40.60 6.45 34.58
C GLY A 171 -41.63 5.70 35.41
N ARG A 172 -41.45 4.39 35.53
CA ARG A 172 -42.29 3.55 36.36
C ARG A 172 -41.47 2.42 36.96
N ALA A 173 -42.01 1.82 38.01
CA ALA A 173 -41.38 0.72 38.69
C ALA A 173 -42.37 -0.42 38.93
N GLY A 174 -41.88 -1.66 38.87
CA GLY A 174 -42.68 -2.80 39.25
C GLY A 174 -42.81 -2.85 40.74
N GLU A 175 -43.54 -3.85 41.22
CA GLU A 175 -43.67 -4.12 42.66
C GLU A 175 -42.36 -4.57 43.28
N MET A 176 -42.08 -4.08 44.49
CA MET A 176 -40.90 -4.49 45.22
C MET A 176 -41.12 -5.88 45.81
N GLU A 177 -40.18 -6.79 45.58
CA GLU A 177 -40.25 -8.15 46.10
C GLU A 177 -39.27 -8.33 47.25
N LEU A 178 -39.80 -8.77 48.39
CA LEU A 178 -38.99 -9.13 49.55
C LEU A 178 -39.09 -10.62 49.84
N LYS A 179 -38.00 -11.20 50.32
CA LYS A 179 -37.99 -12.59 50.71
C LYS A 179 -37.06 -12.75 51.88
N PRO A 180 -37.33 -13.74 52.74
CA PRO A 180 -36.35 -14.10 53.75
C PRO A 180 -35.03 -14.59 53.12
N PHE A 181 -33.92 -14.39 53.82
CA PHE A 181 -32.61 -14.73 53.27
C PHE A 181 -31.60 -14.96 54.39
N ASN A 182 -30.80 -16.01 54.24
CA ASN A 182 -29.64 -16.26 55.10
C ASN A 182 -28.37 -16.78 54.44
N GLY A 183 -28.26 -16.63 53.12
CA GLY A 183 -27.06 -17.01 52.38
C GLY A 183 -25.89 -16.02 52.48
N GLU A 184 -24.93 -16.16 51.55
CA GLU A 184 -23.84 -15.17 51.43
C GLU A 184 -24.32 -13.98 50.58
N ASP A 185 -23.95 -12.79 51.03
CA ASP A 185 -24.45 -11.54 50.46
C ASP A 185 -23.94 -11.33 49.05
N TYR A 186 -24.84 -10.79 48.25
CA TYR A 186 -24.53 -10.40 46.88
C TYR A 186 -25.37 -9.20 46.45
N THR A 187 -24.89 -8.47 45.43
CA THR A 187 -25.70 -7.45 44.77
C THR A 187 -25.54 -7.70 43.27
N CYS A 188 -26.66 -7.66 42.54
CA CYS A 188 -26.66 -7.81 41.09
C CYS A 188 -27.52 -6.75 40.44
N ILE A 189 -26.91 -5.96 39.57
CA ILE A 189 -27.66 -4.97 38.79
C ILE A 189 -27.72 -5.46 37.36
N THR A 190 -28.91 -5.54 36.84
CA THR A 190 -29.15 -6.08 35.52
C THR A 190 -29.94 -5.05 34.78
N PHE A 191 -29.44 -4.65 33.61
CA PHE A 191 -30.13 -3.61 32.83
C PHE A 191 -30.06 -3.78 31.32
N GLN A 192 -31.07 -3.20 30.66
CA GLN A 192 -31.12 -3.12 29.23
C GLN A 192 -31.05 -1.66 28.80
N PRO A 193 -29.92 -1.25 28.20
CA PRO A 193 -29.76 0.17 27.90
C PRO A 193 -30.71 0.60 26.79
N ASP A 194 -31.24 1.82 26.91
CA ASP A 194 -32.18 2.38 25.94
C ASP A 194 -31.39 2.85 24.72
N LEU A 195 -31.16 1.92 23.79
CA LEU A 195 -30.31 2.21 22.63
C LEU A 195 -30.84 3.29 21.69
N SER A 196 -32.15 3.49 21.69
CA SER A 196 -32.74 4.56 20.90
C SER A 196 -32.30 5.94 21.40
N LYS A 197 -32.03 6.08 22.70
CA LYS A 197 -31.50 7.32 23.26
C LYS A 197 -30.10 7.58 22.78
N PHE A 198 -29.38 6.52 22.39
CA PHE A 198 -28.00 6.66 21.88
C PHE A 198 -27.91 6.44 20.36
N LYS A 199 -29.06 6.36 19.69
CA LYS A 199 -29.19 6.14 18.21
C LYS A 199 -28.39 4.93 17.74
N MET A 200 -28.56 3.82 18.44
CA MET A 200 -27.84 2.59 18.10
C MET A 200 -28.84 1.46 17.90
N GLN A 201 -28.43 0.48 17.09
CA GLN A 201 -29.26 -0.70 16.78
C GLN A 201 -28.96 -1.85 17.76
N SER A 202 -27.69 -2.01 18.14
CA SER A 202 -27.30 -3.01 19.12
C SER A 202 -25.98 -2.65 19.81
N LEU A 203 -25.59 -3.46 20.79
CA LEU A 203 -24.27 -3.36 21.36
C LEU A 203 -23.24 -3.91 20.38
N ASP A 204 -22.69 -3.06 19.54
CA ASP A 204 -21.76 -3.49 18.49
C ASP A 204 -20.39 -3.85 19.01
N LYS A 205 -19.52 -4.27 18.10
CA LYS A 205 -18.18 -4.73 18.42
C LYS A 205 -17.46 -3.70 19.29
N ASP A 206 -17.47 -2.45 18.84
CA ASP A 206 -16.63 -1.41 19.43
C ASP A 206 -16.98 -1.13 20.89
N ILE A 207 -18.25 -0.91 21.15
CA ILE A 207 -18.63 -0.60 22.50
C ILE A 207 -18.34 -1.80 23.38
N VAL A 208 -18.56 -2.99 22.85
CA VAL A 208 -18.35 -4.23 23.65
C VAL A 208 -16.86 -4.38 23.94
N ALA A 209 -16.04 -3.98 23.00
CA ALA A 209 -14.60 -4.08 23.22
C ALA A 209 -14.16 -3.15 24.33
N LEU A 210 -14.78 -1.96 24.40
CA LEU A 210 -14.56 -0.98 25.49
C LEU A 210 -14.99 -1.48 26.86
N MET A 211 -16.21 -1.97 26.87
CA MET A 211 -16.75 -2.54 28.08
C MET A 211 -15.87 -3.67 28.58
N VAL A 212 -15.46 -4.56 27.69
CA VAL A 212 -14.67 -5.71 28.08
C VAL A 212 -13.36 -5.22 28.65
N ARG A 213 -12.78 -4.20 28.03
CA ARG A 213 -11.53 -3.66 28.59
C ARG A 213 -11.69 -3.15 30.01
N ARG A 214 -12.83 -2.57 30.28
CA ARG A 214 -13.04 -2.02 31.62
C ARG A 214 -13.07 -3.15 32.63
N ALA A 215 -13.61 -4.30 32.24
CA ALA A 215 -13.61 -5.46 33.11
C ALA A 215 -12.16 -5.78 33.49
N TYR A 216 -11.28 -5.76 32.50
CA TYR A 216 -9.88 -6.04 32.75
C TYR A 216 -9.29 -4.98 33.63
N ASP A 217 -9.68 -3.71 33.41
CA ASP A 217 -9.17 -2.59 34.25
C ASP A 217 -9.49 -2.81 35.72
N ILE A 218 -10.71 -3.24 35.97
CA ILE A 218 -11.16 -3.51 37.33
C ILE A 218 -10.36 -4.63 37.94
N ALA A 219 -10.12 -5.66 37.13
CA ALA A 219 -9.29 -6.77 37.59
C ALA A 219 -7.90 -6.25 37.91
N GLY A 220 -7.45 -5.25 37.19
CA GLY A 220 -6.13 -4.66 37.41
C GLY A 220 -6.03 -3.67 38.54
N SER A 221 -7.10 -2.93 38.78
CA SER A 221 -7.04 -1.76 39.67
C SER A 221 -7.51 -2.07 41.09
N THR A 222 -8.31 -3.12 41.29
CA THR A 222 -8.79 -3.51 42.60
C THR A 222 -7.86 -4.52 43.24
N LYS A 223 -7.98 -4.70 44.56
CA LYS A 223 -7.11 -5.62 45.31
C LYS A 223 -7.80 -6.89 45.77
N ASP A 224 -7.23 -8.02 45.37
CA ASP A 224 -7.76 -9.33 45.76
C ASP A 224 -9.22 -9.43 45.35
N VAL A 225 -9.48 -9.08 44.10
CA VAL A 225 -10.82 -9.28 43.53
C VAL A 225 -10.73 -10.04 42.21
N LYS A 226 -11.32 -11.20 42.18
CA LYS A 226 -11.37 -11.97 40.97
C LYS A 226 -12.42 -11.31 40.12
N VAL A 227 -12.19 -11.25 38.82
CA VAL A 227 -13.21 -10.73 37.92
C VAL A 227 -13.61 -11.75 36.87
N PHE A 228 -14.91 -11.95 36.69
CA PHE A 228 -15.39 -12.85 35.66
C PHE A 228 -16.12 -12.08 34.56
N LEU A 229 -15.91 -12.51 33.31
CA LEU A 229 -16.62 -12.00 32.16
C LEU A 229 -17.33 -13.16 31.45
N ASN A 230 -18.64 -13.04 31.29
CA ASN A 230 -19.50 -14.11 30.76
C ASN A 230 -19.17 -15.54 31.27
N GLY A 231 -18.79 -15.63 32.53
CA GLY A 231 -18.45 -16.92 33.13
C GLY A 231 -16.99 -17.32 33.12
N ASN A 232 -16.11 -16.51 32.57
CA ASN A 232 -14.68 -16.84 32.55
C ASN A 232 -13.87 -15.91 33.38
N LYS A 233 -13.03 -16.47 34.23
CA LYS A 233 -12.18 -15.66 35.08
C LYS A 233 -11.13 -14.98 34.22
N LEU A 234 -10.97 -13.68 34.42
CA LEU A 234 -10.00 -12.92 33.69
C LEU A 234 -8.67 -13.21 34.33
N PRO A 235 -7.64 -13.41 33.49
CA PRO A 235 -6.32 -13.84 33.97
C PRO A 235 -5.49 -12.69 34.47
N VAL A 236 -6.11 -11.76 35.17
CA VAL A 236 -5.36 -10.62 35.70
C VAL A 236 -5.31 -10.73 37.21
N LYS A 237 -4.12 -10.92 37.76
CA LYS A 237 -3.91 -10.99 39.21
C LYS A 237 -3.13 -9.72 39.60
N GLY A 238 -3.84 -8.61 39.77
CA GLY A 238 -3.21 -7.35 40.19
C GLY A 238 -2.70 -6.47 39.06
N PHE A 239 -2.17 -5.32 39.44
CA PHE A 239 -1.82 -4.28 38.50
C PHE A 239 -0.65 -4.66 37.57
N ARG A 240 0.41 -5.21 38.16
CA ARG A 240 1.60 -5.62 37.37
C ARG A 240 1.19 -6.49 36.21
N SER A 241 0.38 -7.51 36.50
CA SER A 241 -0.08 -8.39 35.44
C SER A 241 -0.97 -7.66 34.44
N TYR A 242 -1.70 -6.64 34.91
CA TYR A 242 -2.52 -5.82 34.06
C TYR A 242 -1.62 -5.05 33.11
N VAL A 243 -0.59 -4.44 33.64
CA VAL A 243 0.34 -3.69 32.81
C VAL A 243 1.02 -4.59 31.76
N ASP A 244 1.34 -5.82 32.15
CA ASP A 244 1.98 -6.76 31.22
C ASP A 244 1.17 -6.95 29.95
N MET A 245 -0.15 -6.94 30.05
CA MET A 245 -0.99 -7.12 28.86
C MET A 245 -0.71 -6.08 27.79
N TYR A 246 -0.35 -4.89 28.20
CA TYR A 246 0.01 -3.84 27.26
C TYR A 246 1.37 -4.04 26.61
N LEU A 247 2.21 -4.86 27.24
CA LEU A 247 3.62 -5.04 26.86
C LEU A 247 4.03 -6.53 26.51
N LYS A 248 3.37 -7.15 25.54
CA LYS A 248 3.77 -8.49 25.13
C LYS A 248 4.54 -8.46 23.79
N VAL A 260 10.50 -2.99 31.73
CA VAL A 260 9.53 -2.45 32.71
C VAL A 260 10.04 -2.43 34.15
N ILE A 261 9.86 -1.29 34.80
CA ILE A 261 10.17 -1.16 36.23
C ILE A 261 8.89 -0.87 37.05
N HIS A 262 8.85 -1.45 38.25
CA HIS A 262 7.64 -1.57 39.04
C HIS A 262 7.89 -1.15 40.47
N GLU A 263 6.87 -0.64 41.14
CA GLU A 263 6.88 -0.51 42.60
C GLU A 263 5.48 -0.34 43.16
N GLN A 264 5.13 -1.19 44.11
CA GLN A 264 3.95 -0.98 44.95
C GLN A 264 4.38 -0.10 46.08
N VAL A 265 4.24 1.20 45.89
CA VAL A 265 4.86 2.17 46.80
C VAL A 265 4.27 2.02 48.21
N ASN A 266 2.95 1.85 48.27
CA ASN A 266 2.25 1.66 49.51
C ASN A 266 0.84 1.14 49.22
N HIS A 267 0.03 0.97 50.24
CA HIS A 267 -1.36 0.51 50.09
C HIS A 267 -2.25 1.34 49.11
N ARG A 268 -1.83 2.54 48.74
CA ARG A 268 -2.64 3.41 47.88
C ARG A 268 -2.00 3.79 46.57
N TRP A 269 -0.74 3.41 46.34
CA TRP A 269 -0.07 3.75 45.10
C TRP A 269 0.71 2.59 44.51
N GLU A 270 0.52 2.37 43.20
CA GLU A 270 1.31 1.40 42.48
C GLU A 270 1.74 2.00 41.14
N VAL A 271 3.02 1.87 40.81
CA VAL A 271 3.57 2.51 39.62
C VAL A 271 4.42 1.59 38.76
N CYS A 272 4.17 1.62 37.46
CA CYS A 272 5.03 0.94 36.48
C CYS A 272 5.49 1.97 35.48
N LEU A 273 6.72 1.79 35.01
CA LEU A 273 7.34 2.69 34.05
C LEU A 273 8.10 1.88 33.02
N THR A 274 7.94 2.28 31.76
CA THR A 274 8.76 1.78 30.65
C THR A 274 9.06 2.91 29.67
N MET A 275 9.85 2.61 28.66
CA MET A 275 10.19 3.61 27.66
C MET A 275 9.09 3.74 26.63
N SER A 276 8.85 4.98 26.21
CA SER A 276 7.98 5.25 25.09
C SER A 276 8.82 5.72 23.92
N GLU A 277 8.43 5.31 22.71
CA GLU A 277 9.01 5.84 21.45
C GLU A 277 7.96 6.66 20.69
N LYS A 278 6.80 6.89 21.30
CA LYS A 278 5.68 7.55 20.67
C LYS A 278 5.29 8.84 21.40
N GLY A 279 6.19 9.37 22.22
CA GLY A 279 5.88 10.54 23.07
C GLY A 279 5.38 10.11 24.44
N PHE A 280 5.08 11.08 25.31
CA PHE A 280 4.62 10.74 26.66
C PHE A 280 3.33 9.94 26.61
N GLN A 281 3.33 8.77 27.22
CA GLN A 281 2.11 7.95 27.35
C GLN A 281 1.79 7.73 28.82
N GLN A 282 0.50 7.70 29.14
CA GLN A 282 0.07 7.35 30.48
C GLN A 282 -1.19 6.50 30.46
N ILE A 283 -1.23 5.55 31.37
CA ILE A 283 -2.39 4.71 31.61
C ILE A 283 -2.59 4.75 33.11
N SER A 284 -3.75 5.21 33.57
CA SER A 284 -3.95 5.41 35.00
C SER A 284 -5.37 5.26 35.48
N PHE A 285 -5.48 5.10 36.79
CA PHE A 285 -6.74 4.88 37.47
C PHE A 285 -6.74 5.61 38.79
N VAL A 286 -7.88 6.21 39.11
CA VAL A 286 -8.14 6.77 40.41
C VAL A 286 -9.40 6.11 40.97
N ASN A 287 -9.26 5.38 42.07
CA ASN A 287 -10.39 4.67 42.66
C ASN A 287 -11.15 3.83 41.61
N SER A 288 -10.37 3.11 40.82
CA SER A 288 -10.89 2.25 39.77
C SER A 288 -11.59 2.97 38.60
N ILE A 289 -11.56 4.29 38.63
CA ILE A 289 -11.99 5.05 37.47
C ILE A 289 -10.85 5.19 36.49
N ALA A 290 -11.17 5.02 35.20
CA ALA A 290 -10.20 5.16 34.12
C ALA A 290 -9.94 6.61 33.76
N THR A 291 -8.85 7.17 34.28
CA THR A 291 -8.45 8.58 33.98
C THR A 291 -7.64 8.69 32.70
N SER A 292 -8.33 8.52 31.58
CA SER A 292 -7.68 8.35 30.25
C SER A 292 -6.89 9.53 29.79
N LYS A 293 -7.25 10.71 30.27
CA LYS A 293 -6.54 11.95 29.94
C LYS A 293 -5.62 12.39 31.07
N GLY A 294 -5.47 11.54 32.08
CA GLY A 294 -4.51 11.77 33.14
C GLY A 294 -5.06 12.55 34.31
N GLY A 295 -4.24 13.48 34.82
CA GLY A 295 -4.57 14.29 35.97
C GLY A 295 -3.38 14.56 36.87
N ARG A 296 -3.64 15.23 37.99
CA ARG A 296 -2.58 15.62 38.91
C ARG A 296 -1.88 14.40 39.53
N HIS A 297 -2.58 13.29 39.65
CA HIS A 297 -2.00 12.03 40.16
C HIS A 297 -0.90 11.48 39.25
N VAL A 298 -1.11 11.60 37.95
CA VAL A 298 -0.08 11.18 36.98
C VAL A 298 1.05 12.22 36.95
N ASP A 299 0.71 13.50 36.97
CA ASP A 299 1.72 14.55 37.04
C ASP A 299 2.61 14.39 38.31
N TYR A 300 1.99 14.09 39.43
CA TYR A 300 2.68 13.94 40.70
C TYR A 300 3.76 12.88 40.60
N VAL A 301 3.41 11.72 40.05
CA VAL A 301 4.38 10.63 39.99
C VAL A 301 5.43 10.88 38.90
N ALA A 302 4.94 11.27 37.74
CA ALA A 302 5.77 11.47 36.57
C ALA A 302 6.82 12.53 36.82
N ASP A 303 6.39 13.69 37.34
CA ASP A 303 7.32 14.84 37.48
C ASP A 303 8.43 14.52 38.48
N GLN A 304 8.09 13.73 39.48
CA GLN A 304 9.06 13.20 40.45
C GLN A 304 10.17 12.40 39.73
N ILE A 305 9.76 11.55 38.81
CA ILE A 305 10.72 10.76 38.01
C ILE A 305 11.50 11.66 37.08
N VAL A 306 10.78 12.54 36.38
CA VAL A 306 11.39 13.44 35.40
C VAL A 306 12.50 14.24 36.06
N THR A 307 12.16 14.94 37.13
CA THR A 307 13.12 15.80 37.88
C THR A 307 14.40 15.06 38.18
N LYS A 308 14.28 13.84 38.70
CA LYS A 308 15.48 13.12 39.04
C LYS A 308 16.39 12.93 37.79
N LEU A 309 15.78 12.75 36.63
CA LEU A 309 16.56 12.66 35.40
C LEU A 309 16.30 13.87 34.56
N VAL A 310 17.02 14.95 34.85
CA VAL A 310 17.06 16.11 33.94
C VAL A 310 18.19 17.06 34.36
N HIS A 326 10.72 18.17 29.71
CA HIS A 326 9.68 17.64 28.80
C HIS A 326 10.18 16.63 27.76
N GLN A 327 11.44 16.75 27.41
CA GLN A 327 12.05 15.81 26.47
C GLN A 327 12.27 14.49 27.15
N VAL A 328 12.63 14.55 28.43
CA VAL A 328 12.70 13.34 29.27
C VAL A 328 11.32 12.71 29.45
N LYS A 329 10.35 13.56 29.73
CA LYS A 329 8.98 13.10 29.93
C LYS A 329 8.42 12.47 28.67
N ASN A 330 8.84 12.98 27.52
CA ASN A 330 8.36 12.42 26.24
C ASN A 330 8.91 11.05 25.91
N HIS A 331 9.85 10.56 26.70
CA HIS A 331 10.36 9.18 26.55
C HIS A 331 9.69 8.22 27.51
N MET A 332 8.72 8.71 28.27
CA MET A 332 8.12 7.90 29.32
C MET A 332 6.76 7.32 28.95
N TRP A 333 6.60 6.03 29.24
CA TRP A 333 5.30 5.38 29.28
C TRP A 333 5.01 4.97 30.73
N ILE A 334 4.08 5.66 31.36
CA ILE A 334 3.84 5.43 32.78
C ILE A 334 2.46 4.87 33.09
N PHE A 335 2.41 3.97 34.07
CA PHE A 335 1.18 3.33 34.52
C PHE A 335 0.99 3.60 36.02
N VAL A 336 -0.15 4.15 36.41
CA VAL A 336 -0.40 4.54 37.79
C VAL A 336 -1.75 4.12 38.26
N ASN A 337 -1.78 3.41 39.40
CA ASN A 337 -3.01 3.03 40.05
C ASN A 337 -3.03 3.67 41.42
N ALA A 338 -4.04 4.51 41.66
CA ALA A 338 -4.07 5.33 42.84
C ALA A 338 -5.39 5.26 43.55
N LEU A 339 -5.30 5.36 44.87
CA LEU A 339 -6.43 5.59 45.74
C LEU A 339 -6.34 7.02 46.29
N ILE A 340 -7.25 7.85 45.78
CA ILE A 340 -7.34 9.26 46.15
C ILE A 340 -8.61 9.52 47.00
N GLU A 341 -8.47 10.34 48.05
CA GLU A 341 -9.63 10.82 48.83
C GLU A 341 -10.39 11.95 48.11
N ASN A 342 -11.70 11.75 47.87
CA ASN A 342 -12.58 12.77 47.35
C ASN A 342 -12.10 13.38 46.06
N PRO A 343 -11.79 12.54 45.09
CA PRO A 343 -11.29 13.05 43.82
C PRO A 343 -12.25 13.95 43.05
N THR A 344 -11.70 14.81 42.20
CA THR A 344 -12.46 15.76 41.42
C THR A 344 -12.09 15.67 39.97
N PHE A 345 -13.02 15.95 39.07
CA PHE A 345 -12.74 15.80 37.62
C PHE A 345 -13.23 16.98 36.78
N ASP A 346 -12.59 17.17 35.62
CA ASP A 346 -12.99 18.15 34.61
C ASP A 346 -14.46 18.06 34.38
N SER A 347 -14.84 16.88 33.93
CA SER A 347 -16.11 16.67 33.28
C SER A 347 -16.72 15.41 33.84
N GLN A 348 -17.86 15.07 33.29
CA GLN A 348 -18.60 13.84 33.63
C GLN A 348 -18.03 12.56 33.08
N THR A 349 -17.13 12.65 32.10
CA THR A 349 -16.47 11.47 31.54
C THR A 349 -15.38 11.00 32.50
N LYS A 350 -14.97 11.89 33.41
CA LYS A 350 -13.96 11.65 34.45
C LYS A 350 -12.64 11.15 33.90
N GLU A 351 -12.27 11.61 32.71
CA GLU A 351 -11.03 11.21 32.08
C GLU A 351 -9.82 11.96 32.65
N ASN A 352 -10.08 13.03 33.39
CA ASN A 352 -9.01 13.89 33.90
C ASN A 352 -9.24 14.33 35.34
N MET A 353 -8.38 13.87 36.25
CA MET A 353 -8.59 14.05 37.70
C MET A 353 -7.82 15.26 38.20
N THR A 354 -8.51 16.20 38.85
CA THR A 354 -7.98 17.56 39.04
C THR A 354 -7.61 17.92 40.45
N LEU A 355 -7.87 17.05 41.39
CA LEU A 355 -7.52 17.34 42.79
C LEU A 355 -6.00 17.57 42.99
N GLN A 356 -5.63 18.53 43.82
CA GLN A 356 -4.22 18.85 44.00
C GLN A 356 -3.56 17.90 45.00
N PRO A 357 -2.27 17.63 44.80
CA PRO A 357 -1.56 16.61 45.62
C PRO A 357 -1.61 16.80 47.13
N LYS A 358 -1.71 18.03 47.58
CA LYS A 358 -1.86 18.28 49.03
C LYS A 358 -3.11 17.58 49.62
N SER A 359 -4.19 17.52 48.85
CA SER A 359 -5.42 16.94 49.38
C SER A 359 -5.64 15.44 49.02
N PHE A 360 -4.60 14.77 48.53
CA PHE A 360 -4.69 13.35 48.14
C PHE A 360 -5.03 12.40 49.30
N GLY A 361 -4.53 12.71 50.49
CA GLY A 361 -4.70 11.82 51.65
C GLY A 361 -3.55 10.85 51.82
N SER A 362 -2.61 10.86 50.87
CA SER A 362 -1.39 10.06 50.95
C SER A 362 -0.32 10.71 50.08
N THR A 363 0.91 10.24 50.24
CA THR A 363 2.03 10.65 49.39
C THR A 363 2.52 9.40 48.61
N CYS A 364 3.39 9.65 47.64
CA CYS A 364 3.94 8.59 46.81
C CYS A 364 5.38 8.92 46.46
N GLN A 365 6.27 8.76 47.44
CA GLN A 365 7.72 8.93 47.25
C GLN A 365 8.30 7.62 46.77
N LEU A 366 8.74 7.61 45.52
CA LEU A 366 9.29 6.40 44.94
C LEU A 366 10.60 6.04 45.67
N SER A 367 10.83 4.74 45.88
CA SER A 367 12.06 4.22 46.53
C SER A 367 13.31 4.50 45.68
N GLU A 368 14.47 4.52 46.33
CA GLU A 368 15.75 4.75 45.62
C GLU A 368 16.07 3.63 44.64
N LYS A 369 15.73 2.41 45.04
CA LYS A 369 15.79 1.27 44.11
C LYS A 369 15.02 1.51 42.79
N PHE A 370 13.79 2.01 42.88
CA PHE A 370 12.97 2.30 41.69
C PHE A 370 13.68 3.32 40.86
N ILE A 371 14.03 4.41 41.52
CA ILE A 371 14.68 5.50 40.89
C ILE A 371 15.92 4.96 40.15
N LYS A 372 16.71 4.15 40.83
CA LYS A 372 17.95 3.61 40.24
C LYS A 372 17.64 2.72 39.04
N ALA A 373 16.64 1.85 39.17
CA ALA A 373 16.23 0.99 38.04
C ALA A 373 15.72 1.84 36.88
N ALA A 374 15.08 2.95 37.21
CA ALA A 374 14.60 3.91 36.21
C ALA A 374 15.74 4.55 35.43
N ILE A 375 16.88 4.75 36.08
CA ILE A 375 18.06 5.24 35.35
C ILE A 375 18.44 4.34 34.15
N GLY A 376 18.17 3.03 34.18
CA GLY A 376 18.18 2.17 32.97
C GLY A 376 16.82 2.16 32.29
N ILE A 379 16.02 5.09 29.35
CA ILE A 379 15.67 6.49 28.95
C ILE A 379 16.85 7.44 28.88
N VAL A 380 17.75 7.39 29.85
CA VAL A 380 18.87 8.32 29.82
C VAL A 380 19.61 7.93 28.53
N GLU A 381 19.50 8.85 27.59
CA GLU A 381 20.24 8.83 26.35
C GLU A 381 20.43 10.29 26.01
N SER A 382 21.43 10.75 26.73
CA SER A 382 22.26 11.78 26.25
C SER A 382 22.75 11.40 24.82
N ILE A 383 22.39 10.20 24.29
CA ILE A 383 22.85 9.73 22.98
C ILE A 383 22.35 10.62 21.83
N LEU A 384 21.06 10.94 21.82
CA LEU A 384 20.53 11.84 20.77
C LEU A 384 21.17 13.25 20.86
N ASN A 385 21.33 13.78 22.07
CA ASN A 385 21.90 15.16 22.25
C ASN A 385 23.35 15.16 21.79
N TRP A 386 24.07 14.10 22.19
CA TRP A 386 25.47 13.85 21.78
C TRP A 386 25.56 13.85 20.29
N VAL A 387 24.67 13.10 19.65
CA VAL A 387 24.78 12.87 18.22
C VAL A 387 24.34 14.13 17.45
N LYS A 388 23.42 14.87 18.03
CA LYS A 388 23.28 16.32 17.74
C LYS A 388 24.54 17.16 17.82
N PHE A 389 25.74 16.54 17.98
CA PHE A 389 27.02 17.05 17.34
C PHE A 389 27.04 17.03 15.76
N LYS A 390 25.90 17.32 15.17
CA LYS A 390 25.73 17.48 13.71
C LYS A 390 26.19 18.80 13.14
N ALA A 391 26.47 18.82 11.83
CA ALA A 391 26.67 20.05 11.09
C ALA A 391 25.66 20.12 9.95
N GLN A 392 24.78 21.11 10.02
CA GLN A 392 23.94 21.51 8.89
C GLN A 392 24.79 22.31 7.94
N VAL A 393 25.04 21.83 6.72
CA VAL A 393 25.78 22.60 5.72
C VAL A 393 24.92 22.50 4.47
N GLN A 394 25.20 23.33 3.47
CA GLN A 394 24.36 23.36 2.28
C GLN A 394 24.74 22.25 1.25
N SER B 1 -28.44 5.40 61.81
CA SER B 1 -27.21 4.79 61.25
C SER B 1 -27.38 4.50 59.78
N VAL B 2 -28.28 3.59 59.42
CA VAL B 2 -28.77 3.52 58.04
C VAL B 2 -29.12 4.93 57.51
N GLU B 3 -29.76 5.71 58.36
CA GLU B 3 -30.21 7.06 57.98
C GLU B 3 -29.08 8.06 57.90
N ARG B 4 -28.01 7.82 58.65
CA ARG B 4 -26.80 8.65 58.54
C ARG B 4 -25.93 8.26 57.32
N ILE B 5 -25.86 6.96 57.04
CA ILE B 5 -25.02 6.47 55.99
C ILE B 5 -25.60 6.85 54.63
N TYR B 6 -26.87 6.48 54.40
CA TYR B 6 -27.51 6.71 53.12
C TYR B 6 -28.34 7.95 53.16
N GLN B 7 -27.91 8.98 52.41
CA GLN B 7 -28.56 10.30 52.47
C GLN B 7 -29.11 10.71 51.15
N LYS B 8 -30.14 11.55 51.21
CA LYS B 8 -30.68 12.27 50.07
C LYS B 8 -30.45 13.79 50.24
N LYS B 9 -30.02 14.46 49.15
CA LYS B 9 -29.77 15.87 49.18
C LYS B 9 -30.77 16.60 48.36
N THR B 10 -31.07 17.83 48.74
CA THR B 10 -31.83 18.71 47.84
C THR B 10 -30.93 19.12 46.72
N GLN B 11 -31.52 19.67 45.69
CA GLN B 11 -30.77 20.17 44.54
C GLN B 11 -29.78 21.23 44.96
N LEU B 12 -30.22 22.15 45.81
CA LEU B 12 -29.38 23.25 46.30
C LEU B 12 -28.24 22.74 47.15
N GLU B 13 -28.53 21.85 48.05
CA GLU B 13 -27.46 21.30 48.87
C GLU B 13 -26.42 20.63 48.00
N HIS B 14 -26.90 19.90 46.99
CA HIS B 14 -26.02 19.11 46.13
C HIS B 14 -25.03 19.99 45.37
N ILE B 15 -25.52 21.13 44.86
CA ILE B 15 -24.66 22.04 44.14
C ILE B 15 -23.55 22.58 45.01
N LEU B 16 -23.87 22.90 46.26
CA LEU B 16 -22.83 23.42 47.17
C LEU B 16 -21.89 22.32 47.62
N LEU B 17 -22.42 21.13 47.76
CA LEU B 17 -21.63 19.96 48.16
C LEU B 17 -20.71 19.41 47.06
N ARG B 18 -21.14 19.55 45.80
CA ARG B 18 -20.40 19.05 44.61
C ARG B 18 -20.33 20.10 43.49
N PRO B 19 -19.64 21.19 43.75
CA PRO B 19 -19.73 22.32 42.90
C PRO B 19 -19.13 22.08 41.54
N ASP B 20 -18.03 21.35 41.52
CA ASP B 20 -17.27 21.15 40.29
C ASP B 20 -18.09 20.48 39.18
N THR B 21 -19.09 19.69 39.55
CA THR B 21 -20.06 19.09 38.59
C THR B 21 -20.90 20.15 37.84
N TYR B 22 -21.04 21.34 38.43
CA TYR B 22 -21.93 22.36 37.90
C TYR B 22 -21.18 23.52 37.33
N ILE B 23 -20.11 23.93 38.02
CA ILE B 23 -19.30 25.09 37.63
C ILE B 23 -17.86 24.79 37.28
N GLY B 24 -17.45 23.53 37.31
CA GLY B 24 -16.04 23.22 37.07
C GLY B 24 -15.16 23.51 38.31
N SER B 25 -13.85 23.38 38.16
CA SER B 25 -12.97 23.45 39.32
C SER B 25 -13.18 24.68 40.21
N VAL B 26 -13.34 24.43 41.49
CA VAL B 26 -13.30 25.48 42.51
C VAL B 26 -11.90 25.64 43.14
N GLU B 27 -10.88 25.10 42.46
CA GLU B 27 -9.47 25.21 42.83
C GLU B 27 -8.77 26.13 41.84
N LEU B 28 -7.65 26.72 42.26
CA LEU B 28 -6.81 27.47 41.35
C LEU B 28 -6.27 26.59 40.26
N VAL B 29 -6.19 27.12 39.05
CA VAL B 29 -5.39 26.52 37.98
C VAL B 29 -4.48 27.58 37.40
N THR B 30 -3.46 27.12 36.70
CA THR B 30 -2.47 27.98 36.07
C THR B 30 -2.34 27.56 34.64
N GLN B 31 -2.58 28.49 33.73
CA GLN B 31 -2.40 28.20 32.32
C GLN B 31 -2.18 29.44 31.53
N GLN B 32 -1.66 29.28 30.34
CA GLN B 32 -1.43 30.39 29.46
C GLN B 32 -2.70 30.74 28.71
N MET B 33 -2.98 32.02 28.63
CA MET B 33 -4.16 32.50 27.86
C MET B 33 -4.14 33.99 27.63
N TRP B 34 -5.02 34.45 26.75
CA TRP B 34 -5.10 35.85 26.45
C TRP B 34 -5.90 36.49 27.53
N VAL B 35 -5.41 37.61 28.05
CA VAL B 35 -6.18 38.45 28.96
C VAL B 35 -6.01 39.90 28.58
N TYR B 36 -6.75 40.80 29.24
CA TYR B 36 -6.60 42.24 29.04
C TYR B 36 -6.12 42.90 30.31
N ASP B 37 -4.84 43.21 30.35
CA ASP B 37 -4.22 43.81 31.54
C ASP B 37 -4.35 45.32 31.50
N GLU B 38 -4.53 45.92 32.67
CA GLU B 38 -4.61 47.38 32.76
C GLU B 38 -3.33 48.05 32.25
N ASP B 39 -3.50 49.01 31.34
CA ASP B 39 -2.37 49.76 30.71
C ASP B 39 -1.67 49.02 29.59
N VAL B 40 -1.52 47.71 29.73
CA VAL B 40 -0.85 46.90 28.69
C VAL B 40 -1.81 46.46 27.57
N GLY B 41 -3.03 46.09 27.94
CA GLY B 41 -4.03 45.67 26.96
C GLY B 41 -3.97 44.16 26.74
N ILE B 42 -4.31 43.74 25.53
CA ILE B 42 -4.45 42.33 25.24
C ILE B 42 -3.07 41.69 25.18
N ASN B 43 -2.84 40.67 26.00
CA ASN B 43 -1.59 39.92 25.94
C ASN B 43 -1.72 38.46 26.38
N TYR B 44 -0.79 37.65 25.91
CA TYR B 44 -0.76 36.22 26.18
C TYR B 44 0.25 35.95 27.29
N ARG B 45 -0.20 35.38 28.40
CA ARG B 45 0.65 35.09 29.53
C ARG B 45 0.07 34.02 30.42
N GLU B 46 0.89 33.59 31.37
CA GLU B 46 0.47 32.67 32.39
C GLU B 46 -0.49 33.36 33.32
N VAL B 47 -1.54 32.65 33.71
CA VAL B 47 -2.62 33.19 34.52
C VAL B 47 -3.06 32.17 35.55
N THR B 48 -3.29 32.63 36.78
CA THR B 48 -3.71 31.74 37.87
C THR B 48 -5.08 32.23 38.37
N PHE B 49 -6.07 31.36 38.28
CA PHE B 49 -7.46 31.72 38.54
C PHE B 49 -8.32 30.49 38.82
N VAL B 50 -9.50 30.71 39.39
CA VAL B 50 -10.45 29.61 39.65
C VAL B 50 -11.54 29.56 38.56
N PRO B 51 -11.60 28.47 37.80
CA PRO B 51 -12.57 28.32 36.68
C PRO B 51 -14.03 28.52 37.08
N GLY B 52 -14.40 28.03 38.24
CA GLY B 52 -15.73 28.21 38.74
C GLY B 52 -16.11 29.65 38.86
N LEU B 53 -15.15 30.47 39.28
CA LEU B 53 -15.42 31.89 39.49
C LEU B 53 -15.59 32.55 38.14
N TYR B 54 -14.71 32.22 37.21
CA TYR B 54 -14.82 32.74 35.86
C TYR B 54 -16.18 32.35 35.31
N LYS B 55 -16.60 31.12 35.57
CA LYS B 55 -17.83 30.60 35.01
C LYS B 55 -19.08 31.39 35.44
N ILE B 56 -19.22 31.66 36.72
CA ILE B 56 -20.39 32.34 37.18
C ILE B 56 -20.48 33.75 36.65
N PHE B 57 -19.34 34.39 36.49
CA PHE B 57 -19.30 35.69 35.81
C PHE B 57 -19.77 35.54 34.34
N ASP B 58 -19.21 34.56 33.67
CA ASP B 58 -19.48 34.29 32.26
C ASP B 58 -20.94 33.96 31.97
N GLU B 59 -21.58 33.27 32.91
CA GLU B 59 -22.99 32.95 32.78
C GLU B 59 -23.87 34.20 32.68
N ILE B 60 -23.56 35.22 33.47
CA ILE B 60 -24.38 36.43 33.49
C ILE B 60 -24.06 37.28 32.27
N LEU B 61 -22.81 37.29 31.87
CA LEU B 61 -22.38 38.08 30.71
C LEU B 61 -23.00 37.49 29.44
N VAL B 62 -22.93 36.17 29.31
CA VAL B 62 -23.49 35.54 28.14
C VAL B 62 -25.01 35.72 28.10
N ASN B 63 -25.63 35.68 29.26
CA ASN B 63 -27.07 35.91 29.33
C ASN B 63 -27.45 37.27 28.78
N ALA B 64 -26.63 38.26 29.05
CA ALA B 64 -26.89 39.58 28.47
C ALA B 64 -26.81 39.52 26.94
N ALA B 65 -25.78 38.86 26.41
CA ALA B 65 -25.63 38.74 24.96
C ALA B 65 -26.72 37.88 24.35
N ASP B 66 -27.22 36.92 25.10
CA ASP B 66 -28.36 36.15 24.61
C ASP B 66 -29.56 37.01 24.32
N ASN B 67 -29.74 38.06 25.12
CA ASN B 67 -30.89 38.90 24.93
C ASN B 67 -30.92 39.59 23.57
N LYS B 68 -29.78 39.67 22.90
CA LYS B 68 -29.72 40.25 21.56
C LYS B 68 -30.54 39.43 20.59
N GLN B 69 -30.56 38.14 20.78
CA GLN B 69 -31.27 37.26 19.86
C GLN B 69 -32.73 37.35 20.09
N ARG B 70 -33.09 37.45 21.36
CA ARG B 70 -34.46 37.67 21.79
C ARG B 70 -35.03 39.01 21.28
N ASP B 71 -34.15 40.04 21.25
CA ASP B 71 -34.50 41.36 20.83
C ASP B 71 -33.34 42.04 20.06
N PRO B 72 -33.35 41.98 18.70
CA PRO B 72 -32.33 42.63 17.88
C PRO B 72 -32.15 44.12 18.08
N LYS B 73 -33.14 44.81 18.66
CA LYS B 73 -33.00 46.23 18.91
C LYS B 73 -32.04 46.54 20.06
N MET B 74 -31.70 45.54 20.86
CA MET B 74 -30.75 45.72 21.95
C MET B 74 -29.48 46.29 21.37
N SER B 75 -28.91 47.27 22.03
CA SER B 75 -27.77 48.00 21.48
C SER B 75 -26.63 48.20 22.45
N CYS B 76 -26.84 47.87 23.71
CA CYS B 76 -25.81 48.17 24.70
C CYS B 76 -25.72 47.15 25.85
N ILE B 77 -24.50 46.93 26.33
CA ILE B 77 -24.24 46.15 27.54
C ILE B 77 -23.24 46.90 28.37
N ARG B 78 -23.52 47.02 29.66
CA ARG B 78 -22.60 47.76 30.55
C ARG B 78 -22.10 46.83 31.63
N VAL B 79 -20.79 46.75 31.78
CA VAL B 79 -20.18 45.90 32.77
C VAL B 79 -19.45 46.70 33.79
N THR B 80 -19.60 46.35 35.04
CA THR B 80 -18.93 46.99 36.15
C THR B 80 -18.20 45.96 36.98
N ILE B 81 -16.92 46.15 37.18
CA ILE B 81 -16.13 45.35 38.09
C ILE B 81 -15.48 46.25 39.16
N ASP B 82 -15.72 45.90 40.43
CA ASP B 82 -15.23 46.68 41.58
C ASP B 82 -14.59 45.76 42.64
N PRO B 83 -13.29 45.48 42.49
CA PRO B 83 -12.61 44.55 43.37
C PRO B 83 -12.69 44.90 44.86
N GLU B 84 -12.62 46.19 45.17
CA GLU B 84 -12.56 46.66 46.55
C GLU B 84 -13.84 46.31 47.28
N ASN B 85 -14.97 46.55 46.62
CA ASN B 85 -16.29 46.24 47.20
C ASN B 85 -16.78 44.82 46.88
N ASN B 86 -15.90 44.02 46.26
CA ASN B 86 -16.24 42.70 45.77
C ASN B 86 -17.59 42.68 45.04
N LEU B 87 -17.68 43.51 44.00
CA LEU B 87 -18.96 43.84 43.40
C LEU B 87 -18.87 43.82 41.88
N ILE B 88 -19.79 43.11 41.27
CA ILE B 88 -19.89 43.02 39.81
C ILE B 88 -21.32 43.26 39.39
N SER B 89 -21.51 44.01 38.33
CA SER B 89 -22.84 44.21 37.78
C SER B 89 -22.80 44.15 36.27
N ILE B 90 -23.86 43.62 35.68
CA ILE B 90 -23.96 43.46 34.24
C ILE B 90 -25.34 43.93 33.80
N TRP B 91 -25.34 45.02 33.07
CA TRP B 91 -26.54 45.69 32.65
C TRP B 91 -26.72 45.48 31.14
N ASN B 92 -27.97 45.36 30.69
CA ASN B 92 -28.26 45.38 29.26
C ASN B 92 -29.58 46.05 28.94
N ASN B 93 -29.70 46.55 27.71
CA ASN B 93 -30.97 47.12 27.25
C ASN B 93 -31.69 46.12 26.35
N GLY B 94 -32.63 46.58 25.54
CA GLY B 94 -33.52 45.68 24.81
C GLY B 94 -34.58 45.17 25.75
N LYS B 95 -35.47 44.31 25.28
CA LYS B 95 -36.62 43.87 26.07
C LYS B 95 -36.20 43.33 27.42
N GLY B 96 -36.94 43.77 28.44
CA GLY B 96 -36.74 43.28 29.81
C GLY B 96 -37.49 41.98 30.00
N ILE B 97 -37.35 41.42 31.19
CA ILE B 97 -38.03 40.18 31.48
C ILE B 97 -39.45 40.56 31.86
N PRO B 98 -40.45 39.82 31.34
CA PRO B 98 -41.84 40.05 31.73
C PRO B 98 -42.08 40.13 33.23
N VAL B 99 -42.44 41.32 33.71
CA VAL B 99 -42.72 41.53 35.16
C VAL B 99 -44.20 41.22 35.41
N VAL B 100 -44.49 39.97 35.71
CA VAL B 100 -45.81 39.48 35.79
C VAL B 100 -45.74 38.14 36.50
N GLU B 101 -46.85 37.72 37.10
CA GLU B 101 -46.91 36.42 37.77
C GLU B 101 -47.04 35.29 36.78
N HIS B 102 -46.22 34.27 36.98
CA HIS B 102 -46.28 33.04 36.19
C HIS B 102 -47.45 32.27 36.73
N LYS B 103 -48.39 31.95 35.88
CA LYS B 103 -49.63 31.29 36.31
C LYS B 103 -49.46 29.85 36.79
N VAL B 104 -48.47 29.16 36.25
CA VAL B 104 -48.23 27.76 36.68
C VAL B 104 -47.38 27.70 37.96
N GLU B 105 -46.37 28.55 38.06
CA GLU B 105 -45.40 28.47 39.14
C GLU B 105 -45.72 29.43 40.25
N LYS B 106 -46.68 30.32 40.00
CA LYS B 106 -47.25 31.17 41.04
C LYS B 106 -46.20 32.06 41.67
N MET B 107 -45.31 32.57 40.84
CA MET B 107 -44.42 33.65 41.26
C MET B 107 -44.07 34.50 40.05
N TYR B 108 -43.60 35.71 40.31
CA TYR B 108 -43.15 36.59 39.25
C TYR B 108 -42.00 35.96 38.47
N VAL B 109 -42.02 36.16 37.15
CA VAL B 109 -41.10 35.50 36.24
C VAL B 109 -39.63 35.75 36.59
N PRO B 110 -39.25 36.99 36.79
CA PRO B 110 -37.86 37.19 37.16
C PRO B 110 -37.43 36.38 38.38
N ALA B 111 -38.27 36.34 39.41
CA ALA B 111 -37.92 35.59 40.62
C ALA B 111 -37.81 34.09 40.30
N LEU B 112 -38.63 33.65 39.36
CA LEU B 112 -38.67 32.25 38.98
C LEU B 112 -37.37 31.82 38.28
N ILE B 113 -36.95 32.60 37.29
CA ILE B 113 -35.85 32.20 36.44
C ILE B 113 -34.46 32.56 37.00
N PHE B 114 -34.42 33.38 38.06
CA PHE B 114 -33.16 33.68 38.73
C PHE B 114 -33.06 33.00 40.08
N GLY B 115 -34.18 32.50 40.58
CA GLY B 115 -34.25 31.95 41.96
C GLY B 115 -34.63 30.47 42.07
N GLN B 116 -35.07 29.87 40.96
CA GLN B 116 -35.47 28.46 40.99
C GLN B 116 -34.64 27.70 39.98
N LEU B 117 -34.19 26.53 40.37
CA LEU B 117 -33.37 25.71 39.54
C LEU B 117 -34.19 25.12 38.40
N LEU B 118 -33.50 24.86 37.30
CA LEU B 118 -34.07 24.22 36.13
C LEU B 118 -35.17 25.07 35.45
N THR B 119 -34.89 26.34 35.29
CA THR B 119 -35.79 27.28 34.68
C THR B 119 -35.10 27.98 33.51
N SER B 120 -35.78 28.04 32.38
CA SER B 120 -35.20 28.56 31.15
C SER B 120 -36.28 28.89 30.13
N SER B 121 -35.97 29.84 29.25
CA SER B 121 -36.76 30.02 28.03
C SER B 121 -36.15 29.27 26.82
N ASN B 122 -35.14 28.45 27.07
CA ASN B 122 -34.47 27.72 26.00
C ASN B 122 -34.64 26.23 26.12
N TYR B 123 -35.74 25.77 26.68
CA TYR B 123 -36.00 24.33 26.83
C TYR B 123 -36.79 23.72 25.69
N ASP B 124 -37.33 24.55 24.83
CA ASP B 124 -37.96 24.07 23.61
C ASP B 124 -36.92 24.07 22.47
N ASP B 125 -36.46 22.89 22.08
CA ASP B 125 -35.46 22.78 20.99
C ASP B 125 -36.03 22.89 19.57
N ASP B 126 -37.35 22.69 19.42
CA ASP B 126 -38.04 22.95 18.15
C ASP B 126 -37.84 24.39 17.65
N GLU B 127 -37.71 25.34 18.58
CA GLU B 127 -37.52 26.74 18.24
C GLU B 127 -36.18 27.08 17.55
N LYS B 128 -35.19 26.21 17.68
CA LYS B 128 -33.90 26.37 16.96
C LYS B 128 -33.27 27.78 17.14
N LYS B 129 -32.72 27.98 18.32
CA LYS B 129 -32.15 29.27 18.73
C LYS B 129 -30.61 29.24 18.79
N VAL B 130 -30.02 30.41 18.64
CA VAL B 130 -28.58 30.56 18.68
C VAL B 130 -28.16 31.35 19.92
N THR B 131 -28.68 30.94 21.07
CA THR B 131 -28.26 31.47 22.36
C THR B 131 -27.18 30.63 22.98
N GLY B 132 -26.43 31.23 23.86
CA GLY B 132 -25.50 30.46 24.68
C GLY B 132 -26.28 29.64 25.71
N GLY B 133 -27.43 30.14 26.10
CA GLY B 133 -28.28 29.48 27.06
C GLY B 133 -28.97 28.24 26.53
N ARG B 134 -29.04 27.23 27.36
CA ARG B 134 -29.62 25.96 26.95
C ARG B 134 -30.11 25.07 28.15
N ASN B 135 -29.48 25.19 29.33
CA ASN B 135 -29.70 24.26 30.42
C ASN B 135 -30.52 24.78 31.58
N GLY B 136 -30.67 26.08 31.67
CA GLY B 136 -31.42 26.66 32.80
C GLY B 136 -30.76 26.62 34.17
N TYR B 137 -29.43 26.56 34.19
CA TYR B 137 -28.65 26.58 35.44
C TYR B 137 -27.93 27.91 35.69
N GLY B 138 -27.34 28.46 34.64
CA GLY B 138 -26.39 29.55 34.75
C GLY B 138 -26.63 30.63 35.80
N ALA B 139 -27.75 31.32 35.67
CA ALA B 139 -28.04 32.45 36.51
C ALA B 139 -28.18 31.99 37.96
N LYS B 140 -28.76 30.81 38.13
CA LYS B 140 -28.93 30.23 39.48
C LYS B 140 -27.56 29.90 40.09
N LEU B 141 -26.64 29.39 39.26
CA LEU B 141 -25.34 29.06 39.74
C LEU B 141 -24.62 30.30 40.23
N CYS B 142 -24.75 31.40 39.53
CA CYS B 142 -24.14 32.65 39.96
C CYS B 142 -24.70 33.08 41.30
N ASN B 143 -26.00 32.92 41.41
CA ASN B 143 -26.70 33.21 42.63
C ASN B 143 -26.24 32.31 43.76
N ILE B 144 -26.21 31.01 43.53
CA ILE B 144 -25.77 30.06 44.58
C ILE B 144 -24.36 30.32 45.06
N PHE B 145 -23.49 30.81 44.18
CA PHE B 145 -22.11 31.11 44.57
C PHE B 145 -21.83 32.57 44.81
N SER B 146 -22.86 33.27 45.22
CA SER B 146 -22.76 34.67 45.63
C SER B 146 -23.35 34.87 47.06
N THR B 147 -22.72 35.74 47.83
CA THR B 147 -23.24 36.11 49.17
C THR B 147 -24.42 37.04 49.06
N LYS B 148 -24.43 37.86 48.02
CA LYS B 148 -25.57 38.70 47.65
C LYS B 148 -25.73 38.71 46.12
N PHE B 149 -26.98 38.62 45.67
CA PHE B 149 -27.28 38.57 44.23
C PHE B 149 -28.57 39.31 43.96
N THR B 150 -28.47 40.39 43.23
CA THR B 150 -29.63 41.27 43.00
C THR B 150 -30.07 41.27 41.52
N VAL B 151 -31.35 41.08 41.29
CA VAL B 151 -31.93 41.12 39.97
C VAL B 151 -32.82 42.33 39.85
N GLU B 152 -32.56 43.14 38.84
CA GLU B 152 -33.44 44.26 38.53
C GLU B 152 -33.77 44.20 37.03
N THR B 153 -35.05 44.19 36.71
CA THR B 153 -35.46 44.24 35.32
C THR B 153 -36.71 45.11 35.18
N ALA B 154 -36.87 45.72 34.00
CA ALA B 154 -37.94 46.69 33.72
C ALA B 154 -38.60 46.40 32.37
N SER B 155 -39.91 46.24 32.41
CA SER B 155 -40.69 45.84 31.25
C SER B 155 -41.80 46.88 30.96
N ARG B 156 -41.55 47.72 29.97
CA ARG B 156 -42.56 48.65 29.46
C ARG B 156 -43.87 47.91 29.11
N GLU B 157 -43.74 46.79 28.42
CA GLU B 157 -44.86 45.98 27.95
C GLU B 157 -45.80 45.61 29.08
N TYR B 158 -45.27 45.32 30.25
CA TYR B 158 -46.09 45.06 31.43
C TYR B 158 -46.13 46.23 32.40
N LYS B 159 -45.53 47.34 32.00
CA LYS B 159 -45.63 48.60 32.74
C LYS B 159 -45.10 48.52 34.16
N LYS B 160 -44.19 47.60 34.42
CA LYS B 160 -43.61 47.43 35.78
C LYS B 160 -42.10 47.16 35.82
N MET B 161 -41.52 47.49 36.96
CA MET B 161 -40.13 47.22 37.23
C MET B 161 -40.07 46.24 38.42
N PHE B 162 -39.19 45.27 38.31
CA PHE B 162 -39.00 44.25 39.31
C PHE B 162 -37.62 44.41 39.93
N LYS B 163 -37.53 44.23 41.23
CA LYS B 163 -36.25 44.24 41.92
C LYS B 163 -36.29 43.33 43.14
N GLN B 164 -35.28 42.47 43.26
CA GLN B 164 -35.21 41.49 44.32
C GLN B 164 -33.76 41.03 44.56
N THR B 165 -33.44 40.82 45.83
CA THR B 165 -32.11 40.44 46.27
C THR B 165 -32.14 39.09 46.95
N TRP B 166 -31.20 38.23 46.60
CA TRP B 166 -30.98 36.96 47.24
C TRP B 166 -29.71 37.04 48.02
N MET B 167 -29.57 36.20 49.05
CA MET B 167 -28.39 36.27 49.91
C MET B 167 -27.97 34.88 50.34
N ASP B 168 -26.72 34.77 50.77
CA ASP B 168 -26.21 33.54 51.43
C ASP B 168 -26.40 32.31 50.58
N ASN B 169 -25.79 32.34 49.39
CA ASN B 169 -25.83 31.20 48.46
C ASN B 169 -27.26 30.82 48.10
N MET B 170 -28.08 31.81 47.82
CA MET B 170 -29.48 31.59 47.45
C MET B 170 -30.24 30.88 48.55
N GLY B 171 -29.80 31.08 49.78
CA GLY B 171 -30.43 30.45 50.95
C GLY B 171 -31.62 31.23 51.46
N ARG B 172 -31.61 32.53 51.22
CA ARG B 172 -32.75 33.40 51.55
C ARG B 172 -32.83 34.52 50.55
N ALA B 173 -33.99 35.16 50.53
CA ALA B 173 -34.27 36.29 49.65
C ALA B 173 -34.95 37.43 50.41
N GLY B 174 -34.63 38.66 50.01
CA GLY B 174 -35.33 39.83 50.52
C GLY B 174 -36.70 39.93 49.88
N GLU B 175 -37.47 40.93 50.30
CA GLU B 175 -38.78 41.15 49.72
C GLU B 175 -38.66 41.63 48.29
N MET B 176 -39.60 41.20 47.47
CA MET B 176 -39.70 41.62 46.09
C MET B 176 -40.32 43.01 46.00
N GLU B 177 -39.65 43.92 45.32
CA GLU B 177 -40.13 45.28 45.11
C GLU B 177 -40.67 45.45 43.70
N LEU B 178 -41.91 45.91 43.60
CA LEU B 178 -42.53 46.30 42.32
C LEU B 178 -42.80 47.81 42.24
N LYS B 179 -42.69 48.38 41.06
CA LYS B 179 -42.96 49.79 40.84
C LYS B 179 -43.49 50.00 39.43
N PRO B 180 -44.28 51.06 39.23
CA PRO B 180 -44.76 51.34 37.87
C PRO B 180 -43.60 51.74 37.02
N PHE B 181 -43.72 51.54 35.71
CA PHE B 181 -42.63 51.85 34.81
C PHE B 181 -43.16 52.04 33.37
N ASN B 182 -42.67 53.07 32.68
CA ASN B 182 -42.85 53.21 31.20
C ASN B 182 -41.65 53.76 30.43
N GLY B 183 -40.45 53.65 30.99
CA GLY B 183 -39.19 54.03 30.29
C GLY B 183 -38.71 52.99 29.24
N GLU B 184 -37.45 53.11 28.85
CA GLU B 184 -36.83 52.10 28.00
C GLU B 184 -36.33 50.92 28.86
N ASP B 185 -36.59 49.70 28.35
CA ASP B 185 -36.35 48.46 29.08
C ASP B 185 -34.87 48.21 29.34
N TYR B 186 -34.57 47.67 30.52
CA TYR B 186 -33.24 47.30 30.93
C TYR B 186 -33.29 46.09 31.88
N THR B 187 -32.18 45.35 31.95
CA THR B 187 -31.98 44.32 32.97
C THR B 187 -30.58 44.49 33.56
N CYS B 188 -30.49 44.46 34.88
CA CYS B 188 -29.23 44.63 35.58
C CYS B 188 -29.08 43.57 36.67
N ILE B 189 -28.04 42.78 36.56
CA ILE B 189 -27.75 41.78 37.55
C ILE B 189 -26.52 42.25 38.31
N THR B 190 -26.62 42.33 39.61
CA THR B 190 -25.54 42.83 40.46
C THR B 190 -25.28 41.79 41.50
N PHE B 191 -24.03 41.35 41.61
CA PHE B 191 -23.67 40.28 42.56
C PHE B 191 -22.28 40.40 43.21
N GLN B 192 -22.18 39.80 44.38
CA GLN B 192 -20.96 39.74 45.15
C GLN B 192 -20.60 38.24 45.27
N PRO B 193 -19.57 37.81 44.54
CA PRO B 193 -19.25 36.40 44.56
C PRO B 193 -18.72 35.96 45.93
N ASP B 194 -19.07 34.74 46.31
CA ASP B 194 -18.68 34.16 47.58
C ASP B 194 -17.27 33.64 47.45
N LEU B 195 -16.32 34.52 47.70
CA LEU B 195 -14.90 34.19 47.49
C LEU B 195 -14.37 33.06 48.37
N SER B 196 -14.97 32.87 49.53
CA SER B 196 -14.56 31.76 50.41
C SER B 196 -14.83 30.39 49.77
N LYS B 197 -15.87 30.32 48.95
CA LYS B 197 -16.16 29.08 48.22
C LYS B 197 -15.10 28.80 47.18
N PHE B 198 -14.37 29.84 46.76
CA PHE B 198 -13.28 29.69 45.76
C PHE B 198 -11.89 29.83 46.37
N LYS B 199 -11.84 29.92 47.71
CA LYS B 199 -10.59 30.09 48.47
C LYS B 199 -9.80 31.31 48.05
N MET B 200 -10.47 32.44 47.94
CA MET B 200 -9.82 33.67 47.49
C MET B 200 -10.10 34.80 48.45
N GLN B 201 -9.20 35.79 48.46
CA GLN B 201 -9.30 36.94 49.37
C GLN B 201 -9.95 38.10 48.68
N SER B 202 -9.66 38.27 47.40
CA SER B 202 -10.31 39.32 46.61
C SER B 202 -10.31 38.98 45.12
N LEU B 203 -10.93 39.83 44.33
CA LEU B 203 -10.83 39.74 42.89
C LEU B 203 -9.49 40.26 42.47
N ASP B 204 -8.52 39.36 42.38
CA ASP B 204 -7.16 39.74 42.06
C ASP B 204 -6.93 40.17 40.59
N LYS B 205 -5.71 40.56 40.28
CA LYS B 205 -5.34 41.07 38.97
C LYS B 205 -5.73 40.09 37.88
N ASP B 206 -5.38 38.81 38.05
CA ASP B 206 -5.54 37.79 37.03
C ASP B 206 -7.02 37.53 36.64
N ILE B 207 -7.88 37.28 37.63
CA ILE B 207 -9.26 37.03 37.35
C ILE B 207 -9.89 38.27 36.73
N VAL B 208 -9.51 39.45 37.21
CA VAL B 208 -10.05 40.69 36.64
C VAL B 208 -9.61 40.84 35.20
N ALA B 209 -8.39 40.42 34.90
CA ALA B 209 -7.85 40.61 33.56
C ALA B 209 -8.65 39.74 32.59
N LEU B 210 -9.05 38.58 33.08
CA LEU B 210 -9.87 37.68 32.30
C LEU B 210 -11.27 38.22 32.09
N MET B 211 -11.86 38.70 33.18
CA MET B 211 -13.19 39.23 33.12
C MET B 211 -13.20 40.39 32.16
N VAL B 212 -12.17 41.21 32.21
CA VAL B 212 -12.12 42.38 31.35
C VAL B 212 -12.04 41.91 29.91
N ARG B 213 -11.21 40.91 29.66
CA ARG B 213 -11.09 40.43 28.29
C ARG B 213 -12.42 39.92 27.74
N ARG B 214 -13.22 39.32 28.61
CA ARG B 214 -14.52 38.85 28.19
C ARG B 214 -15.41 40.01 27.74
N ALA B 215 -15.27 41.14 28.40
CA ALA B 215 -16.03 42.32 27.98
C ALA B 215 -15.67 42.68 26.58
N TYR B 216 -14.37 42.68 26.30
CA TYR B 216 -13.93 42.98 24.95
C TYR B 216 -14.45 41.93 23.97
N ASP B 217 -14.46 40.65 24.39
CA ASP B 217 -14.96 39.56 23.53
C ASP B 217 -16.41 39.83 23.12
N ILE B 218 -17.22 40.23 24.10
CA ILE B 218 -18.61 40.49 23.86
C ILE B 218 -18.75 41.65 22.86
N ALA B 219 -17.91 42.63 23.02
CA ALA B 219 -17.88 43.74 22.10
C ALA B 219 -17.53 43.28 20.70
N GLY B 220 -16.65 42.30 20.63
CA GLY B 220 -16.23 41.75 19.36
C GLY B 220 -17.19 40.77 18.71
N SER B 221 -17.94 40.02 19.53
CA SER B 221 -18.70 38.87 19.04
C SER B 221 -20.15 39.17 18.78
N THR B 222 -20.68 40.19 19.45
CA THR B 222 -22.08 40.56 19.25
C THR B 222 -22.20 41.54 18.11
N LYS B 223 -23.39 41.68 17.53
CA LYS B 223 -23.62 42.64 16.41
C LYS B 223 -24.29 43.90 16.89
N ASP B 224 -23.69 45.05 16.60
CA ASP B 224 -24.24 46.39 16.88
C ASP B 224 -24.56 46.50 18.35
N VAL B 225 -23.60 46.14 19.18
CA VAL B 225 -23.76 46.27 20.62
C VAL B 225 -22.58 47.01 21.15
N LYS B 226 -22.84 48.19 21.70
CA LYS B 226 -21.79 48.92 22.38
C LYS B 226 -21.58 48.26 23.71
N VAL B 227 -20.34 48.21 24.14
CA VAL B 227 -20.02 47.65 25.45
C VAL B 227 -19.28 48.66 26.33
N PHE B 228 -19.73 48.81 27.55
CA PHE B 228 -19.07 49.68 28.48
C PHE B 228 -18.46 48.90 29.62
N LEU B 229 -17.29 49.33 30.04
CA LEU B 229 -16.62 48.71 31.13
C LEU B 229 -16.46 49.73 32.21
N ASN B 230 -17.03 49.45 33.35
CA ASN B 230 -17.02 50.39 34.43
C ASN B 230 -17.78 51.61 33.96
N GLY B 231 -17.17 52.48 33.17
CA GLY B 231 -17.91 53.62 32.66
C GLY B 231 -17.64 53.94 31.22
N ASN B 232 -16.64 53.30 30.68
CA ASN B 232 -15.99 53.66 29.44
C ASN B 232 -16.35 52.75 28.31
N LYS B 233 -16.72 53.35 27.18
CA LYS B 233 -17.04 52.58 26.02
C LYS B 233 -15.80 51.91 25.50
N LEU B 234 -15.91 50.62 25.24
CA LEU B 234 -14.79 49.87 24.72
C LEU B 234 -14.70 50.26 23.29
N PRO B 235 -13.45 50.52 22.85
CA PRO B 235 -13.22 50.93 21.45
C PRO B 235 -13.28 49.78 20.42
N VAL B 236 -14.21 48.84 20.59
CA VAL B 236 -14.33 47.72 19.66
C VAL B 236 -15.64 47.84 18.89
N LYS B 237 -15.55 48.05 17.60
CA LYS B 237 -16.70 48.18 16.70
C LYS B 237 -16.73 46.90 15.82
N GLY B 238 -17.27 45.81 16.34
CA GLY B 238 -17.34 44.55 15.56
C GLY B 238 -16.10 43.66 15.58
N PHE B 239 -16.19 42.53 14.91
CA PHE B 239 -15.23 41.44 15.04
C PHE B 239 -13.83 41.77 14.44
N ARG B 240 -13.84 42.34 13.26
CA ARG B 240 -12.63 42.83 12.63
C ARG B 240 -11.79 43.70 13.57
N SER B 241 -12.40 44.69 14.18
CA SER B 241 -11.67 45.56 15.12
C SER B 241 -11.25 44.82 16.38
N TYR B 242 -12.02 43.80 16.74
CA TYR B 242 -11.62 42.94 17.85
C TYR B 242 -10.34 42.18 17.45
N VAL B 243 -10.32 41.62 16.27
CA VAL B 243 -9.16 40.88 15.84
C VAL B 243 -7.94 41.78 15.78
N ASP B 244 -8.12 43.03 15.35
CA ASP B 244 -7.00 43.99 15.23
C ASP B 244 -6.26 44.15 16.56
N MET B 245 -6.96 44.11 17.67
CA MET B 245 -6.29 44.25 18.97
C MET B 245 -5.22 43.20 19.16
N TYR B 246 -5.45 42.00 18.63
CA TYR B 246 -4.47 40.90 18.80
C TYR B 246 -3.27 41.08 17.89
N LEU B 247 -3.41 41.91 16.87
CA LEU B 247 -2.38 42.18 15.88
C LEU B 247 -1.89 43.66 16.05
N LYS B 248 -0.75 44.08 15.51
CA LYS B 248 -0.23 45.44 15.89
C LYS B 248 -0.88 46.56 15.08
N LYS B 259 -0.35 41.23 7.86
CA LYS B 259 -1.38 40.93 6.84
C LYS B 259 -2.57 40.08 7.32
N VAL B 260 -3.79 40.61 7.15
CA VAL B 260 -5.01 39.95 7.64
C VAL B 260 -6.12 39.84 6.62
N ILE B 261 -6.64 38.65 6.43
CA ILE B 261 -7.70 38.40 5.46
C ILE B 261 -9.00 38.25 6.24
N HIS B 262 -10.08 38.80 5.69
CA HIS B 262 -11.38 38.93 6.40
C HIS B 262 -12.55 38.53 5.48
N GLU B 263 -13.59 37.96 6.05
CA GLU B 263 -14.86 37.81 5.36
C GLU B 263 -16.00 37.61 6.35
N GLN B 264 -17.03 38.45 6.23
CA GLN B 264 -18.31 38.19 6.87
C GLN B 264 -19.08 37.30 5.95
N VAL B 265 -18.99 36.00 6.18
CA VAL B 265 -19.51 35.04 5.20
C VAL B 265 -21.02 35.15 5.05
N ASN B 266 -21.68 35.26 6.19
CA ASN B 266 -23.12 35.41 6.25
C ASN B 266 -23.52 35.89 7.63
N HIS B 267 -24.82 36.05 7.85
CA HIS B 267 -25.35 36.54 9.13
C HIS B 267 -24.89 35.73 10.38
N ARG B 268 -24.35 34.54 10.18
CA ARG B 268 -23.95 33.67 11.28
C ARG B 268 -22.46 33.29 11.34
N TRP B 269 -21.68 33.73 10.36
CA TRP B 269 -20.25 33.42 10.36
C TRP B 269 -19.40 34.60 9.96
N GLU B 270 -18.35 34.82 10.72
CA GLU B 270 -17.36 35.80 10.34
C GLU B 270 -15.94 35.20 10.57
N VAL B 271 -15.05 35.37 9.59
CA VAL B 271 -13.73 34.78 9.66
C VAL B 271 -12.60 35.75 9.33
N CYS B 272 -11.58 35.75 10.18
CA CYS B 272 -10.31 36.40 9.87
C CYS B 272 -9.18 35.38 9.92
N LEU B 273 -8.17 35.60 9.07
CA LEU B 273 -7.01 34.71 8.95
C LEU B 273 -5.75 35.50 8.77
N THR B 274 -4.74 35.12 9.52
CA THR B 274 -3.38 35.61 9.34
C THR B 274 -2.35 34.49 9.53
N MET B 275 -1.07 34.80 9.35
CA MET B 275 -0.01 33.80 9.48
C MET B 275 0.37 33.63 10.93
N SER B 276 0.61 32.39 11.32
CA SER B 276 1.18 32.09 12.64
C SER B 276 2.60 31.59 12.47
N GLU B 277 3.46 32.01 13.40
CA GLU B 277 4.83 31.48 13.50
C GLU B 277 5.01 30.68 14.78
N LYS B 278 3.93 30.46 15.53
CA LYS B 278 3.97 29.71 16.80
C LYS B 278 3.10 28.43 16.72
N GLY B 279 2.85 27.91 15.52
CA GLY B 279 1.96 26.76 15.35
C GLY B 279 0.52 27.20 15.11
N PHE B 280 -0.38 26.24 14.91
CA PHE B 280 -1.77 26.54 14.68
C PHE B 280 -2.35 27.30 15.85
N GLN B 281 -2.93 28.46 15.59
CA GLN B 281 -3.60 29.25 16.64
C GLN B 281 -5.06 29.46 16.24
N GLN B 282 -5.93 29.43 17.23
CA GLN B 282 -7.30 29.81 16.96
C GLN B 282 -7.90 30.63 18.08
N ILE B 283 -8.74 31.58 17.70
CA ILE B 283 -9.49 32.42 18.62
C ILE B 283 -10.89 32.40 18.13
N SER B 284 -11.83 31.94 18.95
CA SER B 284 -13.18 31.73 18.45
C SER B 284 -14.27 31.86 19.46
N PHE B 285 -15.47 32.04 18.94
CA PHE B 285 -16.66 32.21 19.73
C PHE B 285 -17.84 31.51 19.10
N VAL B 286 -18.65 30.87 19.94
CA VAL B 286 -19.92 30.27 19.55
C VAL B 286 -21.01 30.87 20.42
N ASN B 287 -21.92 31.60 19.80
CA ASN B 287 -22.99 32.31 20.54
C ASN B 287 -22.44 33.16 21.69
N SER B 288 -21.38 33.89 21.36
CA SER B 288 -20.65 34.71 22.34
C SER B 288 -19.95 33.95 23.50
N ILE B 289 -19.94 32.63 23.43
CA ILE B 289 -19.16 31.86 24.36
C ILE B 289 -17.75 31.72 23.83
N ALA B 290 -16.77 31.90 24.71
CA ALA B 290 -15.36 31.79 24.35
C ALA B 290 -14.89 30.35 24.26
N THR B 291 -14.81 29.82 23.03
CA THR B 291 -14.38 28.44 22.81
C THR B 291 -12.88 28.39 22.68
N SER B 292 -12.23 28.56 23.82
CA SER B 292 -10.77 28.68 23.89
C SER B 292 -9.97 27.49 23.38
N LYS B 293 -10.55 26.30 23.48
CA LYS B 293 -9.92 25.08 23.01
C LYS B 293 -10.48 24.65 21.65
N GLY B 294 -11.30 25.49 21.05
CA GLY B 294 -11.77 25.27 19.67
C GLY B 294 -13.05 24.51 19.58
N GLY B 295 -13.11 23.61 18.61
CA GLY B 295 -14.27 22.78 18.38
C GLY B 295 -14.49 22.55 16.91
N ARG B 296 -15.58 21.86 16.61
CA ARG B 296 -15.92 21.51 15.23
C ARG B 296 -16.15 22.73 14.32
N HIS B 297 -16.60 23.83 14.91
CA HIS B 297 -16.76 25.10 14.18
C HIS B 297 -15.44 25.65 13.64
N VAL B 298 -14.39 25.52 14.43
CA VAL B 298 -13.06 25.93 13.99
C VAL B 298 -12.51 24.96 12.96
N ASP B 299 -12.68 23.66 13.23
CA ASP B 299 -12.23 22.61 12.29
C ASP B 299 -12.93 22.77 10.93
N TYR B 300 -14.22 23.07 10.97
CA TYR B 300 -14.99 23.27 9.75
C TYR B 300 -14.38 24.37 8.89
N VAL B 301 -14.05 25.50 9.48
CA VAL B 301 -13.57 26.63 8.66
C VAL B 301 -12.13 26.44 8.25
N ALA B 302 -11.33 26.06 9.22
CA ALA B 302 -9.93 25.89 9.01
C ALA B 302 -9.66 24.82 7.94
N ASP B 303 -10.28 23.66 8.04
CA ASP B 303 -9.96 22.52 7.12
C ASP B 303 -10.29 22.86 5.67
N GLN B 304 -11.32 23.64 5.53
CA GLN B 304 -11.73 24.20 4.24
C GLN B 304 -10.60 25.02 3.61
N ILE B 305 -9.96 25.87 4.42
CA ILE B 305 -8.83 26.70 3.96
C ILE B 305 -7.58 25.85 3.71
N VAL B 306 -7.29 24.96 4.65
CA VAL B 306 -6.16 24.03 4.53
C VAL B 306 -6.19 23.26 3.22
N THR B 307 -7.29 22.57 2.97
CA THR B 307 -7.49 21.83 1.72
C THR B 307 -7.10 22.65 0.48
N LYS B 308 -7.63 23.85 0.39
CA LYS B 308 -7.38 24.69 -0.80
C LYS B 308 -5.93 25.13 -0.94
N LEU B 309 -5.27 25.31 0.18
CA LEU B 309 -3.90 25.79 0.17
C LEU B 309 -2.92 24.64 -0.06
N VAL B 310 -3.26 23.45 0.42
CA VAL B 310 -2.45 22.29 0.15
C VAL B 310 -2.38 22.05 -1.35
N ASP B 311 -3.54 22.12 -2.01
CA ASP B 311 -3.62 21.87 -3.46
C ASP B 311 -2.79 22.88 -4.28
N VAL B 312 -2.76 24.13 -3.84
CA VAL B 312 -1.86 25.12 -4.46
C VAL B 312 -0.39 24.78 -4.22
N VAL B 313 -0.08 24.23 -3.06
CA VAL B 313 1.29 23.83 -2.73
C VAL B 313 1.65 22.61 -3.55
N LYS B 314 0.70 21.72 -3.78
CA LYS B 314 0.97 20.53 -4.57
C LYS B 314 1.43 20.99 -5.96
N LYS B 315 0.83 22.05 -6.48
CA LYS B 315 1.14 22.44 -7.84
C LYS B 315 2.62 22.73 -7.97
N LYS B 316 3.21 23.34 -6.94
CA LYS B 316 4.69 23.59 -6.93
C LYS B 316 5.47 23.19 -5.66
N LYS B 324 2.61 17.55 4.24
CA LYS B 324 2.05 18.86 3.98
C LYS B 324 0.48 18.81 4.03
N ALA B 325 -0.09 19.32 5.13
CA ALA B 325 -1.54 19.27 5.47
C ALA B 325 -1.61 19.90 6.85
N HIS B 326 -1.23 19.14 7.87
CA HIS B 326 -1.09 19.72 9.18
C HIS B 326 0.02 20.77 9.20
N GLN B 327 0.89 20.71 8.21
CA GLN B 327 1.99 21.66 8.14
C GLN B 327 1.47 22.99 7.68
N VAL B 328 0.52 22.96 6.76
CA VAL B 328 -0.20 24.17 6.30
C VAL B 328 -1.02 24.76 7.44
N LYS B 329 -1.74 23.88 8.13
CA LYS B 329 -2.55 24.29 9.23
C LYS B 329 -1.69 24.90 10.34
N ASN B 330 -0.46 24.41 10.51
CA ASN B 330 0.42 24.96 11.57
C ASN B 330 0.96 26.34 11.28
N HIS B 331 0.72 26.85 10.08
CA HIS B 331 1.08 28.22 9.72
C HIS B 331 -0.11 29.17 9.85
N MET B 332 -1.25 28.66 10.31
CA MET B 332 -2.46 29.47 10.38
C MET B 332 -2.79 30.03 11.78
N TRP B 333 -3.13 31.32 11.80
CA TRP B 333 -3.78 31.95 12.97
C TRP B 333 -5.17 32.35 12.53
N ILE B 334 -6.17 31.66 13.04
CA ILE B 334 -7.55 31.87 12.55
C ILE B 334 -8.48 32.39 13.64
N PHE B 335 -9.40 33.27 13.23
CA PHE B 335 -10.36 33.90 14.16
C PHE B 335 -11.74 33.64 13.63
N VAL B 336 -12.60 33.08 14.46
CA VAL B 336 -13.95 32.69 14.01
C VAL B 336 -15.00 33.10 14.99
N ASN B 337 -16.01 33.81 14.50
CA ASN B 337 -17.19 34.11 15.25
C ASN B 337 -18.39 33.44 14.61
N ALA B 338 -19.10 32.62 15.40
CA ALA B 338 -20.15 31.78 14.88
C ALA B 338 -21.38 31.76 15.73
N LEU B 339 -22.51 31.63 15.04
CA LEU B 339 -23.78 31.39 15.63
C LEU B 339 -24.25 29.99 15.26
N ILE B 340 -24.38 29.16 16.28
CA ILE B 340 -24.69 27.77 16.14
C ILE B 340 -25.96 27.43 16.89
N GLU B 341 -26.79 26.61 16.27
CA GLU B 341 -28.00 26.14 16.90
C GLU B 341 -27.75 25.02 17.88
N ASN B 342 -28.22 25.20 19.11
CA ASN B 342 -28.16 24.16 20.16
C ASN B 342 -26.76 23.56 20.37
N PRO B 343 -25.75 24.42 20.59
CA PRO B 343 -24.38 23.92 20.68
C PRO B 343 -24.15 23.01 21.89
N THR B 344 -23.14 22.16 21.76
CA THR B 344 -22.82 21.18 22.77
C THR B 344 -21.34 21.23 23.09
N PHE B 345 -20.97 20.98 24.36
CA PHE B 345 -19.59 21.17 24.79
C PHE B 345 -19.10 19.99 25.59
N ASP B 346 -17.79 19.76 25.54
CA ASP B 346 -17.25 18.61 26.25
C ASP B 346 -17.22 18.76 27.79
N SER B 347 -17.31 19.97 28.32
CA SER B 347 -17.50 20.16 29.75
C SER B 347 -18.35 21.37 30.06
N GLN B 348 -18.58 21.60 31.35
CA GLN B 348 -18.89 22.93 31.82
C GLN B 348 -17.51 23.58 31.54
N THR B 349 -17.34 24.84 31.78
CA THR B 349 -16.25 25.61 31.06
C THR B 349 -16.49 25.98 29.60
N LYS B 350 -17.01 25.03 28.81
CA LYS B 350 -17.44 25.26 27.42
C LYS B 350 -16.35 25.75 26.51
N GLU B 351 -15.12 25.30 26.76
CA GLU B 351 -13.97 25.73 25.97
C GLU B 351 -13.88 25.02 24.63
N ASN B 352 -14.63 23.94 24.48
CA ASN B 352 -14.55 23.12 23.27
C ASN B 352 -15.94 22.67 22.80
N MET B 353 -16.33 23.12 21.63
CA MET B 353 -17.70 22.94 21.15
C MET B 353 -17.73 21.73 20.24
N THR B 354 -18.58 20.76 20.59
CA THR B 354 -18.51 19.39 20.00
C THR B 354 -19.59 19.03 19.01
N LEU B 355 -20.56 19.92 18.78
CA LEU B 355 -21.61 19.69 17.78
C LEU B 355 -21.06 19.49 16.35
N GLN B 356 -21.61 18.53 15.61
CA GLN B 356 -21.13 18.26 14.26
C GLN B 356 -21.70 19.27 13.28
N PRO B 357 -20.94 19.62 12.24
CA PRO B 357 -21.36 20.57 11.24
C PRO B 357 -22.72 20.39 10.60
N LYS B 358 -23.14 19.14 10.46
CA LYS B 358 -24.46 18.88 9.86
C LYS B 358 -25.59 19.49 10.72
N SER B 359 -25.42 19.53 12.05
CA SER B 359 -26.44 20.11 12.93
C SER B 359 -26.29 21.62 13.25
N PHE B 360 -25.36 22.31 12.59
CA PHE B 360 -25.08 23.71 12.90
C PHE B 360 -26.28 24.64 12.67
N GLY B 361 -27.10 24.33 11.67
CA GLY B 361 -28.21 25.22 11.24
C GLY B 361 -27.81 26.19 10.15
N SER B 362 -26.54 26.19 9.76
CA SER B 362 -26.06 27.01 8.65
C SER B 362 -24.81 26.38 8.08
N THR B 363 -24.34 26.91 6.95
CA THR B 363 -23.03 26.53 6.37
C THR B 363 -22.12 27.75 6.37
N CYS B 364 -20.86 27.53 6.01
CA CYS B 364 -19.86 28.61 5.94
C CYS B 364 -18.88 28.32 4.84
N GLN B 365 -19.35 28.50 3.61
CA GLN B 365 -18.50 28.36 2.40
C GLN B 365 -17.81 29.66 2.13
N LEU B 366 -16.50 29.69 2.34
CA LEU B 366 -15.73 30.90 2.11
C LEU B 366 -15.76 31.25 0.63
N SER B 367 -15.80 32.55 0.34
CA SER B 367 -15.81 33.05 -1.04
C SER B 367 -14.50 32.77 -1.74
N GLU B 368 -14.53 32.77 -3.07
CA GLU B 368 -13.31 32.53 -3.84
C GLU B 368 -12.31 33.66 -3.62
N LYS B 369 -12.83 34.87 -3.50
CA LYS B 369 -11.98 36.03 -3.17
C LYS B 369 -11.15 35.82 -1.89
N PHE B 370 -11.82 35.32 -0.84
CA PHE B 370 -11.17 35.02 0.44
C PHE B 370 -10.10 33.96 0.23
N ILE B 371 -10.49 32.87 -0.40
CA ILE B 371 -9.52 31.84 -0.71
C ILE B 371 -8.33 32.36 -1.50
N LYS B 372 -8.59 33.14 -2.55
CA LYS B 372 -7.52 33.72 -3.35
C LYS B 372 -6.60 34.59 -2.49
N ALA B 373 -7.19 35.45 -1.67
CA ALA B 373 -6.39 36.33 -0.82
C ALA B 373 -5.56 35.48 0.15
N ALA B 374 -6.15 34.38 0.58
CA ALA B 374 -5.50 33.42 1.48
C ALA B 374 -4.30 32.74 0.86
N ILE B 375 -4.37 32.46 -0.43
CA ILE B 375 -3.26 31.87 -1.13
C ILE B 375 -2.08 32.82 -1.13
N GLY B 376 -2.36 34.13 -1.20
CA GLY B 376 -1.33 35.17 -1.06
C GLY B 376 -0.96 35.14 0.41
N CYS B 377 -1.14 36.25 1.12
CA CYS B 377 -1.15 36.22 2.60
C CYS B 377 0.20 35.93 3.26
N GLY B 378 1.19 35.46 2.49
CA GLY B 378 2.47 35.10 3.07
C GLY B 378 2.24 33.82 3.86
N ILE B 379 2.30 32.71 3.14
CA ILE B 379 1.91 31.42 3.72
C ILE B 379 2.27 30.21 2.90
N VAL B 380 1.73 30.12 1.70
CA VAL B 380 2.18 29.07 0.80
C VAL B 380 3.68 29.35 0.57
N GLU B 381 4.07 30.63 0.64
CA GLU B 381 5.46 31.03 0.37
C GLU B 381 6.39 30.56 1.46
N SER B 382 6.03 30.82 2.71
CA SER B 382 6.81 30.30 3.85
C SER B 382 7.09 28.79 3.73
N ILE B 383 6.04 28.04 3.43
CA ILE B 383 6.13 26.59 3.27
C ILE B 383 7.05 26.19 2.10
N LEU B 384 6.86 26.83 0.94
CA LEU B 384 7.71 26.55 -0.22
C LEU B 384 9.20 26.89 0.03
N ASN B 385 9.47 28.02 0.66
CA ASN B 385 10.83 28.42 0.95
C ASN B 385 11.43 27.43 1.90
N TRP B 386 10.65 27.09 2.91
CA TRP B 386 11.09 26.12 3.87
C TRP B 386 11.40 24.78 3.22
N VAL B 387 10.58 24.34 2.28
CA VAL B 387 10.73 23.02 1.69
C VAL B 387 11.90 23.00 0.70
N LYS B 388 12.07 24.09 -0.05
CA LYS B 388 13.25 24.24 -0.92
C LYS B 388 14.50 24.18 -0.04
N PHE B 389 14.46 24.89 1.08
CA PHE B 389 15.57 24.91 2.01
C PHE B 389 15.94 23.52 2.53
N LYS B 390 14.97 22.72 2.97
CA LYS B 390 15.29 21.39 3.49
C LYS B 390 15.90 20.49 2.43
N ALA B 391 15.65 20.80 1.16
CA ALA B 391 16.20 19.99 0.08
C ALA B 391 17.69 20.35 -0.08
N GLN B 392 18.01 21.62 0.16
CA GLN B 392 19.41 22.11 0.13
C GLN B 392 20.30 21.65 1.32
N VAL B 393 19.68 21.20 2.39
CA VAL B 393 20.46 20.88 3.56
C VAL B 393 21.16 19.52 3.46
N GLN B 394 22.41 19.51 3.91
CA GLN B 394 23.21 18.30 4.00
C GLN B 394 23.57 18.08 5.44
N LEU B 395 23.41 16.86 5.92
CA LEU B 395 23.82 16.56 7.30
C LEU B 395 25.21 15.89 7.29
N ASN B 396 26.17 16.51 7.98
CA ASN B 396 27.59 16.04 8.03
C ASN B 396 28.09 15.86 9.46
N SER C 1 -5.18 -43.92 -17.75
CA SER C 1 -4.45 -44.22 -19.02
C SER C 1 -4.57 -43.05 -19.96
N VAL C 2 -5.78 -42.74 -20.42
CA VAL C 2 -6.02 -41.46 -21.08
C VAL C 2 -5.45 -40.33 -20.24
N GLU C 3 -5.65 -40.44 -18.92
CA GLU C 3 -5.24 -39.40 -17.99
C GLU C 3 -3.73 -39.38 -17.79
N ARG C 4 -3.07 -40.52 -17.96
CA ARG C 4 -1.61 -40.53 -17.89
C ARG C 4 -0.97 -40.12 -19.21
N ILE C 5 -1.60 -40.47 -20.33
CA ILE C 5 -1.08 -40.11 -21.66
C ILE C 5 -1.20 -38.60 -21.92
N TYR C 6 -2.40 -38.05 -21.80
CA TYR C 6 -2.67 -36.62 -22.07
C TYR C 6 -2.63 -35.82 -20.77
N GLN C 7 -1.62 -34.98 -20.61
CA GLN C 7 -1.39 -34.25 -19.36
C GLN C 7 -1.40 -32.78 -19.57
N LYS C 8 -1.79 -32.05 -18.53
CA LYS C 8 -1.71 -30.59 -18.47
C LYS C 8 -0.77 -30.21 -17.36
N LYS C 9 0.08 -29.19 -17.62
CA LYS C 9 1.09 -28.73 -16.66
C LYS C 9 0.79 -27.33 -16.21
N THR C 10 1.14 -27.03 -14.96
CA THR C 10 1.11 -25.64 -14.49
C THR C 10 2.26 -24.89 -15.14
N GLN C 11 2.20 -23.57 -15.09
CA GLN C 11 3.23 -22.74 -15.68
C GLN C 11 4.59 -23.09 -15.06
N LEU C 12 4.61 -23.25 -13.76
CA LEU C 12 5.81 -23.55 -13.04
C LEU C 12 6.36 -24.91 -13.41
N GLU C 13 5.51 -25.91 -13.48
CA GLU C 13 5.98 -27.25 -13.83
C GLU C 13 6.60 -27.22 -15.21
N HIS C 14 5.95 -26.49 -16.10
CA HIS C 14 6.38 -26.44 -17.49
C HIS C 14 7.77 -25.86 -17.64
N ILE C 15 8.04 -24.80 -16.89
CA ILE C 15 9.36 -24.16 -16.94
C ILE C 15 10.45 -25.13 -16.49
N LEU C 16 10.20 -25.91 -15.45
CA LEU C 16 11.21 -26.85 -14.98
C LEU C 16 11.32 -28.02 -15.91
N LEU C 17 10.21 -28.38 -16.52
CA LEU C 17 10.19 -29.49 -17.45
C LEU C 17 10.81 -29.18 -18.83
N ARG C 18 10.67 -27.93 -19.28
CA ARG C 18 11.18 -27.45 -20.57
C ARG C 18 11.97 -26.16 -20.42
N PRO C 19 13.07 -26.21 -19.68
CA PRO C 19 13.76 -25.01 -19.31
C PRO C 19 14.31 -24.24 -20.48
N ASP C 20 14.83 -24.95 -21.47
CA ASP C 20 15.55 -24.33 -22.58
C ASP C 20 14.68 -23.35 -23.37
N THR C 21 13.36 -23.56 -23.33
CA THR C 21 12.36 -22.61 -23.90
C THR C 21 12.33 -21.25 -23.20
N TYR C 22 12.75 -21.22 -21.94
CA TYR C 22 12.68 -20.01 -21.14
C TYR C 22 14.07 -19.36 -20.89
N ILE C 23 15.07 -20.19 -20.63
CA ILE C 23 16.42 -19.71 -20.30
C ILE C 23 17.53 -20.13 -21.25
N GLY C 24 17.18 -20.83 -22.34
CA GLY C 24 18.21 -21.35 -23.22
C GLY C 24 18.90 -22.61 -22.68
N SER C 25 19.89 -23.07 -23.40
CA SER C 25 20.47 -24.37 -23.10
C SER C 25 20.84 -24.53 -21.61
N VAL C 26 20.39 -25.63 -21.03
CA VAL C 26 20.86 -26.07 -19.73
C VAL C 26 21.98 -27.12 -19.82
N GLU C 27 22.61 -27.17 -21.00
CA GLU C 27 23.76 -28.02 -21.27
C GLU C 27 25.01 -27.15 -21.44
N LEU C 28 26.18 -27.73 -21.19
CA LEU C 28 27.44 -27.03 -21.45
C LEU C 28 27.59 -26.70 -22.92
N VAL C 29 28.11 -25.51 -23.20
CA VAL C 29 28.57 -25.19 -24.54
C VAL C 29 29.99 -24.70 -24.42
N THR C 30 30.70 -24.76 -25.54
CA THR C 30 32.08 -24.32 -25.63
C THR C 30 32.16 -23.34 -26.78
N GLN C 31 32.60 -22.13 -26.49
CA GLN C 31 32.79 -21.15 -27.54
C GLN C 31 33.79 -20.10 -27.11
N GLN C 32 34.32 -19.41 -28.09
CA GLN C 32 35.26 -18.36 -27.85
C GLN C 32 34.53 -17.06 -27.54
N MET C 33 35.01 -16.35 -26.53
CA MET C 33 34.42 -15.07 -26.15
C MET C 33 35.29 -14.31 -25.19
N TRP C 34 34.93 -13.06 -24.98
CA TRP C 34 35.65 -12.22 -24.06
C TRP C 34 35.17 -12.52 -22.66
N VAL C 35 36.12 -12.69 -21.74
CA VAL C 35 35.83 -12.81 -20.31
C VAL C 35 36.84 -12.02 -19.52
N TYR C 36 36.62 -11.91 -18.21
CA TYR C 36 37.53 -11.21 -17.32
C TYR C 36 38.08 -12.20 -16.34
N ASP C 37 39.29 -12.66 -16.60
CA ASP C 37 39.97 -13.63 -15.74
C ASP C 37 40.72 -12.96 -14.59
N GLU C 38 40.72 -13.63 -13.42
CA GLU C 38 41.36 -13.09 -12.24
C GLU C 38 42.86 -12.88 -12.52
N ASP C 39 43.33 -11.67 -12.23
CA ASP C 39 44.75 -11.25 -12.43
C ASP C 39 45.12 -10.90 -13.85
N VAL C 40 44.55 -11.59 -14.83
CA VAL C 40 44.82 -11.33 -16.23
C VAL C 40 43.96 -10.18 -16.78
N GLY C 41 42.70 -10.16 -16.43
CA GLY C 41 41.79 -9.16 -16.94
C GLY C 41 41.09 -9.60 -18.21
N ILE C 42 40.75 -8.65 -19.04
CA ILE C 42 39.90 -8.95 -20.18
C ILE C 42 40.69 -9.73 -21.23
N ASN C 43 40.17 -10.87 -21.64
CA ASN C 43 40.81 -11.63 -22.70
C ASN C 43 39.85 -12.52 -23.45
N TYR C 44 40.25 -12.86 -24.67
CA TYR C 44 39.44 -13.64 -25.56
C TYR C 44 39.98 -15.05 -25.53
N ARG C 45 39.11 -15.99 -25.24
CA ARG C 45 39.50 -17.42 -25.18
C ARG C 45 38.31 -18.36 -25.25
N GLU C 46 38.62 -19.64 -25.36
CA GLU C 46 37.61 -20.69 -25.32
C GLU C 46 37.05 -20.78 -23.90
N VAL C 47 35.74 -20.92 -23.80
CA VAL C 47 35.02 -20.90 -22.51
C VAL C 47 33.95 -21.97 -22.55
N THR C 48 33.82 -22.70 -21.46
CA THR C 48 32.82 -23.78 -21.34
C THR C 48 31.89 -23.43 -20.21
N PHE C 49 30.61 -23.28 -20.52
CA PHE C 49 29.63 -22.79 -19.56
C PHE C 49 28.21 -23.12 -20.00
N VAL C 50 27.27 -22.99 -19.06
CA VAL C 50 25.87 -23.26 -19.34
C VAL C 50 25.13 -21.95 -19.55
N PRO C 51 24.58 -21.73 -20.73
CA PRO C 51 23.87 -20.48 -21.04
C PRO C 51 22.73 -20.14 -20.11
N GLY C 52 21.98 -21.14 -19.73
CA GLY C 52 20.88 -20.94 -18.80
C GLY C 52 21.34 -20.32 -17.48
N LEU C 53 22.51 -20.73 -17.01
CA LEU C 53 23.06 -20.21 -15.75
C LEU C 53 23.51 -18.79 -15.91
N TYR C 54 24.20 -18.51 -17.01
CA TYR C 54 24.55 -17.14 -17.35
C TYR C 54 23.29 -16.28 -17.40
N LYS C 55 22.23 -16.78 -18.05
CA LYS C 55 21.03 -16.00 -18.25
C LYS C 55 20.38 -15.56 -16.94
N ILE C 56 20.23 -16.47 -15.99
CA ILE C 56 19.55 -16.10 -14.75
C ILE C 56 20.32 -15.05 -13.98
N PHE C 57 21.65 -15.13 -14.01
CA PHE C 57 22.51 -14.08 -13.44
C PHE C 57 22.25 -12.74 -14.15
N ASP C 58 22.24 -12.80 -15.47
CA ASP C 58 22.10 -11.64 -16.31
C ASP C 58 20.78 -10.94 -16.09
N GLU C 59 19.73 -11.71 -15.88
CA GLU C 59 18.40 -11.15 -15.66
C GLU C 59 18.35 -10.22 -14.45
N ILE C 60 19.04 -10.62 -13.40
CA ILE C 60 19.04 -9.82 -12.19
C ILE C 60 19.93 -8.59 -12.37
N LEU C 61 21.05 -8.78 -13.06
CA LEU C 61 21.98 -7.67 -13.25
C LEU C 61 21.35 -6.60 -14.13
N VAL C 62 20.69 -7.02 -15.20
CA VAL C 62 20.07 -6.08 -16.09
C VAL C 62 18.91 -5.37 -15.43
N ASN C 63 18.19 -6.06 -14.58
CA ASN C 63 17.15 -5.45 -13.81
C ASN C 63 17.70 -4.28 -12.98
N ALA C 64 18.88 -4.48 -12.40
CA ALA C 64 19.48 -3.42 -11.60
C ALA C 64 19.77 -2.23 -12.49
N ALA C 65 20.33 -2.48 -13.66
CA ALA C 65 20.59 -1.37 -14.62
C ALA C 65 19.29 -0.74 -15.14
N ASP C 66 18.23 -1.53 -15.27
CA ASP C 66 16.95 -0.98 -15.68
C ASP C 66 16.48 0.11 -14.70
N ASN C 67 16.77 -0.08 -13.41
CA ASN C 67 16.34 0.87 -12.41
C ASN C 67 16.90 2.28 -12.58
N LYS C 68 17.99 2.40 -13.33
CA LYS C 68 18.53 3.70 -13.67
C LYS C 68 17.57 4.53 -14.51
N GLN C 69 16.85 3.87 -15.40
CA GLN C 69 15.90 4.57 -16.28
C GLN C 69 14.66 4.99 -15.50
N ARG C 70 14.21 4.11 -14.63
CA ARG C 70 13.17 4.40 -13.68
C ARG C 70 13.51 5.56 -12.72
N ASP C 71 14.78 5.64 -12.31
CA ASP C 71 15.27 6.67 -11.38
C ASP C 71 16.68 7.12 -11.73
N PRO C 72 16.82 8.22 -12.48
CA PRO C 72 18.15 8.73 -12.86
C PRO C 72 19.08 9.05 -11.71
N LYS C 73 18.55 9.25 -10.51
CA LYS C 73 19.41 9.53 -9.34
C LYS C 73 20.17 8.30 -8.86
N MET C 74 19.79 7.12 -9.31
CA MET C 74 20.54 5.91 -8.99
C MET C 74 21.98 6.12 -9.39
N SER C 75 22.89 5.74 -8.51
CA SER C 75 24.32 5.98 -8.74
C SER C 75 25.25 4.76 -8.56
N CYS C 76 24.73 3.66 -8.07
CA CYS C 76 25.59 2.56 -7.69
C CYS C 76 24.92 1.18 -7.84
N ILE C 77 25.72 0.21 -8.28
CA ILE C 77 25.34 -1.20 -8.27
C ILE C 77 26.48 -1.99 -7.62
N ARG C 78 26.15 -2.88 -6.68
CA ARG C 78 27.18 -3.70 -6.01
C ARG C 78 26.89 -5.17 -6.27
N VAL C 79 27.89 -5.86 -6.76
CA VAL C 79 27.77 -7.25 -7.13
C VAL C 79 28.69 -8.05 -6.25
N THR C 80 28.20 -9.18 -5.77
CA THR C 80 28.95 -10.11 -4.99
C THR C 80 28.86 -11.49 -5.59
N ILE C 81 30.00 -12.13 -5.84
CA ILE C 81 30.06 -13.51 -6.30
C ILE C 81 30.92 -14.30 -5.32
N ASP C 82 30.34 -15.38 -4.79
CA ASP C 82 31.00 -16.23 -3.76
C ASP C 82 30.86 -17.72 -4.12
N PRO C 83 31.80 -18.24 -4.93
CA PRO C 83 31.74 -19.63 -5.40
C PRO C 83 31.70 -20.68 -4.31
N GLU C 84 32.42 -20.45 -3.21
CA GLU C 84 32.50 -21.42 -2.11
C GLU C 84 31.13 -21.62 -1.45
N ASN C 85 30.43 -20.53 -1.18
CA ASN C 85 29.07 -20.61 -0.61
C ASN C 85 27.94 -20.68 -1.64
N ASN C 86 28.31 -20.83 -2.91
CA ASN C 86 27.35 -20.82 -4.06
C ASN C 86 26.34 -19.68 -3.94
N LEU C 87 26.87 -18.47 -3.83
CA LEU C 87 26.08 -17.31 -3.40
C LEU C 87 26.39 -16.10 -4.29
N ILE C 88 25.34 -15.50 -4.80
CA ILE C 88 25.43 -14.29 -5.61
C ILE C 88 24.44 -13.26 -5.09
N SER C 89 24.85 -12.01 -5.04
CA SER C 89 23.94 -10.94 -4.66
C SER C 89 24.17 -9.72 -5.52
N ILE C 90 23.09 -9.02 -5.82
CA ILE C 90 23.12 -7.87 -6.69
C ILE C 90 22.31 -6.77 -6.01
N TRP C 91 23.01 -5.71 -5.64
CA TRP C 91 22.47 -4.62 -4.90
C TRP C 91 22.45 -3.41 -5.79
N ASN C 92 21.43 -2.57 -5.65
CA ASN C 92 21.40 -1.29 -6.31
C ASN C 92 20.72 -0.24 -5.44
N ASN C 93 21.03 1.02 -5.69
CA ASN C 93 20.38 2.13 -5.00
C ASN C 93 19.38 2.79 -5.94
N GLY C 94 18.99 4.03 -5.69
CA GLY C 94 17.87 4.64 -6.42
C GLY C 94 16.56 4.07 -5.86
N LYS C 95 15.43 4.53 -6.40
CA LYS C 95 14.12 4.19 -5.82
C LYS C 95 13.95 2.69 -5.65
N GLY C 96 13.45 2.31 -4.49
CA GLY C 96 13.11 0.92 -4.17
C GLY C 96 11.73 0.59 -4.69
N ILE C 97 11.36 -0.67 -4.57
CA ILE C 97 10.09 -1.12 -5.09
C ILE C 97 9.03 -0.73 -4.06
N PRO C 98 7.92 -0.10 -4.48
CA PRO C 98 6.83 0.23 -3.55
C PRO C 98 6.44 -0.91 -2.59
N VAL C 99 6.70 -0.71 -1.31
CA VAL C 99 6.39 -1.71 -0.30
C VAL C 99 4.98 -1.43 0.21
N VAL C 100 4.02 -2.03 -0.46
CA VAL C 100 2.62 -1.73 -0.26
C VAL C 100 1.81 -2.84 -0.91
N GLU C 101 0.57 -3.05 -0.46
CA GLU C 101 -0.27 -4.09 -1.04
C GLU C 101 -0.81 -3.66 -2.38
N HIS C 102 -0.69 -4.55 -3.36
CA HIS C 102 -1.29 -4.37 -4.67
C HIS C 102 -2.77 -4.61 -4.49
N LYS C 103 -3.56 -3.60 -4.86
CA LYS C 103 -5.01 -3.66 -4.64
C LYS C 103 -5.77 -4.73 -5.47
N VAL C 104 -5.29 -5.02 -6.66
CA VAL C 104 -5.93 -6.03 -7.51
C VAL C 104 -5.46 -7.43 -7.17
N GLU C 105 -4.16 -7.59 -6.94
CA GLU C 105 -3.55 -8.93 -6.80
C GLU C 105 -3.46 -9.34 -5.35
N LYS C 106 -3.73 -8.40 -4.45
CA LYS C 106 -3.89 -8.70 -3.04
C LYS C 106 -2.63 -9.30 -2.42
N MET C 107 -1.49 -8.78 -2.84
CA MET C 107 -0.24 -9.06 -2.16
C MET C 107 0.70 -7.90 -2.32
N TYR C 108 1.69 -7.86 -1.45
CA TYR C 108 2.71 -6.84 -1.55
C TYR C 108 3.46 -6.91 -2.89
N VAL C 109 3.74 -5.73 -3.45
CA VAL C 109 4.29 -5.60 -4.80
C VAL C 109 5.58 -6.40 -4.99
N PRO C 110 6.53 -6.30 -4.07
CA PRO C 110 7.74 -7.05 -4.32
C PRO C 110 7.47 -8.56 -4.42
N ALA C 111 6.62 -9.10 -3.55
CA ALA C 111 6.31 -10.53 -3.60
C ALA C 111 5.61 -10.90 -4.92
N LEU C 112 4.82 -9.96 -5.42
CA LEU C 112 4.11 -10.14 -6.67
C LEU C 112 5.06 -10.27 -7.88
N ILE C 113 5.98 -9.32 -8.02
CA ILE C 113 6.80 -9.21 -9.21
C ILE C 113 8.06 -10.09 -9.16
N PHE C 114 8.34 -10.69 -8.01
CA PHE C 114 9.45 -11.66 -7.92
C PHE C 114 8.97 -13.08 -7.73
N GLY C 115 7.70 -13.25 -7.39
CA GLY C 115 7.15 -14.54 -7.01
C GLY C 115 6.01 -15.05 -7.87
N GLN C 116 5.47 -14.20 -8.73
CA GLN C 116 4.37 -14.60 -9.61
C GLN C 116 4.81 -14.41 -11.03
N LEU C 117 4.50 -15.41 -11.86
CA LEU C 117 4.84 -15.38 -13.25
C LEU C 117 4.03 -14.31 -13.98
N LEU C 118 4.62 -13.77 -15.04
CA LEU C 118 3.94 -12.83 -15.92
C LEU C 118 3.60 -11.53 -15.25
N THR C 119 4.59 -10.99 -14.54
CA THR C 119 4.45 -9.71 -13.81
C THR C 119 5.56 -8.75 -14.19
N SER C 120 5.21 -7.51 -14.53
CA SER C 120 6.14 -6.54 -15.05
C SER C 120 5.59 -5.14 -14.93
N SER C 121 6.48 -4.14 -14.87
CA SER C 121 6.09 -2.74 -15.08
C SER C 121 6.32 -2.28 -16.51
N ASN C 122 6.68 -3.21 -17.38
CA ASN C 122 7.04 -2.87 -18.78
C ASN C 122 6.08 -3.47 -19.78
N TYR C 123 4.83 -3.69 -19.37
CA TYR C 123 3.83 -4.24 -20.26
C TYR C 123 3.04 -3.20 -21.01
N ASP C 124 3.06 -1.95 -20.57
CA ASP C 124 2.45 -0.88 -21.33
C ASP C 124 3.43 -0.30 -22.37
N ASP C 125 3.36 -0.85 -23.57
CA ASP C 125 4.06 -0.30 -24.73
C ASP C 125 3.38 0.99 -25.13
N LYS C 129 9.92 3.17 -23.53
CA LYS C 129 10.96 2.86 -22.53
C LYS C 129 12.19 2.15 -23.13
N VAL C 130 13.34 2.46 -22.54
CA VAL C 130 14.62 1.86 -22.95
C VAL C 130 15.22 0.94 -21.87
N THR C 131 14.39 0.05 -21.35
CA THR C 131 14.83 -0.96 -20.40
C THR C 131 15.17 -2.25 -21.12
N GLY C 132 15.98 -3.06 -20.49
CA GLY C 132 16.18 -4.42 -20.94
C GLY C 132 14.92 -5.26 -20.68
N GLY C 133 14.16 -4.88 -19.66
CA GLY C 133 12.95 -5.60 -19.27
C GLY C 133 11.80 -5.37 -20.21
N ARG C 134 11.06 -6.44 -20.48
CA ARG C 134 9.95 -6.40 -21.44
C ARG C 134 8.88 -7.49 -21.25
N ASN C 135 9.28 -8.67 -20.79
CA ASN C 135 8.40 -9.84 -20.79
C ASN C 135 7.82 -10.23 -19.43
N GLY C 136 8.41 -9.78 -18.34
CA GLY C 136 7.96 -10.18 -17.01
C GLY C 136 8.31 -11.60 -16.55
N TYR C 137 9.38 -12.15 -17.09
CA TYR C 137 9.85 -13.49 -16.71
C TYR C 137 11.11 -13.45 -15.86
N GLY C 138 12.05 -12.59 -16.25
CA GLY C 138 13.43 -12.66 -15.78
C GLY C 138 13.68 -13.02 -14.32
N ALA C 139 13.14 -12.20 -13.45
CA ALA C 139 13.38 -12.38 -12.03
C ALA C 139 12.80 -13.68 -11.54
N LYS C 140 11.65 -14.05 -12.09
CA LYS C 140 11.02 -15.32 -11.71
C LYS C 140 11.89 -16.47 -12.18
N LEU C 141 12.45 -16.37 -13.36
CA LEU C 141 13.28 -17.46 -13.84
C LEU C 141 14.50 -17.69 -12.95
N CYS C 142 15.13 -16.62 -12.51
CA CYS C 142 16.23 -16.73 -11.59
C CYS C 142 15.77 -17.44 -10.29
N ASN C 143 14.62 -17.04 -9.82
CA ASN C 143 14.01 -17.67 -8.64
C ASN C 143 13.75 -19.16 -8.89
N ILE C 144 13.08 -19.49 -9.99
CA ILE C 144 12.77 -20.89 -10.29
C ILE C 144 14.04 -21.71 -10.34
N PHE C 145 15.16 -21.15 -10.83
CA PHE C 145 16.38 -21.95 -10.97
C PHE C 145 17.38 -21.70 -9.84
N SER C 146 16.83 -21.36 -8.69
CA SER C 146 17.60 -21.19 -7.46
C SER C 146 17.03 -22.06 -6.33
N THR C 147 17.92 -22.61 -5.50
CA THR C 147 17.52 -23.35 -4.31
C THR C 147 17.05 -22.40 -3.21
N LYS C 148 17.65 -21.21 -3.19
CA LYS C 148 17.23 -20.11 -2.30
C LYS C 148 17.32 -18.77 -3.05
N PHE C 149 16.31 -17.93 -2.91
CA PHE C 149 16.23 -16.67 -3.63
C PHE C 149 15.60 -15.63 -2.74
N THR C 150 16.37 -14.60 -2.37
CA THR C 150 15.94 -13.62 -1.38
C THR C 150 15.81 -12.26 -1.99
N VAL C 151 14.67 -11.62 -1.75
CA VAL C 151 14.41 -10.27 -2.22
C VAL C 151 14.37 -9.35 -1.01
N GLU C 152 15.17 -8.30 -1.07
CA GLU C 152 15.11 -7.27 -0.08
C GLU C 152 14.99 -5.93 -0.83
N THR C 153 14.00 -5.12 -0.48
CA THR C 153 13.86 -3.80 -1.07
C THR C 153 13.28 -2.82 -0.03
N ALA C 154 13.63 -1.54 -0.16
CA ALA C 154 13.36 -0.53 0.85
C ALA C 154 12.89 0.74 0.20
N SER C 155 11.71 1.20 0.63
CA SER C 155 11.04 2.33 0.02
C SER C 155 10.74 3.42 1.07
N ARG C 156 11.56 4.45 1.06
CA ARG C 156 11.35 5.64 1.88
C ARG C 156 9.94 6.22 1.66
N GLU C 157 9.55 6.31 0.40
CA GLU C 157 8.25 6.85 0.02
C GLU C 157 7.09 6.16 0.75
N TYR C 158 7.18 4.86 0.94
CA TYR C 158 6.15 4.10 1.67
C TYR C 158 6.62 3.76 3.06
N LYS C 159 7.78 4.27 3.44
CA LYS C 159 8.26 4.18 4.82
C LYS C 159 8.43 2.76 5.31
N LYS C 160 8.63 1.82 4.39
CA LYS C 160 8.80 0.39 4.78
C LYS C 160 9.88 -0.35 4.03
N MET C 161 10.37 -1.42 4.65
CA MET C 161 11.34 -2.30 4.02
C MET C 161 10.74 -3.70 3.95
N PHE C 162 10.94 -4.35 2.82
CA PHE C 162 10.39 -5.65 2.54
C PHE C 162 11.53 -6.62 2.48
N LYS C 163 11.31 -7.82 3.01
CA LYS C 163 12.24 -8.90 2.84
C LYS C 163 11.51 -10.23 2.82
N GLN C 164 11.86 -11.07 1.85
CA GLN C 164 11.24 -12.40 1.70
C GLN C 164 12.15 -13.35 0.94
N THR C 165 12.14 -14.61 1.35
CA THR C 165 12.98 -15.63 0.78
C THR C 165 12.12 -16.72 0.17
N TRP C 166 12.47 -17.14 -1.04
CA TRP C 166 11.86 -18.26 -1.71
C TRP C 166 12.84 -19.39 -1.70
N MET C 167 12.35 -20.63 -1.78
CA MET C 167 13.23 -21.79 -1.76
C MET C 167 12.76 -22.84 -2.76
N ASP C 168 13.67 -23.75 -3.12
CA ASP C 168 13.34 -24.99 -3.85
C ASP C 168 12.61 -24.72 -5.16
N ASN C 169 13.30 -24.00 -6.03
CA ASN C 169 12.76 -23.64 -7.32
C ASN C 169 11.42 -22.91 -7.23
N MET C 170 11.33 -21.95 -6.33
CA MET C 170 10.13 -21.16 -6.14
C MET C 170 8.94 -22.06 -5.77
N GLY C 171 9.24 -23.19 -5.14
CA GLY C 171 8.22 -24.14 -4.71
C GLY C 171 7.60 -23.75 -3.38
N ARG C 172 8.34 -23.07 -2.55
CA ARG C 172 7.84 -22.54 -1.28
C ARG C 172 8.51 -21.22 -0.96
N ALA C 173 7.90 -20.49 -0.04
CA ALA C 173 8.42 -19.20 0.41
C ALA C 173 8.37 -19.11 1.94
N GLY C 174 9.38 -18.43 2.51
CA GLY C 174 9.39 -18.14 3.93
C GLY C 174 8.41 -17.02 4.20
N GLU C 175 8.32 -16.64 5.48
CA GLU C 175 7.43 -15.55 5.87
C GLU C 175 7.97 -14.20 5.38
N MET C 176 7.05 -13.34 4.96
CA MET C 176 7.38 -12.00 4.54
C MET C 176 7.64 -11.15 5.77
N GLU C 177 8.79 -10.47 5.77
CA GLU C 177 9.17 -9.56 6.87
C GLU C 177 9.00 -8.12 6.44
N LEU C 178 8.23 -7.37 7.22
CA LEU C 178 8.12 -5.92 7.04
C LEU C 178 8.71 -5.18 8.23
N LYS C 179 9.27 -4.01 7.97
CA LYS C 179 9.80 -3.17 9.01
C LYS C 179 9.59 -1.73 8.61
N PRO C 180 9.45 -0.83 9.59
CA PRO C 180 9.55 0.60 9.27
C PRO C 180 10.90 0.96 8.66
N PHE C 181 10.92 2.00 7.84
CA PHE C 181 12.15 2.39 7.15
C PHE C 181 12.08 3.86 6.74
N ASN C 182 13.18 4.58 6.98
CA ASN C 182 13.36 5.94 6.47
C ASN C 182 14.76 6.31 5.98
N GLY C 183 15.56 5.28 5.66
CA GLY C 183 16.91 5.46 5.07
C GLY C 183 16.92 5.72 3.56
N GLU C 184 18.09 5.56 2.94
CA GLU C 184 18.20 5.70 1.47
C GLU C 184 17.84 4.36 0.82
N ASP C 185 17.06 4.44 -0.25
CA ASP C 185 16.44 3.28 -0.88
C ASP C 185 17.48 2.39 -1.50
N TYR C 186 17.23 1.09 -1.39
CA TYR C 186 18.06 0.08 -2.00
C TYR C 186 17.20 -1.13 -2.38
N THR C 187 17.70 -1.91 -3.32
CA THR C 187 17.13 -3.24 -3.63
C THR C 187 18.29 -4.24 -3.72
N CYS C 188 18.16 -5.37 -3.05
CA CYS C 188 19.22 -6.39 -3.02
C CYS C 188 18.60 -7.75 -3.29
N ILE C 189 19.04 -8.39 -4.37
CA ILE C 189 18.58 -9.74 -4.69
C ILE C 189 19.75 -10.66 -4.39
N THR C 190 19.53 -11.64 -3.53
CA THR C 190 20.54 -12.60 -3.14
C THR C 190 20.02 -13.99 -3.47
N PHE C 191 20.82 -14.78 -4.19
CA PHE C 191 20.39 -16.09 -4.61
C PHE C 191 21.49 -17.13 -4.72
N GLN C 192 21.06 -18.39 -4.58
CA GLN C 192 21.92 -19.54 -4.72
C GLN C 192 21.39 -20.34 -5.89
N PRO C 193 22.12 -20.30 -7.01
CA PRO C 193 21.62 -21.05 -8.16
C PRO C 193 21.62 -22.57 -7.96
N ASP C 194 20.61 -23.22 -8.53
CA ASP C 194 20.42 -24.65 -8.39
C ASP C 194 21.30 -25.33 -9.40
N LEU C 195 22.53 -25.59 -8.98
CA LEU C 195 23.52 -26.13 -9.89
C LEU C 195 23.21 -27.51 -10.45
N SER C 196 22.41 -28.30 -9.73
CA SER C 196 22.00 -29.62 -10.22
C SER C 196 21.13 -29.50 -11.45
N LYS C 197 20.39 -28.41 -11.56
CA LYS C 197 19.60 -28.14 -12.79
C LYS C 197 20.47 -27.83 -14.01
N PHE C 198 21.70 -27.41 -13.76
CA PHE C 198 22.66 -27.11 -14.82
C PHE C 198 23.79 -28.13 -14.88
N LYS C 199 23.66 -29.21 -14.12
CA LYS C 199 24.65 -30.32 -14.07
C LYS C 199 26.05 -29.84 -13.73
N MET C 200 26.17 -29.03 -12.69
CA MET C 200 27.45 -28.46 -12.29
C MET C 200 27.68 -28.68 -10.82
N GLN C 201 28.97 -28.71 -10.42
CA GLN C 201 29.37 -28.96 -9.03
C GLN C 201 29.56 -27.63 -8.29
N SER C 202 30.06 -26.61 -8.99
CA SER C 202 30.24 -25.28 -8.40
C SER C 202 30.27 -24.20 -9.46
N LEU C 203 30.34 -22.95 -9.03
CA LEU C 203 30.60 -21.84 -9.93
C LEU C 203 32.06 -21.84 -10.31
N ASP C 204 32.38 -22.49 -11.43
CA ASP C 204 33.75 -22.67 -11.86
C ASP C 204 34.38 -21.41 -12.46
N LYS C 205 35.66 -21.50 -12.78
CA LYS C 205 36.46 -20.36 -13.25
C LYS C 205 35.77 -19.66 -14.44
N ASP C 206 35.32 -20.45 -15.40
CA ASP C 206 34.76 -19.94 -16.64
C ASP C 206 33.46 -19.12 -16.48
N ILE C 207 32.47 -19.69 -15.82
CA ILE C 207 31.24 -18.97 -15.59
C ILE C 207 31.52 -17.70 -14.75
N VAL C 208 32.41 -17.79 -13.77
CA VAL C 208 32.71 -16.64 -12.94
C VAL C 208 33.40 -15.54 -13.78
N ALA C 209 34.22 -15.95 -14.72
CA ALA C 209 34.94 -15.00 -15.54
C ALA C 209 33.98 -14.26 -16.41
N LEU C 210 32.93 -14.94 -16.86
CA LEU C 210 31.86 -14.32 -17.62
C LEU C 210 31.04 -13.36 -16.77
N MET C 211 30.65 -13.82 -15.59
CA MET C 211 29.86 -13.01 -14.68
C MET C 211 30.61 -11.76 -14.29
N VAL C 212 31.89 -11.91 -14.02
CA VAL C 212 32.72 -10.75 -13.71
C VAL C 212 32.79 -9.79 -14.90
N ARG C 213 32.94 -10.32 -16.11
CA ARG C 213 32.94 -9.43 -17.28
C ARG C 213 31.66 -8.62 -17.44
N ARG C 214 30.54 -9.24 -17.12
CA ARG C 214 29.28 -8.54 -17.21
C ARG C 214 29.23 -7.38 -16.24
N ALA C 215 29.86 -7.53 -15.07
CA ALA C 215 29.95 -6.43 -14.15
C ALA C 215 30.65 -5.25 -14.82
N TYR C 216 31.76 -5.54 -15.47
CA TYR C 216 32.52 -4.50 -16.18
C TYR C 216 31.68 -3.91 -17.32
N ASP C 217 30.89 -4.76 -18.01
CA ASP C 217 29.96 -4.28 -19.06
C ASP C 217 28.99 -3.25 -18.53
N ILE C 218 28.42 -3.55 -17.39
CA ILE C 218 27.43 -2.66 -16.79
C ILE C 218 28.07 -1.34 -16.38
N ALA C 219 29.28 -1.43 -15.85
CA ALA C 219 30.06 -0.22 -15.57
C ALA C 219 30.30 0.60 -16.87
N GLY C 220 30.49 -0.10 -17.99
CA GLY C 220 30.72 0.52 -19.25
C GLY C 220 29.50 1.05 -19.95
N SER C 221 28.38 0.37 -19.79
CA SER C 221 27.19 0.64 -20.60
C SER C 221 26.22 1.60 -19.94
N THR C 222 26.25 1.72 -18.61
CA THR C 222 25.35 2.61 -17.90
C THR C 222 25.99 3.97 -17.69
N LYS C 223 25.18 4.98 -17.39
CA LYS C 223 25.63 6.36 -17.22
C LYS C 223 25.66 6.78 -15.73
N ASP C 224 26.83 7.21 -15.28
CA ASP C 224 27.01 7.72 -13.91
C ASP C 224 26.56 6.67 -12.90
N VAL C 225 27.03 5.45 -13.09
CA VAL C 225 26.79 4.37 -12.14
C VAL C 225 28.09 3.73 -11.77
N LYS C 226 28.47 3.85 -10.52
CA LYS C 226 29.66 3.17 -10.02
C LYS C 226 29.25 1.72 -9.89
N VAL C 227 30.16 0.82 -10.19
CA VAL C 227 29.91 -0.62 -10.01
C VAL C 227 30.96 -1.23 -9.09
N PHE C 228 30.52 -1.97 -8.08
CA PHE C 228 31.42 -2.66 -7.22
C PHE C 228 31.32 -4.18 -7.45
N LEU C 229 32.46 -4.85 -7.36
CA LEU C 229 32.53 -6.29 -7.39
C LEU C 229 33.27 -6.77 -6.16
N ASN C 230 32.61 -7.66 -5.41
CA ASN C 230 33.11 -8.11 -4.10
C ASN C 230 33.77 -7.01 -3.21
N GLY C 231 33.19 -5.81 -3.24
CA GLY C 231 33.65 -4.70 -2.45
C GLY C 231 34.60 -3.73 -3.13
N ASN C 232 35.07 -4.02 -4.34
CA ASN C 232 36.02 -3.15 -5.05
C ASN C 232 35.36 -2.42 -6.18
N LYS C 233 35.55 -1.10 -6.22
CA LYS C 233 35.00 -0.30 -7.29
C LYS C 233 35.73 -0.61 -8.58
N LEU C 234 34.98 -0.91 -9.61
CA LEU C 234 35.55 -1.20 -10.89
C LEU C 234 36.03 0.10 -11.48
N PRO C 235 37.28 0.08 -12.03
CA PRO C 235 37.91 1.30 -12.55
C PRO C 235 37.40 1.69 -13.95
N VAL C 236 36.11 1.55 -14.20
CA VAL C 236 35.54 1.91 -15.48
C VAL C 236 34.67 3.14 -15.30
N LYS C 237 35.05 4.25 -15.93
CA LYS C 237 34.27 5.50 -15.92
C LYS C 237 33.72 5.72 -17.33
N GLY C 238 32.60 5.07 -17.64
CA GLY C 238 31.99 5.22 -18.96
C GLY C 238 32.53 4.31 -20.07
N PHE C 239 31.93 4.44 -21.24
CA PHE C 239 32.09 3.47 -22.34
C PHE C 239 33.49 3.51 -22.98
N ARG C 240 33.98 4.72 -23.21
CA ARG C 240 35.34 4.90 -23.70
C ARG C 240 36.37 4.15 -22.86
N SER C 241 36.33 4.34 -21.54
CA SER C 241 37.27 3.63 -20.65
C SER C 241 37.01 2.11 -20.67
N TYR C 242 35.78 1.71 -20.92
CA TYR C 242 35.44 0.29 -21.09
C TYR C 242 36.11 -0.24 -22.36
N VAL C 243 35.99 0.51 -23.45
CA VAL C 243 36.61 0.11 -24.69
C VAL C 243 38.14 0.01 -24.57
N ASP C 244 38.75 0.93 -23.83
CA ASP C 244 40.22 0.90 -23.61
C ASP C 244 40.71 -0.41 -23.04
N MET C 245 39.93 -1.04 -22.16
CA MET C 245 40.32 -2.32 -21.59
C MET C 245 40.60 -3.38 -22.65
N TYR C 246 39.84 -3.35 -23.74
CA TYR C 246 40.04 -4.28 -24.84
C TYR C 246 41.30 -3.95 -25.66
N LEU C 247 41.82 -2.71 -25.56
CA LEU C 247 42.93 -2.21 -26.38
C LEU C 247 44.27 -1.77 -25.69
N LYS C 259 45.19 3.05 -32.70
CA LYS C 259 44.27 4.17 -33.05
C LYS C 259 42.78 3.92 -32.83
N VAL C 260 42.12 4.78 -32.05
CA VAL C 260 40.71 4.60 -31.71
C VAL C 260 39.94 5.86 -31.94
N ILE C 261 38.87 5.74 -32.69
CA ILE C 261 37.99 6.87 -32.97
C ILE C 261 36.73 6.74 -32.11
N HIS C 262 36.26 7.86 -31.58
CA HIS C 262 35.17 7.88 -30.61
C HIS C 262 34.14 8.93 -30.97
N GLU C 263 32.89 8.67 -30.63
CA GLU C 263 31.88 9.70 -30.64
C GLU C 263 30.68 9.30 -29.76
N GLN C 264 30.33 10.18 -28.84
CA GLN C 264 29.07 10.08 -28.14
C GLN C 264 28.09 10.82 -28.97
N VAL C 265 27.40 10.10 -29.84
CA VAL C 265 26.60 10.73 -30.89
C VAL C 265 25.44 11.54 -30.28
N ASN C 266 24.77 10.95 -29.29
CA ASN C 266 23.70 11.59 -28.57
C ASN C 266 23.42 10.81 -27.28
N HIS C 267 22.43 11.24 -26.51
CA HIS C 267 22.10 10.62 -25.21
C HIS C 267 21.84 9.08 -25.28
N ARG C 268 21.64 8.54 -26.48
CA ARG C 268 21.29 7.14 -26.65
C ARG C 268 22.29 6.32 -27.46
N TRP C 269 23.28 6.97 -28.06
CA TRP C 269 24.25 6.26 -28.87
C TRP C 269 25.69 6.69 -28.59
N GLU C 270 26.55 5.70 -28.43
CA GLU C 270 27.97 5.97 -28.31
C GLU C 270 28.74 4.93 -29.15
N VAL C 271 29.72 5.40 -29.93
CA VAL C 271 30.43 4.54 -30.86
C VAL C 271 31.95 4.71 -30.81
N CYS C 272 32.65 3.59 -30.76
CA CYS C 272 34.09 3.56 -30.92
C CYS C 272 34.42 2.64 -32.07
N LEU C 273 35.49 2.99 -32.78
CA LEU C 273 35.94 2.23 -33.93
C LEU C 273 37.47 2.18 -33.96
N THR C 274 37.98 1.00 -34.26
CA THR C 274 39.39 0.79 -34.53
C THR C 274 39.56 -0.26 -35.62
N MET C 275 40.81 -0.52 -36.00
CA MET C 275 41.09 -1.49 -37.05
C MET C 275 41.12 -2.87 -36.48
N SER C 276 40.58 -3.80 -37.25
CA SER C 276 40.71 -5.22 -36.95
C SER C 276 41.65 -5.85 -37.96
N GLU C 277 42.45 -6.79 -37.51
CA GLU C 277 43.27 -7.60 -38.42
C GLU C 277 42.77 -9.03 -38.45
N LYS C 278 41.64 -9.29 -37.78
CA LYS C 278 41.14 -10.65 -37.59
C LYS C 278 39.72 -10.85 -38.14
N GLY C 279 39.33 -10.01 -39.06
CA GLY C 279 37.97 -10.00 -39.61
C GLY C 279 37.07 -9.01 -38.85
N PHE C 280 35.82 -8.91 -39.29
CA PHE C 280 34.89 -7.98 -38.64
C PHE C 280 34.66 -8.36 -37.18
N GLN C 281 34.86 -7.43 -36.27
CA GLN C 281 34.59 -7.65 -34.85
C GLN C 281 33.61 -6.60 -34.36
N GLN C 282 32.71 -7.01 -33.48
CA GLN C 282 31.82 -6.07 -32.84
C GLN C 282 31.59 -6.42 -31.38
N ILE C 283 31.50 -5.38 -30.57
CA ILE C 283 31.23 -5.49 -29.17
C ILE C 283 30.14 -4.47 -28.92
N SER C 284 28.99 -4.92 -28.44
CA SER C 284 27.85 -4.02 -28.35
C SER C 284 26.86 -4.35 -27.26
N PHE C 285 26.05 -3.37 -26.94
CA PHE C 285 25.07 -3.44 -25.90
C PHE C 285 23.82 -2.71 -26.31
N VAL C 286 22.69 -3.29 -25.93
CA VAL C 286 21.37 -2.66 -26.10
C VAL C 286 20.71 -2.66 -24.72
N ASN C 287 20.46 -1.49 -24.19
CA ASN C 287 19.85 -1.36 -22.87
C ASN C 287 20.59 -2.22 -21.83
N SER C 288 21.91 -2.14 -21.87
CA SER C 288 22.81 -2.90 -21.02
C SER C 288 22.79 -4.41 -21.21
N ILE C 289 22.04 -4.90 -22.19
CA ILE C 289 22.12 -6.29 -22.59
C ILE C 289 23.31 -6.49 -23.55
N ALA C 290 24.08 -7.56 -23.32
CA ALA C 290 25.23 -7.90 -24.16
C ALA C 290 24.81 -8.59 -25.45
N THR C 291 24.74 -7.84 -26.54
CA THR C 291 24.37 -8.39 -27.85
C THR C 291 25.56 -8.97 -28.59
N SER C 292 26.04 -10.10 -28.11
CA SER C 292 27.33 -10.69 -28.52
C SER C 292 27.37 -11.08 -29.98
N LYS C 293 26.20 -11.42 -30.54
CA LYS C 293 26.10 -11.76 -31.96
C LYS C 293 25.63 -10.57 -32.81
N GLY C 294 25.57 -9.41 -32.21
CA GLY C 294 25.23 -8.19 -32.92
C GLY C 294 23.75 -7.90 -33.04
N GLY C 295 23.35 -7.45 -34.21
CA GLY C 295 21.97 -7.05 -34.48
C GLY C 295 21.88 -5.86 -35.40
N ARG C 296 20.66 -5.43 -35.64
CA ARG C 296 20.38 -4.30 -36.53
C ARG C 296 20.99 -2.98 -36.03
N HIS C 297 21.16 -2.83 -34.73
CA HIS C 297 21.90 -1.69 -34.16
C HIS C 297 23.37 -1.58 -34.59
N VAL C 298 24.03 -2.72 -34.68
CA VAL C 298 25.41 -2.77 -35.11
C VAL C 298 25.45 -2.56 -36.62
N ASP C 299 24.54 -3.19 -37.35
CA ASP C 299 24.49 -3.06 -38.80
C ASP C 299 24.23 -1.60 -39.19
N TYR C 300 23.35 -0.95 -38.43
CA TYR C 300 23.02 0.43 -38.67
C TYR C 300 24.27 1.29 -38.59
N VAL C 301 25.08 1.11 -37.56
CA VAL C 301 26.21 2.01 -37.37
C VAL C 301 27.33 1.64 -38.32
N ALA C 302 27.60 0.37 -38.37
CA ALA C 302 28.69 -0.15 -39.17
C ALA C 302 28.52 0.16 -40.65
N ASP C 303 27.34 -0.08 -41.19
CA ASP C 303 27.11 0.04 -42.66
C ASP C 303 27.27 1.51 -43.09
N GLN C 304 26.91 2.39 -42.20
CA GLN C 304 27.09 3.82 -42.38
C GLN C 304 28.56 4.15 -42.58
N ILE C 305 29.40 3.58 -41.77
CA ILE C 305 30.84 3.80 -41.87
C ILE C 305 31.39 3.13 -43.12
N VAL C 306 30.98 1.89 -43.32
CA VAL C 306 31.44 1.11 -44.47
C VAL C 306 31.22 1.87 -45.78
N THR C 307 29.98 2.27 -46.00
CA THR C 307 29.59 3.04 -47.20
C THR C 307 30.55 4.19 -47.46
N LYS C 308 30.79 4.98 -46.43
CA LYS C 308 31.59 6.19 -46.58
C LYS C 308 33.05 5.89 -46.86
N LEU C 309 33.54 4.76 -46.37
CA LEU C 309 34.96 4.39 -46.55
C LEU C 309 35.18 3.69 -47.87
N VAL C 310 34.19 2.95 -48.32
CA VAL C 310 34.26 2.34 -49.66
C VAL C 310 34.37 3.44 -50.73
N ASP C 311 33.51 4.47 -50.61
CA ASP C 311 33.44 5.55 -51.59
C ASP C 311 34.78 6.29 -51.65
N VAL C 312 35.47 6.46 -50.52
CA VAL C 312 36.85 7.02 -50.52
C VAL C 312 37.85 6.10 -51.20
N VAL C 313 37.69 4.80 -51.03
CA VAL C 313 38.58 3.81 -51.64
C VAL C 313 38.37 3.73 -53.15
N LYS C 314 37.12 3.67 -53.62
CA LYS C 314 36.82 3.66 -55.08
C LYS C 314 37.52 4.83 -55.79
N LYS C 315 37.56 5.98 -55.14
CA LYS C 315 38.05 7.25 -55.71
C LYS C 315 39.56 7.28 -55.92
N LYS C 316 40.31 6.88 -54.90
CA LYS C 316 41.78 6.74 -54.92
C LYS C 316 42.27 5.43 -55.59
N ASN C 317 41.37 4.46 -55.80
CA ASN C 317 41.74 3.16 -56.41
C ASN C 317 41.69 3.18 -57.94
N LYS C 318 42.80 3.57 -58.53
CA LYS C 318 42.90 3.79 -59.96
C LYS C 318 43.47 2.60 -60.72
N GLY C 319 44.34 1.83 -60.05
CA GLY C 319 44.96 0.66 -60.68
C GLY C 319 44.55 -0.72 -60.19
N GLY C 320 43.85 -0.77 -59.06
CA GLY C 320 43.62 -2.00 -58.29
C GLY C 320 42.44 -2.72 -58.86
N VAL C 321 42.23 -3.96 -58.42
CA VAL C 321 40.95 -4.64 -58.66
C VAL C 321 39.89 -3.90 -57.84
N ALA C 322 38.61 -4.16 -58.14
CA ALA C 322 37.50 -3.49 -57.43
C ALA C 322 37.49 -3.92 -55.93
N VAL C 323 37.22 -2.96 -55.05
CA VAL C 323 36.97 -3.31 -53.64
C VAL C 323 35.57 -3.75 -53.50
N LYS C 324 35.34 -4.54 -52.48
CA LYS C 324 34.02 -4.81 -52.05
C LYS C 324 33.76 -4.23 -50.65
N ALA C 325 32.48 -3.93 -50.41
CA ALA C 325 32.00 -3.44 -49.12
C ALA C 325 32.46 -4.33 -47.94
N HIS C 326 32.31 -5.63 -48.10
CA HIS C 326 32.57 -6.52 -46.99
C HIS C 326 34.02 -6.60 -46.64
N GLN C 327 34.86 -6.20 -47.57
CA GLN C 327 36.29 -6.20 -47.34
C GLN C 327 36.67 -5.08 -46.42
N VAL C 328 36.00 -3.94 -46.59
CA VAL C 328 36.16 -2.80 -45.69
C VAL C 328 35.63 -3.13 -44.30
N LYS C 329 34.45 -3.74 -44.27
CA LYS C 329 33.84 -4.15 -43.03
C LYS C 329 34.70 -5.17 -42.29
N ASN C 330 35.41 -6.01 -43.02
CA ASN C 330 36.27 -7.00 -42.41
C ASN C 330 37.53 -6.46 -41.79
N HIS C 331 37.80 -5.17 -41.98
CA HIS C 331 38.92 -4.48 -41.30
C HIS C 331 38.44 -3.68 -40.11
N MET C 332 37.15 -3.79 -39.78
CA MET C 332 36.60 -2.99 -38.71
C MET C 332 36.42 -3.74 -37.39
N TRP C 333 36.84 -3.07 -36.31
CA TRP C 333 36.48 -3.46 -34.95
C TRP C 333 35.63 -2.37 -34.36
N ILE C 334 34.33 -2.65 -34.17
CA ILE C 334 33.43 -1.59 -33.72
C ILE C 334 32.82 -1.88 -32.37
N PHE C 335 32.65 -0.82 -31.59
CA PHE C 335 32.06 -0.89 -30.25
C PHE C 335 30.85 0.05 -30.20
N VAL C 336 29.70 -0.47 -29.82
CA VAL C 336 28.45 0.29 -29.83
C VAL C 336 27.66 0.10 -28.54
N ASN C 337 27.28 1.21 -27.91
CA ASN C 337 26.38 1.20 -26.77
C ASN C 337 25.11 1.99 -27.13
N ALA C 338 23.98 1.33 -27.07
CA ALA C 338 22.73 1.89 -27.56
C ALA C 338 21.61 1.72 -26.56
N LEU C 339 20.74 2.71 -26.59
CA LEU C 339 19.46 2.66 -25.93
C LEU C 339 18.36 2.59 -27.00
N ILE C 340 17.70 1.42 -27.03
CA ILE C 340 16.68 1.09 -28.02
C ILE C 340 15.32 0.94 -27.32
N GLU C 341 14.28 1.47 -27.94
CA GLU C 341 12.90 1.33 -27.44
C GLU C 341 12.32 -0.01 -27.82
N ASN C 342 11.88 -0.76 -26.82
CA ASN C 342 11.19 -2.05 -27.04
C ASN C 342 11.96 -3.04 -27.92
N PRO C 343 13.22 -3.32 -27.58
CA PRO C 343 14.04 -4.20 -28.41
C PRO C 343 13.50 -5.61 -28.50
N THR C 344 13.88 -6.30 -29.55
CA THR C 344 13.44 -7.65 -29.80
C THR C 344 14.63 -8.53 -30.17
N PHE C 345 14.59 -9.84 -29.87
CA PHE C 345 15.75 -10.71 -30.08
C PHE C 345 15.40 -12.04 -30.74
N ASP C 346 16.38 -12.65 -31.39
CA ASP C 346 16.31 -14.04 -31.90
C ASP C 346 15.87 -15.09 -30.92
N SER C 347 16.46 -15.03 -29.73
CA SER C 347 16.31 -16.09 -28.76
C SER C 347 16.35 -15.51 -27.39
N GLN C 348 16.31 -16.39 -26.41
CA GLN C 348 16.31 -16.03 -25.01
C GLN C 348 17.66 -15.59 -24.53
N THR C 349 18.71 -15.89 -25.26
CA THR C 349 20.06 -15.53 -24.85
C THR C 349 20.29 -14.04 -25.11
N LYS C 350 19.47 -13.50 -25.98
CA LYS C 350 19.44 -12.09 -26.39
C LYS C 350 20.77 -11.63 -26.93
N GLU C 351 21.47 -12.52 -27.62
CA GLU C 351 22.75 -12.18 -28.23
C GLU C 351 22.62 -11.40 -29.53
N ASN C 352 21.42 -11.42 -30.10
CA ASN C 352 21.19 -10.81 -31.42
C ASN C 352 19.89 -10.02 -31.46
N MET C 353 20.01 -8.70 -31.59
CA MET C 353 18.85 -7.80 -31.47
C MET C 353 18.30 -7.56 -32.86
N THR C 354 17.01 -7.83 -33.05
CA THR C 354 16.39 -7.90 -34.39
C THR C 354 15.44 -6.76 -34.78
N LEU C 355 15.20 -5.82 -33.88
CA LEU C 355 14.35 -4.66 -34.19
C LEU C 355 14.88 -3.80 -35.35
N GLN C 356 14.00 -3.35 -36.24
CA GLN C 356 14.44 -2.55 -37.39
C GLN C 356 14.72 -1.12 -36.98
N PRO C 357 15.70 -0.49 -37.65
CA PRO C 357 16.08 0.88 -37.32
C PRO C 357 14.97 1.91 -37.30
N LYS C 358 13.94 1.73 -38.12
CA LYS C 358 12.81 2.66 -38.12
C LYS C 358 12.11 2.70 -36.74
N SER C 359 12.10 1.59 -36.02
CA SER C 359 11.42 1.54 -34.69
C SER C 359 12.34 1.78 -33.47
N PHE C 360 13.59 2.20 -33.71
CA PHE C 360 14.57 2.41 -32.62
C PHE C 360 14.14 3.46 -31.58
N GLY C 361 13.46 4.50 -32.03
CA GLY C 361 13.12 5.67 -31.16
C GLY C 361 14.16 6.79 -31.22
N SER C 362 15.24 6.56 -31.95
CA SER C 362 16.28 7.55 -32.13
C SER C 362 17.05 7.21 -33.39
N THR C 363 17.88 8.13 -33.84
CA THR C 363 18.80 7.90 -34.95
C THR C 363 20.22 8.05 -34.44
N CYS C 364 21.17 7.69 -35.30
CA CYS C 364 22.58 7.74 -34.96
C CYS C 364 23.37 8.08 -36.23
N GLN C 365 23.29 9.34 -36.66
CA GLN C 365 24.09 9.88 -37.77
C GLN C 365 25.45 10.33 -37.24
N LEU C 366 26.50 9.61 -37.62
CA LEU C 366 27.84 9.93 -37.17
C LEU C 366 28.28 11.25 -37.77
N SER C 367 29.02 12.03 -36.98
CA SER C 367 29.48 13.35 -37.40
C SER C 367 30.48 13.25 -38.52
N GLU C 368 30.65 14.33 -39.27
CA GLU C 368 31.62 14.35 -40.37
C GLU C 368 33.04 14.24 -39.81
N LYS C 369 33.30 14.86 -38.66
CA LYS C 369 34.59 14.69 -37.96
C LYS C 369 34.94 13.20 -37.70
N PHE C 370 33.95 12.43 -37.21
CA PHE C 370 34.12 11.00 -36.97
C PHE C 370 34.47 10.31 -38.26
N ILE C 371 33.62 10.52 -39.24
CA ILE C 371 33.85 9.91 -40.52
C ILE C 371 35.25 10.26 -41.02
N LYS C 372 35.63 11.52 -40.94
CA LYS C 372 36.94 11.95 -41.40
C LYS C 372 38.07 11.25 -40.66
N ALA C 373 37.95 11.15 -39.35
CA ALA C 373 38.95 10.48 -38.53
C ALA C 373 39.01 9.02 -38.91
N ALA C 374 37.84 8.46 -39.22
CA ALA C 374 37.72 7.08 -39.68
C ALA C 374 38.43 6.81 -41.01
N ILE C 375 38.40 7.78 -41.90
CA ILE C 375 39.04 7.64 -43.21
C ILE C 375 40.55 7.59 -43.01
N GLY C 376 41.03 8.33 -42.01
CA GLY C 376 42.47 8.43 -41.71
C GLY C 376 43.03 7.37 -40.78
N CYS C 377 42.16 6.55 -40.19
CA CYS C 377 42.62 5.53 -39.24
C CYS C 377 43.24 4.29 -39.81
N GLY C 378 43.79 4.35 -41.01
CA GLY C 378 44.54 3.23 -41.58
C GLY C 378 43.75 2.13 -42.29
N ILE C 379 42.42 2.12 -42.20
CA ILE C 379 41.63 1.09 -42.91
C ILE C 379 41.68 1.30 -44.43
N VAL C 380 41.57 2.53 -44.86
CA VAL C 380 41.57 2.78 -46.30
C VAL C 380 42.87 2.40 -46.99
N GLU C 381 43.97 2.61 -46.29
CA GLU C 381 45.29 2.36 -46.82
C GLU C 381 45.51 0.87 -47.01
N SER C 382 45.22 0.10 -45.97
CA SER C 382 45.37 -1.35 -46.05
C SER C 382 44.67 -1.90 -47.28
N ILE C 383 43.45 -1.43 -47.48
CA ILE C 383 42.60 -1.91 -48.57
C ILE C 383 43.19 -1.54 -49.92
N LEU C 384 43.61 -0.29 -50.07
CA LEU C 384 44.24 0.16 -51.33
C LEU C 384 45.49 -0.67 -51.68
N ASN C 385 46.34 -0.89 -50.69
CA ASN C 385 47.57 -1.61 -50.92
C ASN C 385 47.24 -3.00 -51.30
N TRP C 386 46.32 -3.57 -50.56
CA TRP C 386 45.88 -4.93 -50.84
C TRP C 386 45.34 -5.05 -52.27
N VAL C 387 44.54 -4.11 -52.71
CA VAL C 387 43.88 -4.27 -54.03
C VAL C 387 44.85 -3.95 -55.14
N LYS C 388 45.75 -2.99 -54.92
CA LYS C 388 46.86 -2.71 -55.83
C LYS C 388 47.65 -3.97 -56.01
N PHE C 389 47.96 -4.60 -54.89
CA PHE C 389 48.70 -5.83 -54.92
C PHE C 389 48.04 -6.94 -55.73
N LYS C 390 46.77 -7.21 -55.50
CA LYS C 390 46.11 -8.28 -56.27
C LYS C 390 46.10 -8.01 -57.77
N ALA C 391 46.20 -6.74 -58.16
CA ALA C 391 46.18 -6.38 -59.58
C ALA C 391 47.55 -6.72 -60.17
N GLN C 392 48.59 -6.56 -59.36
CA GLN C 392 49.99 -6.89 -59.74
C GLN C 392 50.30 -8.40 -59.81
N VAL C 393 49.45 -9.22 -59.21
CA VAL C 393 49.78 -10.63 -59.12
C VAL C 393 49.55 -11.40 -60.43
N GLN C 394 50.51 -12.25 -60.74
CA GLN C 394 50.46 -13.14 -61.88
C GLN C 394 50.53 -14.56 -61.38
N LEU C 395 49.67 -15.43 -61.90
CA LEU C 395 49.73 -16.86 -61.58
C LEU C 395 50.47 -17.62 -62.71
N ASN C 396 51.59 -18.24 -62.35
CA ASN C 396 52.40 -19.05 -63.27
C ASN C 396 52.56 -20.42 -62.67
N LYS C 397 53.38 -21.29 -63.27
CA LYS C 397 53.70 -22.56 -62.58
C LYS C 397 55.17 -22.97 -62.46
N LYS C 398 55.63 -23.10 -61.23
CA LYS C 398 56.76 -23.97 -60.85
C LYS C 398 57.03 -23.85 -59.35
N SER D 1 0.01 5.29 -10.58
CA SER D 1 -0.81 4.29 -9.83
C SER D 1 -0.09 2.96 -9.75
N VAL D 2 0.08 2.47 -8.54
CA VAL D 2 0.75 1.20 -8.34
C VAL D 2 0.13 0.08 -9.18
N GLU D 3 -1.19 0.06 -9.20
CA GLU D 3 -1.92 -1.04 -9.84
C GLU D 3 -1.86 -0.92 -11.35
N ARG D 4 -1.72 0.29 -11.85
CA ARG D 4 -1.57 0.49 -13.28
C ARG D 4 -0.11 0.23 -13.74
N ILE D 5 0.86 0.59 -12.91
CA ILE D 5 2.26 0.43 -13.24
C ILE D 5 2.63 -1.05 -13.23
N TYR D 6 2.38 -1.71 -12.13
CA TYR D 6 2.77 -3.12 -11.97
C TYR D 6 1.61 -4.04 -12.31
N GLN D 7 1.72 -4.77 -13.39
CA GLN D 7 0.61 -5.57 -13.92
C GLN D 7 0.94 -7.05 -14.00
N LYS D 8 -0.10 -7.85 -13.88
CA LYS D 8 -0.04 -9.25 -14.11
C LYS D 8 -0.91 -9.58 -15.34
N LYS D 9 -0.40 -10.46 -16.19
CA LYS D 9 -1.11 -10.90 -17.37
C LYS D 9 -1.47 -12.36 -17.26
N THR D 10 -2.56 -12.75 -17.90
CA THR D 10 -2.88 -14.16 -18.07
C THR D 10 -1.93 -14.71 -19.11
N GLN D 11 -1.86 -16.03 -19.18
CA GLN D 11 -1.02 -16.68 -20.15
C GLN D 11 -1.43 -16.24 -21.54
N LEU D 12 -2.73 -16.23 -21.80
CA LEU D 12 -3.25 -15.88 -23.10
C LEU D 12 -2.94 -14.43 -23.45
N GLU D 13 -3.19 -13.52 -22.55
CA GLU D 13 -2.89 -12.12 -22.85
C GLU D 13 -1.41 -11.96 -23.17
N HIS D 14 -0.57 -12.68 -22.44
CA HIS D 14 0.87 -12.57 -22.60
C HIS D 14 1.31 -12.99 -23.99
N ILE D 15 0.75 -14.07 -24.48
CA ILE D 15 1.12 -14.59 -25.82
C ILE D 15 0.78 -13.58 -26.89
N LEU D 16 -0.33 -12.91 -26.75
CA LEU D 16 -0.71 -11.89 -27.73
C LEU D 16 0.09 -10.65 -27.56
N LEU D 17 0.44 -10.35 -26.33
CA LEU D 17 1.24 -9.15 -26.05
C LEU D 17 2.72 -9.28 -26.45
N ARG D 18 3.25 -10.50 -26.37
CA ARG D 18 4.65 -10.82 -26.65
C ARG D 18 4.76 -12.04 -27.56
N PRO D 19 4.21 -11.93 -28.75
CA PRO D 19 4.11 -13.08 -29.60
C PRO D 19 5.43 -13.69 -30.01
N ASP D 20 6.42 -12.85 -30.29
CA ASP D 20 7.72 -13.32 -30.83
C ASP D 20 8.43 -14.30 -29.90
N THR D 21 8.16 -14.20 -28.59
CA THR D 21 8.62 -15.19 -27.58
C THR D 21 8.06 -16.62 -27.80
N TYR D 22 6.92 -16.73 -28.47
CA TYR D 22 6.23 -18.01 -28.65
C TYR D 22 6.26 -18.51 -30.07
N ILE D 23 6.11 -17.61 -31.04
CA ILE D 23 6.12 -18.00 -32.46
C ILE D 23 7.26 -17.41 -33.34
N GLY D 24 8.18 -16.65 -32.75
CA GLY D 24 9.20 -15.95 -33.52
C GLY D 24 8.66 -14.68 -34.16
N SER D 25 9.48 -14.05 -34.98
CA SER D 25 9.12 -12.76 -35.54
C SER D 25 7.72 -12.69 -36.17
N VAL D 26 6.96 -11.68 -35.74
CA VAL D 26 5.72 -11.32 -36.38
C VAL D 26 5.90 -10.17 -37.38
N GLU D 27 7.14 -9.97 -37.79
CA GLU D 27 7.53 -8.99 -38.82
C GLU D 27 7.99 -9.73 -40.07
N LEU D 28 7.93 -9.05 -41.22
CA LEU D 28 8.47 -9.60 -42.45
C LEU D 28 9.97 -9.77 -42.36
N VAL D 29 10.46 -10.86 -42.92
CA VAL D 29 11.88 -11.03 -43.16
C VAL D 29 12.05 -11.39 -44.61
N THR D 30 13.27 -11.18 -45.09
CA THR D 30 13.66 -11.50 -46.46
C THR D 30 14.90 -12.37 -46.40
N GLN D 31 14.81 -13.57 -46.98
CA GLN D 31 15.96 -14.45 -47.03
C GLN D 31 15.84 -15.45 -48.16
N GLN D 32 16.97 -16.02 -48.55
CA GLN D 32 17.00 -16.98 -49.63
C GLN D 32 16.68 -18.35 -49.09
N MET D 33 15.84 -19.08 -49.81
CA MET D 33 15.48 -20.43 -49.40
C MET D 33 14.79 -21.19 -50.50
N TRP D 34 14.66 -22.49 -50.31
CA TRP D 34 13.96 -23.32 -51.28
C TRP D 34 12.46 -23.21 -51.06
N VAL D 35 11.70 -22.99 -52.13
CA VAL D 35 10.24 -22.98 -52.08
C VAL D 35 9.71 -23.75 -53.28
N TYR D 36 8.40 -23.98 -53.32
CA TYR D 36 7.75 -24.64 -54.47
C TYR D 36 6.79 -23.65 -55.12
N ASP D 37 7.22 -23.07 -56.23
CA ASP D 37 6.42 -22.08 -56.94
C ASP D 37 5.47 -22.74 -57.95
N GLU D 38 4.27 -22.17 -58.12
CA GLU D 38 3.29 -22.72 -59.08
C GLU D 38 3.88 -22.66 -60.50
N ASP D 39 3.79 -23.80 -61.19
CA ASP D 39 4.31 -23.96 -62.57
C ASP D 39 5.83 -24.20 -62.66
N VAL D 40 6.61 -23.55 -61.81
CA VAL D 40 8.06 -23.71 -61.81
C VAL D 40 8.52 -24.91 -60.99
N GLY D 41 7.91 -25.14 -59.83
CA GLY D 41 8.33 -26.22 -58.92
C GLY D 41 9.41 -25.77 -57.96
N ILE D 42 10.28 -26.69 -57.56
CA ILE D 42 11.23 -26.41 -56.47
C ILE D 42 12.31 -25.48 -56.97
N ASN D 43 12.50 -24.37 -56.27
CA ASN D 43 13.58 -23.48 -56.62
C ASN D 43 14.09 -22.66 -55.47
N TYR D 44 15.33 -22.21 -55.61
CA TYR D 44 16.00 -21.43 -54.59
C TYR D 44 15.93 -19.96 -54.96
N ARG D 45 15.38 -19.11 -54.09
CA ARG D 45 15.25 -17.68 -54.36
C ARG D 45 15.01 -16.88 -53.11
N GLU D 46 15.06 -15.57 -53.28
CA GLU D 46 14.72 -14.62 -52.23
C GLU D 46 13.23 -14.72 -51.94
N VAL D 47 12.87 -14.69 -50.65
CA VAL D 47 11.48 -14.85 -50.19
C VAL D 47 11.21 -13.89 -49.04
N THR D 48 10.05 -13.22 -49.08
CA THR D 48 9.66 -12.30 -48.02
C THR D 48 8.41 -12.85 -47.36
N PHE D 49 8.51 -13.12 -46.07
CA PHE D 49 7.44 -13.76 -45.32
C PHE D 49 7.55 -13.50 -43.84
N VAL D 50 6.48 -13.78 -43.11
CA VAL D 50 6.48 -13.64 -41.64
C VAL D 50 6.68 -15.00 -40.98
N PRO D 51 7.78 -15.17 -40.21
CA PRO D 51 8.09 -16.46 -39.57
C PRO D 51 7.04 -17.00 -38.67
N GLY D 52 6.40 -16.11 -37.93
CA GLY D 52 5.31 -16.50 -37.03
C GLY D 52 4.18 -17.17 -37.77
N LEU D 53 3.88 -16.69 -38.98
CA LEU D 53 2.79 -17.25 -39.77
C LEU D 53 3.17 -18.60 -40.29
N TYR D 54 4.40 -18.72 -40.79
CA TYR D 54 4.92 -20.02 -41.20
C TYR D 54 4.83 -21.00 -40.05
N LYS D 55 5.21 -20.55 -38.87
CA LYS D 55 5.28 -21.43 -37.70
C LYS D 55 3.92 -22.03 -37.34
N ILE D 56 2.89 -21.21 -37.27
CA ILE D 56 1.60 -21.76 -36.88
C ILE D 56 1.07 -22.79 -37.88
N PHE D 57 1.34 -22.58 -39.16
CA PHE D 57 1.00 -23.57 -40.17
C PHE D 57 1.79 -24.84 -39.90
N ASP D 58 3.09 -24.67 -39.68
CA ASP D 58 4.00 -25.77 -39.50
C ASP D 58 3.62 -26.62 -38.32
N GLU D 59 3.17 -25.98 -37.24
CA GLU D 59 2.79 -26.70 -35.99
C GLU D 59 1.69 -27.72 -36.26
N ILE D 60 0.73 -27.35 -37.10
CA ILE D 60 -0.39 -28.26 -37.41
C ILE D 60 0.05 -29.37 -38.37
N LEU D 61 0.88 -29.00 -39.34
CA LEU D 61 1.38 -29.97 -40.30
C LEU D 61 2.23 -31.00 -39.61
N VAL D 62 3.11 -30.55 -38.75
CA VAL D 62 3.97 -31.48 -38.02
C VAL D 62 3.16 -32.38 -37.10
N ASN D 63 2.12 -31.82 -36.51
CA ASN D 63 1.26 -32.62 -35.64
C ASN D 63 0.67 -33.79 -36.40
N ALA D 64 0.32 -33.54 -37.65
CA ALA D 64 -0.24 -34.61 -38.47
C ALA D 64 0.82 -35.69 -38.66
N ALA D 65 2.03 -35.28 -38.99
CA ALA D 65 3.11 -36.26 -39.17
C ALA D 65 3.47 -36.96 -37.87
N ASP D 66 3.31 -36.27 -36.75
CA ASP D 66 3.54 -36.92 -35.44
C ASP D 66 2.62 -38.13 -35.27
N ASN D 67 1.40 -38.03 -35.77
CA ASN D 67 0.45 -39.12 -35.63
C ASN D 67 0.87 -40.45 -36.27
N LYS D 68 1.81 -40.38 -37.21
CA LYS D 68 2.37 -41.57 -37.79
C LYS D 68 3.12 -42.43 -36.76
N GLN D 69 3.77 -41.77 -35.80
CA GLN D 69 4.53 -42.49 -34.76
C GLN D 69 3.62 -43.11 -33.75
N ARG D 70 2.58 -42.36 -33.42
CA ARG D 70 1.50 -42.85 -32.57
C ARG D 70 0.77 -44.07 -33.19
N ASP D 71 0.61 -44.06 -34.53
CA ASP D 71 -0.12 -45.10 -35.28
C ASP D 71 0.50 -45.34 -36.64
N PRO D 72 1.39 -46.36 -36.74
CA PRO D 72 2.04 -46.67 -38.02
C PRO D 72 1.09 -46.98 -39.17
N LYS D 73 -0.17 -47.35 -38.90
CA LYS D 73 -1.14 -47.64 -39.96
C LYS D 73 -1.60 -46.40 -40.71
N MET D 74 -1.34 -45.22 -40.14
CA MET D 74 -1.64 -43.96 -40.85
C MET D 74 -0.97 -44.01 -42.21
N SER D 75 -1.69 -43.58 -43.24
CA SER D 75 -1.18 -43.67 -44.62
C SER D 75 -1.34 -42.38 -45.43
N CYS D 76 -2.02 -41.39 -44.89
CA CYS D 76 -2.37 -40.25 -45.71
C CYS D 76 -2.47 -38.94 -44.92
N ILE D 77 -2.04 -37.85 -45.55
CA ILE D 77 -2.25 -36.49 -45.06
C ILE D 77 -2.75 -35.64 -46.21
N ARG D 78 -3.81 -34.85 -45.96
CA ARG D 78 -4.37 -34.00 -47.00
C ARG D 78 -4.29 -32.57 -46.54
N VAL D 79 -3.72 -31.74 -47.39
CA VAL D 79 -3.55 -30.34 -47.09
C VAL D 79 -4.33 -29.52 -48.07
N THR D 80 -5.00 -28.48 -47.56
CA THR D 80 -5.75 -27.54 -48.36
C THR D 80 -5.35 -26.12 -48.04
N ILE D 81 -4.94 -25.38 -49.07
CA ILE D 81 -4.60 -23.97 -48.93
C ILE D 81 -5.51 -23.16 -49.89
N ASP D 82 -6.23 -22.19 -49.34
CA ASP D 82 -7.20 -21.37 -50.10
C ASP D 82 -7.01 -19.89 -49.78
N PRO D 83 -6.10 -19.21 -50.48
CA PRO D 83 -5.79 -17.79 -50.21
C PRO D 83 -6.99 -16.84 -50.28
N GLU D 84 -7.90 -17.09 -51.19
CA GLU D 84 -9.08 -16.22 -51.39
C GLU D 84 -9.98 -16.21 -50.16
N ASN D 85 -10.26 -17.41 -49.62
CA ASN D 85 -11.06 -17.54 -48.41
C ASN D 85 -10.26 -17.51 -47.09
N ASN D 86 -8.97 -17.21 -47.20
CA ASN D 86 -8.03 -17.21 -46.06
C ASN D 86 -8.22 -18.45 -45.20
N LEU D 87 -8.07 -19.61 -45.83
CA LEU D 87 -8.52 -20.86 -45.24
C LEU D 87 -7.51 -21.97 -45.48
N ILE D 88 -7.14 -22.63 -44.39
CA ILE D 88 -6.19 -23.72 -44.44
C ILE D 88 -6.78 -24.87 -43.67
N SER D 89 -6.63 -26.07 -44.20
CA SER D 89 -7.03 -27.26 -43.47
C SER D 89 -6.01 -28.36 -43.63
N ILE D 90 -5.83 -29.14 -42.56
CA ILE D 90 -4.86 -30.21 -42.54
C ILE D 90 -5.50 -31.47 -41.94
N TRP D 91 -5.64 -32.46 -42.80
CA TRP D 91 -6.39 -33.66 -42.50
C TRP D 91 -5.39 -34.79 -42.44
N ASN D 92 -5.63 -35.74 -41.52
CA ASN D 92 -4.83 -36.98 -41.51
C ASN D 92 -5.70 -38.19 -41.08
N ASN D 93 -5.28 -39.37 -41.48
CA ASN D 93 -5.95 -40.58 -41.09
C ASN D 93 -5.12 -41.25 -40.01
N GLY D 94 -5.32 -42.54 -39.77
CA GLY D 94 -4.75 -43.19 -38.56
C GLY D 94 -5.57 -42.82 -37.33
N LYS D 95 -5.19 -43.36 -36.16
CA LYS D 95 -6.02 -43.19 -34.95
C LYS D 95 -6.37 -41.71 -34.68
N GLY D 96 -7.64 -41.49 -34.38
CA GLY D 96 -8.13 -40.19 -34.00
C GLY D 96 -7.88 -39.93 -32.53
N ILE D 97 -8.23 -38.74 -32.08
CA ILE D 97 -7.98 -38.37 -30.68
C ILE D 97 -9.13 -38.92 -29.85
N PRO D 98 -8.82 -39.56 -28.72
CA PRO D 98 -9.88 -40.16 -27.90
C PRO D 98 -11.00 -39.17 -27.61
N VAL D 99 -12.19 -39.46 -28.14
CA VAL D 99 -13.36 -38.61 -27.89
C VAL D 99 -14.04 -39.08 -26.60
N VAL D 100 -13.62 -38.50 -25.48
CA VAL D 100 -14.01 -38.98 -24.16
C VAL D 100 -13.62 -37.90 -23.13
N GLU D 101 -14.29 -37.87 -21.98
CA GLU D 101 -13.96 -36.89 -20.95
C GLU D 101 -12.70 -37.27 -20.20
N HIS D 102 -11.81 -36.29 -20.05
CA HIS D 102 -10.58 -36.45 -19.26
C HIS D 102 -10.99 -36.37 -17.79
N LYS D 103 -10.69 -37.40 -17.03
CA LYS D 103 -11.16 -37.50 -15.63
C LYS D 103 -10.53 -36.49 -14.66
N VAL D 104 -9.32 -36.05 -14.94
CA VAL D 104 -8.68 -35.04 -14.08
C VAL D 104 -9.05 -33.63 -14.50
N GLU D 105 -9.10 -33.37 -15.80
CA GLU D 105 -9.30 -32.02 -16.30
C GLU D 105 -10.75 -31.70 -16.59
N LYS D 106 -11.58 -32.73 -16.54
CA LYS D 106 -13.03 -32.58 -16.60
C LYS D 106 -13.49 -31.92 -17.89
N MET D 107 -12.85 -32.26 -18.98
CA MET D 107 -13.36 -31.89 -20.31
C MET D 107 -12.92 -32.93 -21.32
N TYR D 108 -13.59 -32.93 -22.46
CA TYR D 108 -13.23 -33.80 -23.57
C TYR D 108 -11.81 -33.54 -24.07
N VAL D 109 -11.10 -34.63 -24.36
CA VAL D 109 -9.67 -34.58 -24.66
C VAL D 109 -9.36 -33.65 -25.82
N PRO D 110 -10.10 -33.74 -26.93
CA PRO D 110 -9.76 -32.82 -28.02
C PRO D 110 -9.86 -31.36 -27.60
N ALA D 111 -10.89 -31.00 -26.86
CA ALA D 111 -11.03 -29.62 -26.40
C ALA D 111 -9.88 -29.21 -25.47
N LEU D 112 -9.42 -30.17 -24.67
CA LEU D 112 -8.36 -29.95 -23.72
C LEU D 112 -7.03 -29.62 -24.43
N ILE D 113 -6.66 -30.45 -25.39
CA ILE D 113 -5.34 -30.35 -26.01
C ILE D 113 -5.25 -29.35 -27.16
N PHE D 114 -6.38 -28.82 -27.59
CA PHE D 114 -6.40 -27.75 -28.60
C PHE D 114 -6.84 -26.43 -28.03
N GLY D 115 -7.41 -26.44 -26.84
CA GLY D 115 -7.99 -25.23 -26.25
C GLY D 115 -7.37 -24.77 -24.93
N GLN D 116 -6.51 -25.59 -24.35
CA GLN D 116 -5.90 -25.25 -23.09
C GLN D 116 -4.40 -25.26 -23.27
N LEU D 117 -3.76 -24.23 -22.71
CA LEU D 117 -2.32 -24.09 -22.81
C LEU D 117 -1.63 -25.15 -21.96
N LEU D 118 -0.44 -25.54 -22.39
CA LEU D 118 0.41 -26.47 -21.66
C LEU D 118 -0.16 -27.86 -21.58
N THR D 119 -0.66 -28.34 -22.72
CA THR D 119 -1.25 -29.67 -22.80
C THR D 119 -0.61 -30.47 -23.90
N SER D 120 -0.23 -31.70 -23.56
CA SER D 120 0.54 -32.55 -24.48
C SER D 120 0.48 -34.00 -24.06
N SER D 121 0.65 -34.90 -25.01
CA SER D 121 0.92 -36.33 -24.68
C SER D 121 2.41 -36.63 -24.72
N ASN D 122 3.23 -35.60 -24.88
CA ASN D 122 4.67 -35.79 -25.00
C ASN D 122 5.44 -35.23 -23.82
N TYR D 123 4.80 -35.15 -22.66
CA TYR D 123 5.43 -34.58 -21.46
C TYR D 123 6.15 -35.60 -20.63
N ASP D 124 5.92 -36.86 -20.92
CA ASP D 124 6.66 -37.90 -20.26
C ASP D 124 7.92 -38.23 -21.11
N ASP D 125 9.09 -37.81 -20.65
CA ASP D 125 10.35 -38.07 -21.40
C ASP D 125 10.92 -39.48 -21.23
N ASP D 126 10.49 -40.18 -20.19
CA ASP D 126 10.83 -41.61 -20.00
C ASP D 126 10.38 -42.46 -21.21
N GLU D 127 9.29 -42.07 -21.86
CA GLU D 127 8.72 -42.81 -22.99
C GLU D 127 9.59 -42.75 -24.29
N LYS D 128 10.51 -41.79 -24.37
CA LYS D 128 11.47 -41.73 -25.48
C LYS D 128 10.82 -41.82 -26.87
N LYS D 129 10.18 -40.73 -27.28
CA LYS D 129 9.45 -40.64 -28.54
C LYS D 129 10.17 -39.79 -29.58
N VAL D 130 9.87 -40.05 -30.84
CA VAL D 130 10.48 -39.31 -31.96
C VAL D 130 9.46 -38.44 -32.68
N THR D 131 8.69 -37.70 -31.89
CA THR D 131 7.74 -36.73 -32.43
C THR D 131 8.38 -35.34 -32.50
N GLY D 132 7.84 -34.51 -33.37
CA GLY D 132 8.22 -33.10 -33.39
C GLY D 132 7.67 -32.42 -32.16
N GLY D 133 6.56 -32.95 -31.64
CA GLY D 133 5.91 -32.39 -30.47
C GLY D 133 6.66 -32.66 -29.19
N ARG D 134 6.68 -31.65 -28.33
CA ARG D 134 7.42 -31.75 -27.08
C ARG D 134 6.93 -30.78 -25.96
N ASN D 135 6.49 -29.59 -26.34
CA ASN D 135 6.23 -28.52 -25.38
C ASN D 135 4.77 -28.27 -25.06
N GLY D 136 3.85 -28.77 -25.87
CA GLY D 136 2.42 -28.56 -25.62
C GLY D 136 1.88 -27.16 -25.89
N TYR D 137 2.53 -26.44 -26.80
CA TYR D 137 2.09 -25.11 -27.21
C TYR D 137 1.49 -25.08 -28.62
N GLY D 138 2.13 -25.79 -29.55
CA GLY D 138 1.91 -25.64 -30.97
C GLY D 138 0.48 -25.40 -31.44
N ALA D 139 -0.38 -26.36 -31.16
CA ALA D 139 -1.75 -26.29 -31.65
C ALA D 139 -2.48 -25.11 -31.06
N LYS D 140 -2.21 -24.83 -29.79
CA LYS D 140 -2.80 -23.65 -29.12
C LYS D 140 -2.32 -22.36 -29.81
N LEU D 141 -1.07 -22.31 -30.19
CA LEU D 141 -0.55 -21.09 -30.79
C LEU D 141 -1.26 -20.84 -32.10
N CYS D 142 -1.46 -21.88 -32.87
CA CYS D 142 -2.17 -21.71 -34.15
C CYS D 142 -3.58 -21.17 -33.87
N ASN D 143 -4.20 -21.72 -32.84
CA ASN D 143 -5.51 -21.29 -32.43
C ASN D 143 -5.47 -19.83 -31.97
N ILE D 144 -4.53 -19.47 -31.10
CA ILE D 144 -4.40 -18.11 -30.60
C ILE D 144 -4.23 -17.12 -31.77
N PHE D 145 -3.52 -17.52 -32.83
CA PHE D 145 -3.27 -16.59 -33.95
C PHE D 145 -4.15 -16.84 -35.14
N SER D 146 -5.35 -17.35 -34.85
CA SER D 146 -6.41 -17.54 -35.84
C SER D 146 -7.72 -16.85 -35.41
N THR D 147 -8.42 -16.25 -36.36
CA THR D 147 -9.75 -15.65 -36.11
C THR D 147 -10.81 -16.74 -35.91
N LYS D 148 -10.60 -17.87 -36.59
CA LYS D 148 -11.41 -19.07 -36.43
C LYS D 148 -10.52 -20.31 -36.54
N PHE D 149 -10.79 -21.27 -35.66
CA PHE D 149 -9.96 -22.48 -35.57
C PHE D 149 -10.82 -23.67 -35.20
N THR D 150 -10.90 -24.64 -36.10
CA THR D 150 -11.85 -25.73 -35.92
C THR D 150 -11.12 -27.03 -35.79
N VAL D 151 -11.50 -27.80 -34.78
CA VAL D 151 -10.95 -29.16 -34.59
C VAL D 151 -12.04 -30.20 -34.83
N GLU D 152 -11.73 -31.16 -35.68
CA GLU D 152 -12.64 -32.27 -35.92
C GLU D 152 -11.83 -33.55 -35.85
N THR D 153 -12.25 -34.46 -34.98
CA THR D 153 -11.55 -35.72 -34.88
C THR D 153 -12.58 -36.84 -34.63
N ALA D 154 -12.26 -38.05 -35.08
CA ALA D 154 -13.18 -39.19 -35.05
C ALA D 154 -12.48 -40.45 -34.54
N SER D 155 -13.07 -41.06 -33.53
CA SER D 155 -12.47 -42.20 -32.84
C SER D 155 -13.44 -43.41 -32.83
N ARG D 156 -13.18 -44.36 -33.72
CA ARG D 156 -13.89 -45.65 -33.73
C ARG D 156 -13.86 -46.30 -32.36
N GLU D 157 -12.68 -46.34 -31.76
CA GLU D 157 -12.50 -46.95 -30.42
C GLU D 157 -13.50 -46.45 -29.37
N TYR D 158 -13.80 -45.17 -29.39
CA TYR D 158 -14.77 -44.58 -28.46
C TYR D 158 -16.10 -44.37 -29.15
N LYS D 159 -16.20 -44.80 -30.40
CA LYS D 159 -17.48 -44.76 -31.12
C LYS D 159 -18.08 -43.36 -31.27
N LYS D 160 -17.25 -42.31 -31.21
CA LYS D 160 -17.74 -40.91 -31.30
C LYS D 160 -16.89 -39.99 -32.19
N MET D 161 -17.53 -38.95 -32.70
CA MET D 161 -16.86 -37.89 -33.46
C MET D 161 -16.99 -36.61 -32.67
N PHE D 162 -15.89 -35.85 -32.61
CA PHE D 162 -15.83 -34.58 -31.92
C PHE D 162 -15.68 -33.48 -32.95
N LYS D 163 -16.35 -32.36 -32.71
CA LYS D 163 -16.15 -31.17 -33.50
C LYS D 163 -16.38 -29.91 -32.68
N GLN D 164 -15.46 -28.95 -32.78
CA GLN D 164 -15.55 -27.70 -32.03
C GLN D 164 -14.75 -26.60 -32.67
N THR D 165 -15.29 -25.39 -32.60
CA THR D 165 -14.69 -24.21 -33.24
C THR D 165 -14.36 -23.16 -32.19
N TRP D 166 -13.15 -22.63 -32.29
CA TRP D 166 -12.72 -21.50 -31.46
C TRP D 166 -12.67 -20.26 -32.36
N MET D 167 -12.79 -19.09 -31.76
CA MET D 167 -12.80 -17.84 -32.50
C MET D 167 -12.03 -16.75 -31.78
N ASP D 168 -11.63 -15.74 -32.54
CA ASP D 168 -11.09 -14.51 -31.97
C ASP D 168 -9.90 -14.78 -31.04
N ASN D 169 -8.87 -15.36 -31.62
CA ASN D 169 -7.64 -15.61 -30.92
C ASN D 169 -7.89 -16.48 -29.70
N MET D 170 -8.69 -17.50 -29.84
CA MET D 170 -8.98 -18.43 -28.74
C MET D 170 -9.66 -17.72 -27.59
N GLY D 171 -10.32 -16.61 -27.90
CA GLY D 171 -11.01 -15.83 -26.88
C GLY D 171 -12.37 -16.37 -26.51
N ARG D 172 -13.01 -17.05 -27.46
CA ARG D 172 -14.28 -17.70 -27.22
C ARG D 172 -14.34 -18.97 -28.03
N ALA D 173 -15.27 -19.84 -27.66
CA ALA D 173 -15.50 -21.09 -28.38
C ALA D 173 -16.98 -21.29 -28.67
N GLY D 174 -17.27 -21.92 -29.81
CA GLY D 174 -18.62 -22.39 -30.10
C GLY D 174 -18.93 -23.64 -29.31
N GLU D 175 -20.16 -24.11 -29.44
CA GLU D 175 -20.59 -25.30 -28.75
C GLU D 175 -19.86 -26.53 -29.26
N MET D 176 -19.52 -27.45 -28.36
CA MET D 176 -18.93 -28.73 -28.75
C MET D 176 -20.01 -29.65 -29.32
N GLU D 177 -19.78 -30.19 -30.53
CA GLU D 177 -20.69 -31.15 -31.18
C GLU D 177 -20.17 -32.57 -31.10
N LEU D 178 -20.98 -33.46 -30.53
CA LEU D 178 -20.68 -34.89 -30.51
C LEU D 178 -21.68 -35.65 -31.37
N LYS D 179 -21.21 -36.73 -31.99
CA LYS D 179 -22.05 -37.59 -32.79
C LYS D 179 -21.55 -39.03 -32.69
N PRO D 180 -22.45 -39.99 -32.80
CA PRO D 180 -22.00 -41.38 -32.94
C PRO D 180 -21.14 -41.59 -34.20
N PHE D 181 -20.26 -42.57 -34.16
CA PHE D 181 -19.33 -42.79 -35.24
C PHE D 181 -18.79 -44.22 -35.23
N ASN D 182 -18.77 -44.85 -36.40
CA ASN D 182 -17.94 -46.02 -36.70
C ASN D 182 -17.24 -45.67 -38.07
N GLY D 183 -16.74 -46.63 -38.83
CA GLY D 183 -15.89 -46.23 -39.99
C GLY D 183 -14.49 -45.71 -39.58
N GLU D 184 -13.75 -45.16 -40.54
CA GLU D 184 -12.30 -45.01 -40.38
C GLU D 184 -11.88 -43.66 -39.78
N ASP D 185 -10.93 -43.71 -38.84
CA ASP D 185 -10.54 -42.55 -38.03
C ASP D 185 -9.86 -41.49 -38.87
N TYR D 186 -10.16 -40.24 -38.54
CA TYR D 186 -9.51 -39.09 -39.14
C TYR D 186 -9.42 -37.93 -38.13
N THR D 187 -8.50 -37.01 -38.38
CA THR D 187 -8.44 -35.72 -37.67
C THR D 187 -8.27 -34.62 -38.72
N CYS D 188 -9.05 -33.56 -38.60
CA CYS D 188 -8.97 -32.43 -39.51
C CYS D 188 -8.96 -31.11 -38.75
N ILE D 189 -7.90 -30.33 -38.95
CA ILE D 189 -7.81 -29.02 -38.33
C ILE D 189 -8.00 -28.01 -39.43
N THR D 190 -8.94 -27.11 -39.26
CA THR D 190 -9.25 -26.11 -40.26
C THR D 190 -9.17 -24.77 -39.57
N PHE D 191 -8.41 -23.84 -40.15
CA PHE D 191 -8.22 -22.54 -39.55
C PHE D 191 -8.06 -21.38 -40.51
N GLN D 192 -8.39 -20.19 -40.01
CA GLN D 192 -8.22 -18.95 -40.74
C GLN D 192 -7.24 -18.08 -39.95
N PRO D 193 -6.00 -17.92 -40.44
CA PRO D 193 -5.02 -17.18 -39.67
C PRO D 193 -5.38 -15.71 -39.55
N ASP D 194 -5.10 -15.13 -38.40
CA ASP D 194 -5.38 -13.73 -38.13
C ASP D 194 -4.29 -12.86 -38.78
N LEU D 195 -4.50 -12.50 -40.03
CA LEU D 195 -3.47 -11.82 -40.80
C LEU D 195 -3.12 -10.43 -40.30
N SER D 196 -4.05 -9.80 -39.60
CA SER D 196 -3.78 -8.48 -38.99
C SER D 196 -2.68 -8.59 -37.93
N LYS D 197 -2.59 -9.74 -37.27
CA LYS D 197 -1.54 -9.96 -36.29
C LYS D 197 -0.16 -10.05 -36.95
N PHE D 198 -0.16 -10.39 -38.23
CA PHE D 198 1.09 -10.51 -38.99
C PHE D 198 1.25 -9.39 -39.99
N LYS D 199 0.38 -8.39 -39.91
CA LYS D 199 0.39 -7.21 -40.82
C LYS D 199 0.37 -7.60 -42.29
N MET D 200 -0.53 -8.49 -42.65
CA MET D 200 -0.66 -8.95 -44.01
C MET D 200 -2.10 -8.80 -44.48
N GLN D 201 -2.28 -8.68 -45.80
CA GLN D 201 -3.62 -8.59 -46.40
C GLN D 201 -4.15 -9.93 -46.78
N SER D 202 -3.28 -10.80 -47.27
CA SER D 202 -3.70 -12.13 -47.68
C SER D 202 -2.53 -13.12 -47.62
N LEU D 203 -2.82 -14.37 -47.88
CA LEU D 203 -1.77 -15.37 -48.08
C LEU D 203 -1.14 -15.18 -49.47
N ASP D 204 -0.06 -14.40 -49.52
CA ASP D 204 0.59 -14.06 -50.80
C ASP D 204 1.39 -15.21 -51.43
N LYS D 205 1.95 -14.94 -52.60
CA LYS D 205 2.70 -15.95 -53.38
C LYS D 205 3.79 -16.63 -52.54
N ASP D 206 4.57 -15.80 -51.85
CA ASP D 206 5.75 -16.27 -51.13
C ASP D 206 5.41 -17.23 -49.97
N ILE D 207 4.53 -16.82 -49.08
CA ILE D 207 4.18 -17.68 -47.96
C ILE D 207 3.53 -18.97 -48.47
N VAL D 208 2.71 -18.86 -49.50
CA VAL D 208 2.07 -20.03 -50.08
C VAL D 208 3.11 -20.98 -50.70
N ALA D 209 4.12 -20.40 -51.32
CA ALA D 209 5.19 -21.21 -51.93
C ALA D 209 5.95 -21.98 -50.89
N LEU D 210 6.16 -21.36 -49.74
CA LEU D 210 6.76 -22.04 -48.58
C LEU D 210 5.86 -23.15 -47.99
N MET D 211 4.60 -22.81 -47.75
CA MET D 211 3.64 -23.77 -47.22
C MET D 211 3.56 -24.97 -48.15
N VAL D 212 3.50 -24.71 -49.46
CA VAL D 212 3.43 -25.81 -50.44
C VAL D 212 4.69 -26.67 -50.36
N ARG D 213 5.85 -26.03 -50.24
CA ARG D 213 7.07 -26.82 -50.13
C ARG D 213 7.06 -27.72 -48.91
N ARG D 214 6.47 -27.23 -47.82
CA ARG D 214 6.42 -28.05 -46.62
C ARG D 214 5.60 -29.30 -46.89
N ALA D 215 4.56 -29.18 -47.71
CA ALA D 215 3.74 -30.34 -48.06
C ALA D 215 4.61 -31.40 -48.73
N TYR D 216 5.43 -30.94 -49.66
CA TYR D 216 6.35 -31.83 -50.32
C TYR D 216 7.36 -32.43 -49.32
N ASP D 217 7.81 -31.61 -48.36
CA ASP D 217 8.78 -32.11 -47.31
C ASP D 217 8.20 -33.26 -46.54
N ILE D 218 6.94 -33.10 -46.15
CA ILE D 218 6.25 -34.12 -45.39
C ILE D 218 6.12 -35.37 -46.23
N ALA D 219 5.81 -35.19 -47.50
CA ALA D 219 5.78 -36.32 -48.43
C ALA D 219 7.14 -37.01 -48.48
N GLY D 220 8.19 -36.22 -48.36
CA GLY D 220 9.54 -36.75 -48.42
C GLY D 220 10.07 -37.34 -47.14
N SER D 221 9.63 -36.80 -46.01
CA SER D 221 10.24 -37.13 -44.73
C SER D 221 9.51 -38.20 -43.98
N THR D 222 8.24 -38.39 -44.27
CA THR D 222 7.46 -39.42 -43.59
C THR D 222 7.55 -40.73 -44.36
N LYS D 223 7.22 -41.83 -43.69
CA LYS D 223 7.25 -43.16 -44.29
C LYS D 223 5.89 -43.69 -44.67
N ASP D 224 5.71 -44.06 -45.94
CA ASP D 224 4.47 -44.68 -46.42
C ASP D 224 3.28 -43.79 -46.10
N VAL D 225 3.42 -42.51 -46.42
CA VAL D 225 2.33 -41.57 -46.25
C VAL D 225 2.12 -40.82 -47.55
N LYS D 226 0.96 -40.97 -48.13
CA LYS D 226 0.61 -40.21 -49.32
C LYS D 226 0.26 -38.83 -48.83
N VAL D 227 0.63 -37.82 -49.61
CA VAL D 227 0.27 -36.45 -49.30
C VAL D 227 -0.52 -35.83 -50.43
N PHE D 228 -1.63 -35.18 -50.09
CA PHE D 228 -2.41 -34.48 -51.07
C PHE D 228 -2.38 -33.00 -50.78
N LEU D 229 -2.33 -32.22 -51.85
CA LEU D 229 -2.44 -30.78 -51.78
C LEU D 229 -3.60 -30.33 -52.67
N ASN D 230 -4.54 -29.59 -52.08
CA ASN D 230 -5.77 -29.18 -52.75
C ASN D 230 -6.41 -30.26 -53.64
N GLY D 231 -6.35 -31.50 -53.18
CA GLY D 231 -6.95 -32.62 -53.89
C GLY D 231 -6.04 -33.43 -54.77
N ASN D 232 -4.80 -32.99 -54.97
CA ASN D 232 -3.90 -33.67 -55.90
C ASN D 232 -2.81 -34.36 -55.13
N LYS D 233 -2.62 -35.64 -55.43
CA LYS D 233 -1.57 -36.40 -54.80
C LYS D 233 -0.22 -35.85 -55.27
N LEU D 234 0.66 -35.61 -54.32
CA LEU D 234 2.00 -35.16 -54.64
C LEU D 234 2.76 -36.35 -55.17
N PRO D 235 3.49 -36.16 -56.28
CA PRO D 235 4.28 -37.23 -56.88
C PRO D 235 5.60 -37.55 -56.13
N VAL D 236 5.60 -37.55 -54.80
CA VAL D 236 6.80 -37.90 -54.03
C VAL D 236 6.54 -39.20 -53.29
N LYS D 237 7.32 -40.24 -53.63
CA LYS D 237 7.25 -41.49 -52.87
C LYS D 237 8.16 -41.36 -51.64
N GLY D 238 9.41 -41.81 -51.74
CA GLY D 238 10.32 -41.76 -50.60
C GLY D 238 11.09 -40.45 -50.47
N PHE D 239 12.05 -40.47 -49.55
CA PHE D 239 13.02 -39.39 -49.40
C PHE D 239 13.88 -39.26 -50.67
N ARG D 240 14.30 -40.40 -51.21
CA ARG D 240 15.02 -40.46 -52.49
C ARG D 240 14.32 -39.64 -53.55
N SER D 241 13.04 -39.90 -53.75
CA SER D 241 12.28 -39.17 -54.77
C SER D 241 12.11 -37.68 -54.43
N TYR D 242 12.08 -37.38 -53.13
CA TYR D 242 12.08 -35.99 -52.68
C TYR D 242 13.41 -35.31 -53.04
N VAL D 243 14.53 -35.97 -52.74
CA VAL D 243 15.84 -35.45 -53.10
C VAL D 243 15.96 -35.22 -54.63
N ASP D 244 15.41 -36.13 -55.44
CA ASP D 244 15.49 -36.01 -56.91
C ASP D 244 14.89 -34.69 -57.41
N MET D 245 13.84 -34.20 -56.77
CA MET D 245 13.27 -32.90 -57.18
C MET D 245 14.29 -31.75 -57.15
N TYR D 246 15.24 -31.81 -56.22
CA TYR D 246 16.28 -30.78 -56.14
C TYR D 246 17.32 -30.92 -57.24
N LEU D 247 17.40 -32.10 -57.85
CA LEU D 247 18.47 -32.44 -58.80
C LEU D 247 18.03 -32.79 -60.23
N LYS D 248 17.43 -31.81 -60.94
CA LYS D 248 17.01 -31.99 -62.33
C LYS D 248 17.55 -30.90 -63.23
N LYS D 259 24.34 -37.22 -60.20
CA LYS D 259 25.30 -38.12 -59.55
C LYS D 259 25.04 -38.13 -58.04
N VAL D 260 24.27 -39.12 -57.57
CA VAL D 260 23.73 -39.13 -56.20
C VAL D 260 23.91 -40.46 -55.46
N ILE D 261 24.48 -40.39 -54.28
CA ILE D 261 24.76 -41.58 -53.48
C ILE D 261 23.70 -41.62 -52.40
N HIS D 262 23.20 -42.81 -52.12
CA HIS D 262 22.07 -43.01 -51.21
C HIS D 262 22.32 -44.11 -50.21
N GLU D 263 21.73 -43.98 -49.04
CA GLU D 263 21.62 -45.10 -48.11
C GLU D 263 20.51 -44.85 -47.10
N GLN D 264 19.60 -45.81 -46.98
CA GLN D 264 18.72 -45.88 -45.84
C GLN D 264 19.42 -46.66 -44.76
N VAL D 265 20.09 -45.96 -43.88
CA VAL D 265 21.03 -46.59 -42.94
C VAL D 265 20.28 -47.52 -42.00
N ASN D 266 19.14 -47.06 -41.51
CA ASN D 266 18.29 -47.85 -40.63
C ASN D 266 16.93 -47.20 -40.55
N HIS D 267 16.05 -47.76 -39.73
CA HIS D 267 14.68 -47.21 -39.57
C HIS D 267 14.61 -45.71 -39.18
N ARG D 268 15.70 -45.12 -38.72
CA ARG D 268 15.70 -43.71 -38.25
C ARG D 268 16.59 -42.75 -39.03
N TRP D 269 17.39 -43.27 -39.97
CA TRP D 269 18.32 -42.42 -40.71
C TRP D 269 18.35 -42.74 -42.18
N GLU D 270 18.25 -41.71 -42.98
CA GLU D 270 18.38 -41.85 -44.41
C GLU D 270 19.27 -40.71 -44.92
N VAL D 271 20.22 -41.03 -45.77
CA VAL D 271 21.19 -40.07 -46.26
C VAL D 271 21.40 -40.11 -47.77
N CYS D 272 21.39 -38.95 -48.38
CA CYS D 272 21.82 -38.80 -49.76
C CYS D 272 22.94 -37.79 -49.80
N LEU D 273 23.85 -38.01 -50.72
CA LEU D 273 25.00 -37.13 -50.92
C LEU D 273 25.26 -36.92 -52.39
N THR D 274 25.54 -35.67 -52.75
CA THR D 274 26.04 -35.32 -54.08
C THR D 274 27.12 -34.21 -53.96
N MET D 275 27.73 -33.83 -55.09
CA MET D 275 28.74 -32.77 -55.07
C MET D 275 28.08 -31.41 -55.10
N SER D 276 28.67 -30.49 -54.35
CA SER D 276 28.27 -29.09 -54.41
C SER D 276 29.36 -28.30 -55.09
N GLU D 277 28.95 -27.33 -55.90
CA GLU D 277 29.87 -26.38 -56.51
C GLU D 277 29.67 -24.98 -55.91
N LYS D 278 28.81 -24.86 -54.89
CA LYS D 278 28.53 -23.53 -54.29
C LYS D 278 28.80 -23.53 -52.79
N GLY D 279 29.72 -24.39 -52.36
CA GLY D 279 30.06 -24.51 -50.94
C GLY D 279 29.24 -25.61 -50.28
N PHE D 280 29.46 -25.82 -48.98
CA PHE D 280 28.70 -26.84 -48.25
C PHE D 280 27.20 -26.55 -48.27
N GLN D 281 26.41 -27.51 -48.73
CA GLN D 281 24.94 -27.39 -48.69
C GLN D 281 24.33 -28.52 -47.90
N GLN D 282 23.25 -28.23 -47.19
CA GLN D 282 22.51 -29.28 -46.49
C GLN D 282 21.02 -29.04 -46.53
N ILE D 283 20.29 -30.13 -46.68
CA ILE D 283 18.84 -30.13 -46.65
C ILE D 283 18.47 -31.26 -45.69
N SER D 284 17.76 -30.95 -44.62
CA SER D 284 17.55 -31.94 -43.55
C SER D 284 16.27 -31.77 -42.77
N PHE D 285 15.91 -32.84 -42.09
CA PHE D 285 14.66 -32.92 -41.31
C PHE D 285 14.90 -33.74 -40.07
N VAL D 286 14.29 -33.29 -38.98
CA VAL D 286 14.32 -34.00 -37.71
C VAL D 286 12.86 -34.15 -37.29
N ASN D 287 12.40 -35.38 -37.19
CA ASN D 287 11.00 -35.66 -36.86
C ASN D 287 10.07 -34.80 -37.73
N SER D 288 10.35 -34.77 -39.03
CA SER D 288 9.58 -34.02 -40.02
C SER D 288 9.62 -32.50 -39.87
N ILE D 289 10.41 -32.02 -38.92
CA ILE D 289 10.66 -30.58 -38.81
C ILE D 289 11.80 -30.17 -39.75
N ALA D 290 11.62 -29.07 -40.45
CA ALA D 290 12.61 -28.58 -41.41
C ALA D 290 13.74 -27.86 -40.72
N THR D 291 14.89 -28.53 -40.55
CA THR D 291 16.05 -27.93 -39.91
C THR D 291 16.92 -27.21 -40.93
N SER D 292 16.41 -26.06 -41.39
CA SER D 292 17.01 -25.30 -42.52
C SER D 292 18.42 -24.82 -42.26
N LYS D 293 18.77 -24.58 -41.00
CA LYS D 293 20.10 -24.13 -40.63
C LYS D 293 20.94 -25.27 -40.12
N GLY D 294 20.45 -26.50 -40.25
CA GLY D 294 21.20 -27.68 -39.87
C GLY D 294 21.08 -28.04 -38.40
N GLY D 295 22.21 -28.45 -37.82
CA GLY D 295 22.25 -28.97 -36.46
C GLY D 295 23.23 -30.12 -36.26
N ARG D 296 23.26 -30.63 -35.04
CA ARG D 296 24.20 -31.70 -34.68
C ARG D 296 23.96 -33.00 -35.47
N HIS D 297 22.70 -33.23 -35.90
CA HIS D 297 22.38 -34.36 -36.78
C HIS D 297 23.07 -34.32 -38.15
N VAL D 298 23.17 -33.12 -38.72
CA VAL D 298 23.84 -32.93 -39.98
C VAL D 298 25.34 -33.02 -39.75
N ASP D 299 25.82 -32.43 -38.67
CA ASP D 299 27.26 -32.50 -38.33
C ASP D 299 27.71 -33.94 -38.11
N TYR D 300 26.86 -34.70 -37.41
CA TYR D 300 27.14 -36.11 -37.15
C TYR D 300 27.32 -36.93 -38.44
N VAL D 301 26.42 -36.79 -39.41
CA VAL D 301 26.56 -37.60 -40.64
C VAL D 301 27.67 -37.03 -41.54
N ALA D 302 27.68 -35.72 -41.70
CA ALA D 302 28.64 -35.05 -42.57
C ALA D 302 30.09 -35.27 -42.14
N ASP D 303 30.39 -35.05 -40.86
CA ASP D 303 31.76 -35.13 -40.37
C ASP D 303 32.31 -36.55 -40.52
N GLN D 304 31.43 -37.54 -40.37
CA GLN D 304 31.75 -38.95 -40.62
C GLN D 304 32.26 -39.19 -42.05
N ILE D 305 31.57 -38.62 -43.02
CA ILE D 305 31.97 -38.69 -44.40
C ILE D 305 33.27 -37.90 -44.61
N VAL D 306 33.31 -36.67 -44.10
CA VAL D 306 34.47 -35.78 -44.25
C VAL D 306 35.75 -36.47 -43.78
N THR D 307 35.75 -36.93 -42.55
CA THR D 307 36.90 -37.65 -41.97
C THR D 307 37.41 -38.75 -42.89
N LYS D 308 36.50 -39.57 -43.42
CA LYS D 308 36.89 -40.69 -44.28
C LYS D 308 37.45 -40.23 -45.64
N LEU D 309 37.00 -39.09 -46.15
CA LEU D 309 37.50 -38.56 -47.44
C LEU D 309 38.80 -37.80 -47.25
N VAL D 310 38.96 -37.16 -46.10
CA VAL D 310 40.21 -36.49 -45.78
C VAL D 310 41.35 -37.52 -45.75
N ASP D 311 41.12 -38.62 -45.04
CA ASP D 311 42.17 -39.64 -44.87
C ASP D 311 42.57 -40.25 -46.25
N VAL D 312 41.62 -40.40 -47.17
CA VAL D 312 41.93 -40.81 -48.56
C VAL D 312 42.77 -39.75 -49.28
N VAL D 313 42.49 -38.48 -49.00
CA VAL D 313 43.28 -37.37 -49.53
C VAL D 313 44.61 -37.27 -48.68
N LYS D 314 45.16 -38.43 -48.29
CA LYS D 314 46.29 -38.57 -47.36
C LYS D 314 46.27 -37.55 -46.23
N LYS D 324 42.78 -30.59 -45.94
CA LYS D 324 42.11 -29.97 -44.78
C LYS D 324 40.56 -30.11 -44.80
N ALA D 325 40.01 -30.32 -43.60
CA ALA D 325 38.64 -30.83 -43.44
C ALA D 325 37.52 -30.00 -44.09
N HIS D 326 37.49 -28.71 -43.79
CA HIS D 326 36.41 -27.87 -44.28
C HIS D 326 36.41 -27.73 -45.80
N GLN D 327 37.53 -28.01 -46.44
CA GLN D 327 37.64 -27.90 -47.89
C GLN D 327 36.91 -29.04 -48.56
N VAL D 328 37.01 -30.21 -47.95
CA VAL D 328 36.27 -31.41 -48.42
C VAL D 328 34.78 -31.22 -48.15
N LYS D 329 34.47 -30.70 -46.97
CA LYS D 329 33.08 -30.42 -46.59
C LYS D 329 32.45 -29.38 -47.53
N ASN D 330 33.25 -28.44 -48.02
CA ASN D 330 32.74 -27.41 -48.94
C ASN D 330 32.42 -27.91 -50.33
N HIS D 331 32.76 -29.17 -50.62
CA HIS D 331 32.35 -29.82 -51.88
C HIS D 331 31.12 -30.72 -51.73
N MET D 332 30.53 -30.72 -50.53
CA MET D 332 29.40 -31.62 -50.25
C MET D 332 28.02 -30.96 -50.25
N TRP D 333 27.08 -31.62 -50.92
CA TRP D 333 25.65 -31.33 -50.81
C TRP D 333 24.99 -32.53 -50.16
N ILE D 334 24.56 -32.39 -48.92
CA ILE D 334 24.05 -33.53 -48.16
C ILE D 334 22.57 -33.39 -47.76
N PHE D 335 21.86 -34.52 -47.82
CA PHE D 335 20.44 -34.59 -47.53
C PHE D 335 20.26 -35.60 -46.43
N VAL D 336 19.64 -35.19 -45.33
CA VAL D 336 19.49 -36.05 -44.17
C VAL D 336 18.06 -36.02 -43.64
N ASN D 337 17.47 -37.21 -43.49
CA ASN D 337 16.19 -37.37 -42.82
C ASN D 337 16.38 -38.21 -41.56
N ALA D 338 16.05 -37.65 -40.40
CA ALA D 338 16.38 -38.28 -39.13
C ALA D 338 15.21 -38.28 -38.20
N LEU D 339 15.20 -39.35 -37.40
CA LEU D 339 14.32 -39.46 -36.25
C LEU D 339 15.16 -39.41 -34.96
N ILE D 340 14.95 -38.32 -34.22
CA ILE D 340 15.69 -38.03 -32.98
C ILE D 340 14.74 -38.02 -31.78
N GLU D 341 15.22 -38.59 -30.67
CA GLU D 341 14.47 -38.60 -29.43
C GLU D 341 14.63 -37.26 -28.71
N ASN D 342 13.51 -36.62 -28.42
CA ASN D 342 13.48 -35.41 -27.58
C ASN D 342 14.40 -34.29 -28.08
N PRO D 343 14.25 -33.93 -29.36
CA PRO D 343 15.13 -32.92 -29.94
C PRO D 343 14.99 -31.51 -29.31
N THR D 344 16.04 -30.72 -29.42
CA THR D 344 16.11 -29.38 -28.83
C THR D 344 16.58 -28.39 -29.91
N PHE D 345 16.16 -27.13 -29.82
CA PHE D 345 16.46 -26.16 -30.87
C PHE D 345 16.96 -24.82 -30.32
N ASP D 346 17.75 -24.14 -31.16
CA ASP D 346 18.28 -22.77 -31.02
C ASP D 346 17.24 -21.76 -30.66
N SER D 347 16.23 -21.72 -31.50
CA SER D 347 15.27 -20.65 -31.44
C SER D 347 13.95 -21.27 -31.72
N GLN D 348 12.98 -20.38 -31.90
CA GLN D 348 11.57 -20.74 -32.02
C GLN D 348 11.24 -21.27 -33.37
N THR D 349 12.10 -20.99 -34.34
CA THR D 349 11.85 -21.33 -35.72
C THR D 349 12.24 -22.80 -35.96
N LYS D 350 12.96 -23.38 -34.99
CA LYS D 350 13.45 -24.76 -35.02
C LYS D 350 14.26 -25.09 -36.27
N GLU D 351 14.96 -24.10 -36.80
CA GLU D 351 15.80 -24.28 -37.98
C GLU D 351 17.12 -24.96 -37.67
N ASN D 352 17.47 -25.02 -36.39
CA ASN D 352 18.75 -25.57 -35.99
C ASN D 352 18.58 -26.45 -34.79
N MET D 353 18.87 -27.71 -34.96
CA MET D 353 18.66 -28.70 -33.92
C MET D 353 19.97 -28.88 -33.11
N THR D 354 19.89 -28.69 -31.79
CA THR D 354 21.08 -28.60 -30.94
C THR D 354 21.39 -29.80 -30.03
N LEU D 355 20.52 -30.81 -29.99
CA LEU D 355 20.78 -32.00 -29.17
C LEU D 355 22.09 -32.72 -29.56
N GLN D 356 22.85 -33.16 -28.56
CA GLN D 356 24.12 -33.83 -28.83
C GLN D 356 23.91 -35.31 -29.25
N PRO D 357 24.80 -35.82 -30.13
CA PRO D 357 24.65 -37.18 -30.68
C PRO D 357 24.49 -38.31 -29.66
N LYS D 358 25.09 -38.18 -28.48
CA LYS D 358 24.95 -39.22 -27.47
C LYS D 358 23.47 -39.39 -27.05
N SER D 359 22.70 -38.31 -27.07
CA SER D 359 21.28 -38.41 -26.67
C SER D 359 20.29 -38.63 -27.81
N PHE D 360 20.79 -38.91 -29.01
CA PHE D 360 19.92 -39.12 -30.20
C PHE D 360 18.94 -40.29 -30.05
N GLY D 361 19.37 -41.37 -29.39
CA GLY D 361 18.58 -42.62 -29.29
C GLY D 361 18.87 -43.63 -30.38
N SER D 362 19.73 -43.26 -31.32
CA SER D 362 20.20 -44.18 -32.36
C SER D 362 21.56 -43.71 -32.85
N THR D 363 22.23 -44.56 -33.60
CA THR D 363 23.43 -44.17 -34.29
C THR D 363 23.19 -44.20 -35.80
N CYS D 364 24.16 -43.70 -36.56
CA CYS D 364 24.08 -43.67 -38.03
C CYS D 364 25.48 -43.90 -38.61
N GLN D 365 25.96 -45.15 -38.54
CA GLN D 365 27.24 -45.55 -39.16
C GLN D 365 27.01 -45.93 -40.63
N LEU D 366 27.49 -45.08 -41.53
CA LEU D 366 27.31 -45.28 -42.95
C LEU D 366 28.09 -46.51 -43.39
N SER D 367 27.52 -47.26 -44.34
CA SER D 367 28.09 -48.54 -44.80
C SER D 367 29.34 -48.27 -45.57
N GLU D 368 30.18 -49.29 -45.66
CA GLU D 368 31.42 -49.15 -46.43
C GLU D 368 31.12 -48.89 -47.90
N LYS D 369 30.08 -49.54 -48.41
CA LYS D 369 29.60 -49.31 -49.78
C LYS D 369 29.38 -47.83 -50.03
N PHE D 370 28.66 -47.21 -49.10
CA PHE D 370 28.32 -45.79 -49.22
C PHE D 370 29.59 -45.00 -49.25
N ILE D 371 30.43 -45.27 -48.27
CA ILE D 371 31.68 -44.56 -48.21
C ILE D 371 32.48 -44.73 -49.52
N LYS D 372 32.56 -45.96 -50.00
CA LYS D 372 33.31 -46.24 -51.23
C LYS D 372 32.71 -45.49 -52.42
N ALA D 373 31.38 -45.50 -52.54
CA ALA D 373 30.72 -44.77 -53.63
C ALA D 373 31.00 -43.28 -53.51
N ALA D 374 31.06 -42.82 -52.27
CA ALA D 374 31.37 -41.43 -51.93
C ALA D 374 32.78 -41.01 -52.37
N ILE D 375 33.76 -41.92 -52.26
CA ILE D 375 35.12 -41.62 -52.71
C ILE D 375 35.15 -41.46 -54.22
N GLY D 376 34.30 -42.25 -54.91
CA GLY D 376 34.26 -42.31 -56.38
C GLY D 376 33.26 -41.37 -57.01
N CYS D 377 32.53 -40.64 -56.17
CA CYS D 377 31.78 -39.50 -56.63
C CYS D 377 32.94 -38.47 -56.89
N GLY D 378 32.66 -37.31 -57.46
CA GLY D 378 33.77 -36.50 -57.98
C GLY D 378 34.64 -35.80 -56.95
N ILE D 379 34.34 -35.96 -55.66
CA ILE D 379 34.85 -35.04 -54.64
C ILE D 379 36.39 -35.14 -54.50
N VAL D 380 36.91 -36.35 -54.52
CA VAL D 380 38.38 -36.56 -54.59
C VAL D 380 38.84 -36.41 -56.07
N TRP D 386 42.69 -30.16 -57.87
CA TRP D 386 42.71 -28.82 -57.24
C TRP D 386 43.89 -28.60 -56.30
N VAL D 387 44.13 -29.56 -55.42
CA VAL D 387 45.24 -29.41 -54.48
C VAL D 387 46.58 -29.60 -55.22
N LYS D 388 46.59 -30.50 -56.21
CA LYS D 388 47.75 -30.65 -57.09
C LYS D 388 48.03 -29.29 -57.73
N PHE D 389 46.96 -28.69 -58.24
CA PHE D 389 47.05 -27.41 -58.92
C PHE D 389 47.64 -26.28 -58.02
N LYS D 390 47.18 -26.16 -56.78
CA LYS D 390 47.77 -25.16 -55.88
C LYS D 390 49.26 -25.40 -55.58
N ALA D 391 49.71 -26.63 -55.72
CA ALA D 391 51.11 -26.92 -55.45
C ALA D 391 51.94 -26.44 -56.63
N GLN D 392 51.35 -26.53 -57.82
CA GLN D 392 52.01 -26.11 -59.07
C GLN D 392 52.12 -24.61 -59.21
N VAL D 393 51.31 -23.87 -58.46
CA VAL D 393 51.22 -22.42 -58.69
C VAL D 393 52.35 -21.63 -58.03
N GLN D 394 52.85 -20.68 -58.79
CA GLN D 394 53.84 -19.73 -58.32
C GLN D 394 53.23 -18.36 -58.42
N LEU D 395 53.36 -17.57 -57.37
CA LEU D 395 52.84 -16.21 -57.41
C LEU D 395 53.99 -15.25 -57.70
N ASN D 396 53.86 -14.52 -58.79
CA ASN D 396 54.88 -13.56 -59.24
C ASN D 396 54.22 -12.20 -59.42
N LYS D 397 54.97 -11.19 -59.84
CA LYS D 397 54.41 -9.89 -60.04
C LYS D 397 54.06 -9.70 -61.53
#